data_9GST
#
_entry.id   9GST
#
_cell.length_a   1.00
_cell.length_b   1.00
_cell.length_c   1.00
_cell.angle_alpha   90.00
_cell.angle_beta   90.00
_cell.angle_gamma   90.00
#
_symmetry.space_group_name_H-M   'P 1'
#
loop_
_entity.id
_entity.type
_entity.pdbx_description
1 polymer 'Envelope glycoprotein gp160'
2 polymer 'Envelope glycoprotein gp160'
3 polymer 'Heavy chain Fab of antibody LN02-ML85'
4 polymer 'Light chain of antibody LN02-ML85'
5 branched 2-acetamido-2-deoxy-beta-D-glucopyranose-(1-4)-2-acetamido-2-deoxy-beta-D-glucopyranose
6 branched alpha-D-mannopyranose-(1-2)-alpha-D-mannopyranose-(1-3)-beta-D-mannopyranose-(1-4)-2-acetamido-2-deoxy-beta-D-glucopyranose-(1-4)-2-acetamido-2-deoxy-beta-D-glucopyranose
7 branched alpha-D-mannopyranose-(1-3)-[alpha-D-mannopyranose-(1-6)]beta-D-mannopyranose-(1-4)-2-acetamido-2-deoxy-beta-D-glucopyranose-(1-4)-2-acetamido-2-deoxy-beta-D-glucopyranose
8 branched alpha-D-mannopyranose-(1-3)-beta-D-mannopyranose-(1-4)-2-acetamido-2-deoxy-beta-D-glucopyranose-(1-4)-2-acetamido-2-deoxy-beta-D-glucopyranose
9 non-polymer 2-acetamido-2-deoxy-beta-D-glucopyranose
#
loop_
_entity_poly.entity_id
_entity_poly.type
_entity_poly.pdbx_seq_one_letter_code
_entity_poly.pdbx_strand_id
1 'polypeptide(L)'
;AENLWVTVYYGVPVWKDAETTLFCASDAKAYETEKHNVWATHACVPTDPNPQEIHLENVTEEFNMWKNNMVEQMHTDIIS
LWDQSLKPCVKLTPLCVTLQCTNVTNNITDDMRGELKNCSFNMTTELRDKKQKVYSLFYRLDVVQINENQGNRSNNSNKE
YRLINCNTSACTQACPKVSFEPIPIHYCAPAGFAILKCKDKKFNGTGPCPSVSTVQCTHGIKPVVSTQLLLNGSLAEEEV
MIRSENITNNAKNILVQFNTPVQINCTRPNNNTRKSIRIGPGQAFYATGDIIGDIRQAHCNVSKATWNETLGKVVKQLRK
HFGNNTIIRFANSSGGDLEVTTHSFNCGGEFFYCNTSGLFNSTWISNTSVQGSNSTGSNDSITLPCRIKQIINMWQRIGQ
CMYAPPIQGVIRCVSNITGLILTRDGGSTNSTTETFRPGGGDMRDNWRSELYKYKVVKIEPLGVAPTRCKRRVVGRRRRR
R
;
A,C,E
2 'polypeptide(L)'
;AVGIGAVFLGFLGAAGSTMGAASMTLTVQARNLLSGIVQQQSNLLRAPEAQQHLLKLTVWGIKQLQARVLAVERYLRDQQ
LLGIWGCSGKLICCTNVPWNSSWSNRNLSEIWDNMTWLQWDKEISNYTQIIYGLLEESQNQQEKNEQDLLALDDYKDDDD
K
;
B,D,F
3 'polypeptide(L)'
;QAPLPESGPGVVRPTGTLSLTCTAAYGSISRHFWGWVRQSPQGTLEWIAHMHHLGVKYVNPSLKNRVSISMDTSKNQMSL
TLKTVTATDAAKYHCVRMGARMSDIAFFSFGDWGPGSLVTVSSASTKGPSVFPLAPSSKSTSGGTAALGCLVKDYFPEPV
TVSWNSGALTSGVHTFPAVLQSSGLYSLSSVVTVPSSSLGTQTYICNVNHKPSNTKVDKRVEPK
;
H
4 'polypeptide(L)'
;SYVLGQSSSMSVAPGQTAKISCWGYYMGTKPVNWYQLKPGRAPSLIISYDDERASGTPARFSGSHSGSTATLTISNVVPA
DEADYFCQVWDSYYEEIYFGGGTALTVLGQPKAAPSVTLFPPSSEELQANKATLVCLISDFYPGAVTVAWKADSSPVKAG
VETTTPSKQSNNKYAASSYLSLTPEQWKSHRSYSCQVTHEGSTVEKTVAPTECS
;
L
#
loop_
_chem_comp.id
_chem_comp.type
_chem_comp.name
_chem_comp.formula
BMA D-saccharide, beta linking beta-D-mannopyranose 'C6 H12 O6'
MAN D-saccharide, alpha linking alpha-D-mannopyranose 'C6 H12 O6'
NAG D-saccharide, beta linking 2-acetamido-2-deoxy-beta-D-glucopyranose 'C8 H15 N O6'
#
# COMPACT_ATOMS: atom_id res chain seq x y z
N LEU A 4 -0.53 3.47 46.54
CA LEU A 4 -0.85 3.90 45.19
C LEU A 4 -0.81 2.72 44.22
N TRP A 5 -1.62 2.78 43.17
CA TRP A 5 -1.78 1.70 42.22
C TRP A 5 -1.78 2.23 40.80
N VAL A 6 -1.48 1.35 39.84
CA VAL A 6 -1.40 1.76 38.45
C VAL A 6 -2.80 1.83 37.85
N THR A 7 -3.10 2.94 37.19
CA THR A 7 -4.34 3.12 36.46
C THR A 7 -4.02 3.40 35.00
N VAL A 8 -4.79 2.79 34.12
CA VAL A 8 -4.55 2.81 32.69
C VAL A 8 -5.61 3.67 32.03
N TYR A 9 -5.16 4.68 31.29
CA TYR A 9 -6.04 5.61 30.60
C TYR A 9 -5.83 5.50 29.09
N TYR A 10 -6.91 5.31 28.37
CA TYR A 10 -6.87 5.21 26.91
C TYR A 10 -7.55 6.46 26.36
N GLY A 11 -6.80 7.28 25.62
CA GLY A 11 -7.31 8.53 25.13
C GLY A 11 -6.56 9.71 25.72
N VAL A 12 -5.44 9.42 26.36
CA VAL A 12 -4.57 10.46 26.91
C VAL A 12 -3.97 11.27 25.76
N PRO A 13 -3.87 12.60 25.87
CA PRO A 13 -3.34 13.43 24.78
C PRO A 13 -1.82 13.53 24.75
N VAL A 14 -1.18 12.53 24.17
CA VAL A 14 0.27 12.47 24.09
C VAL A 14 0.69 12.19 22.65
N TRP A 15 1.71 12.91 22.20
CA TRP A 15 2.29 12.70 20.88
C TRP A 15 3.81 12.70 20.99
N LYS A 16 4.44 12.05 20.02
CA LYS A 16 5.88 12.16 19.83
C LYS A 16 6.15 12.56 18.39
N ASP A 17 7.36 13.06 18.15
CA ASP A 17 7.78 13.31 16.78
C ASP A 17 7.96 11.98 16.05
N ALA A 18 7.42 11.90 14.84
CA ALA A 18 7.49 10.66 14.09
C ALA A 18 7.42 10.95 12.61
N GLU A 19 7.93 10.02 11.81
CA GLU A 19 7.88 10.11 10.36
C GLU A 19 7.00 9.01 9.82
N THR A 20 6.04 9.37 8.98
CA THR A 20 5.11 8.43 8.39
C THR A 20 4.97 8.76 6.92
N THR A 21 3.97 8.19 6.28
CA THR A 21 3.71 8.39 4.87
C THR A 21 2.37 9.10 4.73
N LEU A 22 2.40 10.42 4.75
CA LEU A 22 1.20 11.20 4.47
C LEU A 22 0.76 10.99 3.03
N PHE A 23 -0.54 11.11 2.80
CA PHE A 23 -1.09 10.83 1.48
C PHE A 23 -1.75 12.06 0.87
N CYS A 24 -2.26 11.87 -0.34
CA CYS A 24 -2.79 12.92 -1.20
C CYS A 24 -4.05 13.54 -0.60
N ALA A 25 -4.38 14.72 -1.13
CA ALA A 25 -5.72 15.30 -0.97
C ALA A 25 -5.84 16.43 -1.97
N SER A 26 -6.76 16.29 -2.92
CA SER A 26 -7.03 17.32 -3.91
C SER A 26 -8.43 17.88 -3.71
N ASP A 27 -8.83 18.77 -4.60
CA ASP A 27 -10.13 19.42 -4.52
C ASP A 27 -10.80 19.43 -5.89
N ALA A 28 -10.76 18.31 -6.59
CA ALA A 28 -11.36 18.21 -7.93
C ALA A 28 -12.88 18.22 -7.86
N VAL A 38 -4.03 16.90 -17.22
CA VAL A 38 -4.41 15.56 -16.80
C VAL A 38 -3.30 14.94 -15.98
N TRP A 39 -3.13 15.40 -14.75
CA TRP A 39 -2.09 14.90 -13.87
C TRP A 39 -2.67 13.87 -12.90
N ALA A 40 -1.87 13.49 -11.90
CA ALA A 40 -2.24 12.45 -10.95
C ALA A 40 -3.07 13.00 -9.79
N THR A 41 -4.13 13.73 -10.10
CA THR A 41 -5.07 14.22 -9.11
C THR A 41 -6.29 13.31 -8.97
N HIS A 42 -6.43 12.33 -9.84
CA HIS A 42 -7.54 11.39 -9.75
C HIS A 42 -7.25 10.24 -8.80
N ALA A 43 -6.00 9.77 -8.77
CA ALA A 43 -5.60 8.75 -7.79
C ALA A 43 -5.14 9.42 -6.51
N CYS A 44 -5.96 10.32 -5.98
CA CYS A 44 -5.64 11.04 -4.75
C CYS A 44 -6.97 11.37 -4.08
N VAL A 45 -7.18 10.83 -2.87
CA VAL A 45 -8.40 11.00 -2.10
C VAL A 45 -8.82 12.47 -2.09
N PRO A 46 -10.07 12.81 -2.38
CA PRO A 46 -10.46 14.22 -2.41
C PRO A 46 -10.78 14.79 -1.04
N THR A 47 -10.68 16.12 -0.96
CA THR A 47 -10.66 16.76 0.35
C THR A 47 -12.03 16.73 1.00
N ASP A 48 -12.02 16.94 2.32
CA ASP A 48 -13.21 16.97 3.13
C ASP A 48 -13.97 18.29 2.94
N PRO A 49 -15.27 18.31 3.25
CA PRO A 49 -16.06 19.53 3.03
C PRO A 49 -15.48 20.77 3.70
N ASN A 50 -14.99 20.64 4.93
CA ASN A 50 -14.41 21.77 5.62
C ASN A 50 -13.37 21.27 6.61
N PRO A 51 -12.17 21.84 6.60
CA PRO A 51 -11.08 21.29 7.41
C PRO A 51 -11.38 21.36 8.89
N GLN A 52 -10.97 20.32 9.60
CA GLN A 52 -11.27 20.16 11.02
C GLN A 52 -10.01 20.54 11.79
N GLU A 53 -9.94 21.79 12.23
CA GLU A 53 -8.76 22.32 12.88
C GLU A 53 -9.07 22.60 14.35
N ILE A 54 -8.20 22.12 15.24
CA ILE A 54 -8.42 22.34 16.67
C ILE A 54 -7.23 23.07 17.25
N HIS A 55 -7.48 23.94 18.22
CA HIS A 55 -6.46 24.82 18.76
C HIS A 55 -5.97 24.24 20.09
N LEU A 56 -4.70 23.90 20.15
CA LEU A 56 -4.14 23.37 21.39
C LEU A 56 -3.82 24.55 22.30
N GLU A 57 -4.63 24.75 23.31
CA GLU A 57 -4.48 25.94 24.15
C GLU A 57 -3.29 25.79 25.09
N ASN A 58 -2.42 26.73 25.14
CA ASN A 58 -1.27 26.72 26.03
C ASN A 58 -0.21 25.66 25.84
N VAL A 59 -0.03 25.23 24.62
CA VAL A 59 0.99 24.22 24.36
C VAL A 59 2.08 24.84 23.50
N THR A 60 3.33 24.54 23.84
CA THR A 60 4.49 25.07 23.11
C THR A 60 5.28 23.89 22.56
N GLU A 61 5.23 23.71 21.24
CA GLU A 61 5.88 22.61 20.57
C GLU A 61 7.14 23.10 19.84
N GLU A 62 8.12 22.22 19.74
CA GLU A 62 9.39 22.52 19.09
C GLU A 62 9.34 22.10 17.63
N PHE A 63 9.45 23.06 16.74
CA PHE A 63 9.49 22.83 15.30
C PHE A 63 10.91 23.01 14.78
N ASN A 64 11.18 22.41 13.62
CA ASN A 64 12.45 22.60 12.93
C ASN A 64 12.19 22.42 11.44
N MET A 65 12.04 23.53 10.73
CA MET A 65 11.78 23.54 9.29
C MET A 65 12.86 22.85 8.48
N TRP A 66 14.07 22.70 9.02
CA TRP A 66 15.21 22.21 8.27
C TRP A 66 15.45 20.72 8.42
N LYS A 67 14.80 20.06 9.37
CA LYS A 67 14.87 18.61 9.50
C LYS A 67 13.50 17.97 9.30
N ASN A 68 12.67 18.57 8.45
CA ASN A 68 11.33 18.06 8.23
C ASN A 68 11.35 16.94 7.21
N ASN A 69 10.58 15.88 7.48
CA ASN A 69 10.47 14.76 6.55
C ASN A 69 9.38 14.97 5.51
N MET A 70 8.44 15.87 5.77
CA MET A 70 7.44 16.21 4.76
C MET A 70 8.07 16.79 3.51
N VAL A 71 9.13 17.58 3.66
CA VAL A 71 9.80 18.15 2.49
C VAL A 71 10.38 17.04 1.63
N GLU A 72 11.03 16.07 2.26
CA GLU A 72 11.65 15.00 1.49
C GLU A 72 10.61 14.10 0.86
N GLN A 73 9.52 13.80 1.56
CA GLN A 73 8.49 12.98 0.95
C GLN A 73 7.79 13.71 -0.19
N MET A 74 7.58 15.02 -0.06
CA MET A 74 7.02 15.78 -1.17
C MET A 74 7.96 15.76 -2.36
N HIS A 75 9.27 15.87 -2.10
CA HIS A 75 10.25 15.77 -3.17
C HIS A 75 10.13 14.46 -3.91
N THR A 76 10.16 13.34 -3.17
CA THR A 76 10.06 12.03 -3.80
C THR A 76 8.74 11.85 -4.52
N ASP A 77 7.63 12.30 -3.93
CA ASP A 77 6.33 12.17 -4.56
C ASP A 77 6.26 12.95 -5.86
N ILE A 78 6.81 14.16 -5.89
CA ILE A 78 6.75 14.97 -7.10
C ILE A 78 7.64 14.37 -8.19
N ILE A 79 8.82 13.87 -7.82
CA ILE A 79 9.62 13.17 -8.83
C ILE A 79 8.90 11.94 -9.35
N SER A 80 8.24 11.20 -8.47
CA SER A 80 7.53 10.01 -8.91
C SER A 80 6.36 10.36 -9.83
N LEU A 81 5.64 11.43 -9.52
CA LEU A 81 4.54 11.86 -10.39
C LEU A 81 5.06 12.30 -11.74
N TRP A 82 6.15 13.06 -11.76
CA TRP A 82 6.72 13.53 -13.01
C TRP A 82 7.23 12.37 -13.86
N ASP A 83 7.89 11.40 -13.23
CA ASP A 83 8.37 10.24 -13.98
C ASP A 83 7.22 9.38 -14.47
N GLN A 84 6.15 9.26 -13.68
CA GLN A 84 5.01 8.47 -14.11
C GLN A 84 4.33 9.08 -15.33
N SER A 85 4.32 10.40 -15.43
CA SER A 85 3.65 11.05 -16.54
C SER A 85 4.48 11.08 -17.81
N LEU A 86 5.73 10.82 -17.72
CA LEU A 86 6.55 10.86 -18.87
C LEU A 86 6.89 9.44 -19.15
N LYS A 87 5.94 8.52 -19.08
CA LYS A 87 6.17 7.13 -19.44
C LYS A 87 5.47 6.74 -20.71
N PRO A 88 4.16 6.85 -20.76
CA PRO A 88 3.45 6.55 -22.02
C PRO A 88 3.76 7.49 -23.16
N CYS A 89 4.77 8.34 -23.05
CA CYS A 89 5.03 9.37 -24.03
C CYS A 89 6.14 8.96 -25.00
N VAL A 90 6.21 9.67 -26.12
CA VAL A 90 7.11 9.30 -27.22
C VAL A 90 8.56 9.49 -26.76
N LYS A 91 9.40 8.51 -27.07
CA LYS A 91 10.81 8.55 -26.73
C LYS A 91 11.60 8.95 -27.98
N LEU A 92 12.18 10.14 -27.95
CA LEU A 92 12.78 10.74 -29.15
C LEU A 92 14.19 10.19 -29.38
N THR A 93 14.28 8.87 -29.42
CA THR A 93 15.54 8.23 -29.83
C THR A 93 15.97 8.62 -31.24
N PRO A 94 15.09 8.65 -32.25
CA PRO A 94 15.55 9.02 -33.60
C PRO A 94 16.08 10.43 -33.71
N LEU A 95 15.74 11.32 -32.79
CA LEU A 95 16.16 12.71 -32.91
C LEU A 95 17.67 12.88 -32.81
N CYS A 96 18.38 11.87 -32.34
CA CYS A 96 19.84 11.92 -32.23
C CYS A 96 20.44 11.66 -33.60
N VAL A 97 20.37 12.68 -34.45
CA VAL A 97 20.92 12.64 -35.79
C VAL A 97 21.81 13.86 -35.98
N THR A 98 22.51 13.89 -37.11
CA THR A 98 23.35 15.02 -37.46
C THR A 98 22.50 16.09 -38.13
N LEU A 99 22.38 17.24 -37.49
CA LEU A 99 21.55 18.33 -37.98
C LEU A 99 22.40 19.30 -38.77
N GLN A 100 21.92 19.68 -39.95
CA GLN A 100 22.56 20.73 -40.75
C GLN A 100 21.78 22.01 -40.48
N CYS A 101 22.42 22.95 -39.79
CA CYS A 101 21.73 24.13 -39.30
C CYS A 101 22.30 25.41 -39.88
N THR A 102 21.42 26.38 -40.12
CA THR A 102 21.77 27.75 -40.48
C THR A 102 21.15 28.70 -39.48
N ASN A 103 21.43 29.98 -39.65
CA ASN A 103 20.89 31.02 -38.78
C ASN A 103 19.51 31.44 -39.27
N VAL A 104 18.81 32.20 -38.43
CA VAL A 104 17.41 32.50 -38.66
C VAL A 104 17.24 34.01 -38.86
N THR A 105 18.21 34.66 -39.48
CA THR A 105 18.24 36.12 -39.56
C THR A 105 17.11 36.60 -40.48
N ASN A 106 15.88 36.53 -39.95
CA ASN A 106 14.70 37.10 -40.60
C ASN A 106 13.87 37.74 -39.49
N ASN A 107 13.70 39.07 -39.54
CA ASN A 107 13.11 39.80 -38.42
C ASN A 107 13.84 39.55 -37.10
N ILE A 108 15.16 39.58 -37.13
CA ILE A 108 15.94 39.55 -35.91
C ILE A 108 16.01 40.96 -35.35
N THR A 109 15.92 41.08 -34.03
CA THR A 109 15.83 42.40 -33.40
C THR A 109 17.08 42.71 -32.59
N ASP A 110 18.25 42.44 -33.16
CA ASP A 110 19.52 42.98 -32.65
C ASP A 110 19.89 42.35 -31.32
N ASP A 111 19.03 41.48 -30.81
CA ASP A 111 19.21 40.90 -29.49
C ASP A 111 18.94 39.41 -29.50
N MET A 112 17.91 38.96 -30.23
CA MET A 112 17.79 37.55 -30.57
C MET A 112 18.42 37.27 -31.94
N ARG A 113 19.69 37.66 -32.07
CA ARG A 113 20.52 37.14 -33.15
C ARG A 113 21.26 35.94 -32.60
N GLY A 114 21.32 34.89 -33.41
CA GLY A 114 22.08 33.71 -33.06
C GLY A 114 21.40 32.76 -32.11
N GLU A 115 20.31 33.17 -31.47
CA GLU A 115 19.75 32.34 -30.41
C GLU A 115 18.91 31.21 -31.00
N LEU A 116 18.26 31.48 -32.13
CA LEU A 116 17.52 30.45 -32.86
C LEU A 116 18.37 29.89 -34.00
N LYS A 117 18.11 28.64 -34.35
CA LYS A 117 18.78 27.98 -35.45
C LYS A 117 17.76 27.18 -36.25
N ASN A 118 18.01 27.06 -37.55
CA ASN A 118 17.13 26.37 -38.49
C ASN A 118 17.86 25.11 -38.93
N CYS A 119 17.41 23.96 -38.44
CA CYS A 119 18.12 22.70 -38.63
C CYS A 119 17.30 21.75 -39.49
N SER A 120 17.92 21.23 -40.53
CA SER A 120 17.34 20.20 -41.39
C SER A 120 18.04 18.89 -41.12
N PHE A 121 17.27 17.79 -41.14
CA PHE A 121 17.79 16.50 -40.77
C PHE A 121 16.89 15.41 -41.32
N ASN A 122 17.45 14.21 -41.46
CA ASN A 122 16.73 13.05 -41.91
C ASN A 122 16.19 12.28 -40.71
N MET A 123 14.89 11.98 -40.72
CA MET A 123 14.32 11.22 -39.63
C MET A 123 13.51 10.07 -40.20
N THR A 124 13.27 9.08 -39.34
CA THR A 124 12.52 7.89 -39.71
C THR A 124 11.08 8.25 -40.04
N THR A 125 10.44 7.38 -40.82
CA THR A 125 9.05 7.57 -41.11
C THR A 125 8.30 6.42 -40.52
N GLU A 126 7.08 6.21 -40.92
CA GLU A 126 6.28 5.15 -40.39
C GLU A 126 6.63 3.88 -41.05
N LEU A 127 7.33 3.97 -42.14
CA LEU A 127 7.78 2.80 -42.84
C LEU A 127 9.27 2.73 -42.54
N ARG A 128 9.82 1.54 -42.37
CA ARG A 128 11.15 1.37 -41.81
C ARG A 128 12.24 1.57 -42.84
N ASP A 129 11.92 1.44 -44.12
CA ASP A 129 12.90 1.60 -45.18
C ASP A 129 12.89 2.99 -45.82
N LYS A 130 12.04 3.89 -45.36
CA LYS A 130 11.95 5.24 -45.91
C LYS A 130 12.32 6.26 -44.85
N LYS A 131 12.93 7.35 -45.31
CA LYS A 131 13.32 8.45 -44.45
C LYS A 131 12.78 9.74 -45.04
N GLN A 132 12.56 10.72 -44.16
CA GLN A 132 12.04 12.02 -44.58
C GLN A 132 13.01 13.10 -44.16
N LYS A 133 13.25 14.06 -45.05
CA LYS A 133 14.09 15.20 -44.73
C LYS A 133 13.18 16.30 -44.20
N VAL A 134 13.29 16.58 -42.90
CA VAL A 134 12.43 17.55 -42.24
C VAL A 134 13.28 18.66 -41.67
N TYR A 135 12.63 19.71 -41.18
CA TYR A 135 13.34 20.85 -40.60
C TYR A 135 12.60 21.31 -39.36
N SER A 136 13.36 21.91 -38.45
CA SER A 136 12.81 22.42 -37.21
C SER A 136 13.68 23.56 -36.70
N LEU A 137 13.07 24.43 -35.90
CA LEU A 137 13.78 25.53 -35.27
C LEU A 137 14.17 25.13 -33.87
N PHE A 138 15.46 25.18 -33.57
CA PHE A 138 15.97 24.81 -32.26
C PHE A 138 16.71 25.99 -31.65
N TYR A 139 16.57 26.14 -30.34
CA TYR A 139 17.28 27.20 -29.64
C TYR A 139 18.75 26.84 -29.51
N ARG A 140 19.59 27.87 -29.42
CA ARG A 140 21.03 27.68 -29.27
C ARG A 140 21.38 26.93 -28.00
N LEU A 141 20.57 27.02 -26.96
CA LEU A 141 20.88 26.31 -25.73
C LEU A 141 20.71 24.81 -25.85
N ASP A 142 20.16 24.32 -26.96
CA ASP A 142 19.86 22.91 -27.13
C ASP A 142 20.68 22.25 -28.23
N VAL A 143 21.62 22.95 -28.85
CA VAL A 143 22.45 22.37 -29.89
C VAL A 143 23.92 22.55 -29.50
N VAL A 144 24.74 21.65 -30.04
CA VAL A 144 26.19 21.75 -29.89
C VAL A 144 26.83 21.27 -31.19
N GLN A 145 27.91 21.94 -31.58
CA GLN A 145 28.62 21.56 -32.79
C GLN A 145 29.31 20.22 -32.59
N ILE A 146 29.49 19.48 -33.69
CA ILE A 146 30.24 18.23 -33.66
C ILE A 146 31.46 18.30 -34.57
N ASN A 147 31.78 19.50 -35.06
CA ASN A 147 32.89 19.77 -35.99
C ASN A 147 33.23 18.61 -36.93
N LYS A 159 29.06 23.49 -39.74
CA LYS A 159 27.63 23.72 -39.64
C LYS A 159 26.89 22.43 -39.34
N GLU A 160 27.58 21.51 -38.67
CA GLU A 160 27.01 20.23 -38.25
C GLU A 160 26.74 20.31 -36.76
N TYR A 161 25.52 19.98 -36.36
CA TYR A 161 25.02 20.16 -35.01
C TYR A 161 24.39 18.88 -34.50
N ARG A 162 24.29 18.77 -33.18
CA ARG A 162 23.60 17.66 -32.55
C ARG A 162 22.93 18.19 -31.29
N LEU A 163 21.86 17.52 -30.89
CA LEU A 163 21.15 17.90 -29.69
C LEU A 163 22.04 17.72 -28.48
N ILE A 164 21.89 18.62 -27.50
CA ILE A 164 22.79 18.63 -26.36
C ILE A 164 22.66 17.37 -25.53
N ASN A 165 21.57 16.63 -25.67
CA ASN A 165 21.33 15.44 -24.89
C ASN A 165 21.84 14.17 -25.55
N CYS A 166 22.17 14.19 -26.83
CA CYS A 166 22.51 12.95 -27.52
C CYS A 166 23.95 12.55 -27.26
N ASN A 167 24.39 12.68 -26.02
CA ASN A 167 25.63 12.11 -25.50
C ASN A 167 25.56 11.81 -24.04
N THR A 168 24.39 11.89 -23.49
CA THR A 168 24.11 11.44 -22.14
C THR A 168 22.84 10.64 -22.00
N SER A 169 21.79 10.94 -22.76
CA SER A 169 20.55 10.18 -22.71
C SER A 169 19.63 10.64 -23.82
N ALA A 170 18.68 9.79 -24.17
CA ALA A 170 17.66 10.14 -25.15
C ALA A 170 16.44 10.69 -24.45
N CYS A 171 15.88 11.76 -25.02
CA CYS A 171 14.85 12.54 -24.37
C CYS A 171 13.47 11.98 -24.63
N THR A 172 12.63 12.03 -23.61
CA THR A 172 11.24 11.60 -23.71
C THR A 172 10.37 12.83 -23.95
N GLN A 173 9.63 12.82 -25.05
CA GLN A 173 8.81 13.97 -25.40
C GLN A 173 7.59 14.05 -24.51
N ALA A 174 7.37 15.22 -23.91
CA ALA A 174 6.19 15.40 -23.09
C ALA A 174 4.94 15.33 -23.93
N CYS A 175 3.95 14.58 -23.46
CA CYS A 175 2.70 14.42 -24.18
C CYS A 175 1.94 15.73 -24.19
N PRO A 176 1.52 16.23 -25.36
CA PRO A 176 0.85 17.55 -25.39
C PRO A 176 -0.42 17.61 -24.57
N LYS A 177 -1.06 16.47 -24.29
CA LYS A 177 -2.30 16.48 -23.54
C LYS A 177 -2.10 16.91 -22.10
N VAL A 178 -0.97 16.55 -21.49
CA VAL A 178 -0.78 16.80 -20.06
C VAL A 178 -0.52 18.28 -19.85
N SER A 179 -0.82 18.78 -18.67
CA SER A 179 -0.63 20.17 -18.32
C SER A 179 0.31 20.27 -17.13
N PHE A 180 1.24 21.22 -17.20
CA PHE A 180 2.20 21.44 -16.14
C PHE A 180 1.69 22.41 -15.09
N GLU A 181 0.48 22.95 -15.26
CA GLU A 181 -0.03 23.91 -14.31
C GLU A 181 -0.13 23.26 -12.95
N PRO A 182 0.54 23.80 -11.93
CA PRO A 182 0.56 23.14 -10.62
C PRO A 182 -0.80 23.20 -9.97
N ILE A 183 -1.40 22.03 -9.76
CA ILE A 183 -2.66 21.94 -9.02
C ILE A 183 -2.30 21.90 -7.54
N PRO A 184 -3.09 22.49 -6.66
CA PRO A 184 -2.80 22.39 -5.23
C PRO A 184 -2.97 20.97 -4.73
N ILE A 185 -2.13 20.59 -3.77
CA ILE A 185 -2.23 19.28 -3.13
C ILE A 185 -2.13 19.48 -1.62
N HIS A 186 -2.95 18.74 -0.88
CA HIS A 186 -2.92 18.73 0.57
C HIS A 186 -2.33 17.42 1.06
N TYR A 187 -1.57 17.49 2.15
CA TYR A 187 -0.99 16.31 2.76
C TYR A 187 -1.73 16.00 4.05
N CYS A 188 -2.28 14.80 4.13
CA CYS A 188 -3.06 14.35 5.28
C CYS A 188 -2.32 13.23 5.98
N ALA A 189 -2.29 13.28 7.30
CA ALA A 189 -1.67 12.24 8.11
C ALA A 189 -2.61 11.05 8.23
N PRO A 190 -2.07 9.83 8.19
CA PRO A 190 -2.92 8.64 8.33
C PRO A 190 -3.50 8.51 9.73
N ALA A 191 -4.33 7.48 9.94
CA ALA A 191 -4.97 7.30 11.23
C ALA A 191 -3.94 6.97 12.29
N GLY A 192 -4.09 7.60 13.46
CA GLY A 192 -3.11 7.50 14.50
C GLY A 192 -2.02 8.54 14.45
N PHE A 193 -2.05 9.44 13.48
CA PHE A 193 -1.05 10.48 13.34
C PHE A 193 -1.75 11.82 13.23
N ALA A 194 -0.99 12.89 13.48
CA ALA A 194 -1.53 14.24 13.42
C ALA A 194 -0.49 15.17 12.85
N ILE A 195 -0.96 16.34 12.39
CA ILE A 195 -0.10 17.39 11.87
C ILE A 195 -0.27 18.62 12.76
N LEU A 196 0.84 19.17 13.22
CA LEU A 196 0.83 20.33 14.10
C LEU A 196 1.17 21.57 13.28
N LYS A 197 0.20 22.47 13.16
CA LYS A 197 0.41 23.76 12.52
C LYS A 197 0.85 24.79 13.56
N CYS A 198 1.85 25.59 13.20
CA CYS A 198 2.34 26.66 14.06
C CYS A 198 1.78 27.98 13.54
N LYS A 199 0.88 28.58 14.30
CA LYS A 199 0.18 29.79 13.89
C LYS A 199 0.85 31.05 14.40
N ASP A 200 2.09 30.95 14.90
CA ASP A 200 2.79 32.13 15.39
C ASP A 200 3.19 33.02 14.22
N LYS A 201 2.79 34.28 14.27
CA LYS A 201 3.07 35.20 13.18
C LYS A 201 4.56 35.44 13.03
N LYS A 202 5.30 35.41 14.13
CA LYS A 202 6.73 35.73 14.13
C LYS A 202 7.58 34.48 14.29
N PHE A 203 7.17 33.37 13.70
CA PHE A 203 7.90 32.11 13.81
C PHE A 203 9.02 32.07 12.79
N ASN A 204 10.26 32.04 13.27
CA ASN A 204 11.41 31.94 12.39
C ASN A 204 11.40 30.62 11.64
N GLY A 205 11.15 29.51 12.32
CA GLY A 205 11.17 28.20 11.69
C GLY A 205 11.91 27.15 12.46
N THR A 206 12.68 27.52 13.48
CA THR A 206 13.30 26.58 14.40
C THR A 206 12.98 27.03 15.82
N GLY A 207 12.84 26.05 16.70
CA GLY A 207 12.59 26.35 18.09
C GLY A 207 11.13 26.24 18.47
N PRO A 208 10.75 26.85 19.59
CA PRO A 208 9.40 26.65 20.11
C PRO A 208 8.37 27.62 19.54
N CYS A 209 7.17 27.12 19.28
CA CYS A 209 6.11 27.92 18.69
C CYS A 209 4.96 28.00 19.67
N PRO A 210 4.77 29.10 20.38
CA PRO A 210 3.74 29.12 21.43
C PRO A 210 2.35 29.46 20.92
N SER A 211 1.96 28.89 19.78
CA SER A 211 0.56 28.92 19.34
C SER A 211 0.40 27.81 18.32
N VAL A 212 -0.18 26.69 18.74
CA VAL A 212 -0.22 25.50 17.92
C VAL A 212 -1.66 25.05 17.71
N SER A 213 -1.88 24.46 16.54
CA SER A 213 -3.14 23.82 16.23
C SER A 213 -2.84 22.44 15.66
N THR A 214 -3.84 21.59 15.70
CA THR A 214 -3.79 20.27 15.10
C THR A 214 -4.71 20.26 13.91
N VAL A 215 -4.19 19.82 12.76
CA VAL A 215 -4.96 19.73 11.54
C VAL A 215 -4.84 18.32 10.99
N GLN A 216 -5.88 17.89 10.26
CA GLN A 216 -5.83 16.59 9.60
C GLN A 216 -5.02 16.67 8.31
N CYS A 217 -5.20 17.75 7.55
CA CYS A 217 -4.53 17.95 6.27
C CYS A 217 -3.96 19.35 6.21
N THR A 218 -2.85 19.50 5.50
CA THR A 218 -2.28 20.81 5.26
C THR A 218 -3.15 21.59 4.28
N HIS A 219 -2.92 22.90 4.23
CA HIS A 219 -3.54 23.70 3.19
C HIS A 219 -2.93 23.34 1.83
N GLY A 220 -3.55 23.86 0.78
CA GLY A 220 -3.07 23.58 -0.56
C GLY A 220 -1.66 24.07 -0.81
N ILE A 221 -0.80 23.17 -1.28
CA ILE A 221 0.58 23.50 -1.62
C ILE A 221 0.75 23.28 -3.11
N LYS A 222 0.96 24.35 -3.85
CA LYS A 222 1.21 24.23 -5.27
C LYS A 222 2.64 23.79 -5.50
N PRO A 223 2.88 22.70 -6.23
CA PRO A 223 4.25 22.26 -6.51
C PRO A 223 4.94 23.12 -7.56
N VAL A 224 5.06 24.41 -7.25
CA VAL A 224 5.71 25.34 -8.17
C VAL A 224 7.21 25.07 -8.17
N VAL A 225 7.81 25.00 -9.35
CA VAL A 225 9.25 24.80 -9.50
C VAL A 225 9.86 26.09 -10.01
N SER A 226 10.76 26.66 -9.21
CA SER A 226 11.46 27.89 -9.55
C SER A 226 12.78 27.86 -8.81
N THR A 227 13.72 28.69 -9.25
CA THR A 227 15.08 28.63 -8.71
C THR A 227 15.43 29.80 -7.81
N GLN A 228 15.34 31.04 -8.29
CA GLN A 228 15.78 32.17 -7.48
C GLN A 228 14.65 32.91 -6.82
N LEU A 229 13.52 33.08 -7.51
CA LEU A 229 12.37 33.80 -7.02
C LEU A 229 11.25 32.81 -6.76
N LEU A 230 10.79 32.72 -5.52
CA LEU A 230 9.67 31.84 -5.19
C LEU A 230 8.40 32.47 -5.74
N LEU A 231 7.62 31.68 -6.47
CA LEU A 231 6.46 32.20 -7.17
C LEU A 231 5.18 31.55 -6.67
N ASN A 232 4.11 32.35 -6.66
CA ASN A 232 2.76 31.87 -6.38
C ASN A 232 2.67 31.18 -5.01
N GLY A 233 3.43 31.68 -4.06
CA GLY A 233 3.51 31.07 -2.74
C GLY A 233 2.62 31.72 -1.71
N SER A 234 2.89 31.42 -0.45
CA SER A 234 2.13 31.92 0.67
C SER A 234 2.83 33.13 1.28
N LEU A 235 2.07 34.18 1.53
CA LEU A 235 2.62 35.43 2.01
C LEU A 235 2.74 35.44 3.53
N ALA A 236 3.78 36.10 4.02
CA ALA A 236 3.91 36.33 5.44
C ALA A 236 2.91 37.38 5.89
N GLU A 237 2.73 37.51 7.20
CA GLU A 237 1.77 38.45 7.76
C GLU A 237 2.50 39.54 8.52
N GLU A 238 2.27 40.78 8.12
CA GLU A 238 2.67 41.99 8.85
C GLU A 238 4.16 42.31 8.80
N GLU A 239 4.98 41.41 8.25
CA GLU A 239 6.39 41.73 8.09
C GLU A 239 7.05 40.70 7.19
N VAL A 240 8.16 41.10 6.58
CA VAL A 240 8.98 40.20 5.79
C VAL A 240 9.75 39.30 6.72
N MET A 241 9.83 38.02 6.40
CA MET A 241 10.44 37.04 7.29
C MET A 241 11.72 36.50 6.67
N ILE A 242 12.78 36.49 7.46
CA ILE A 242 14.06 35.92 7.06
C ILE A 242 14.26 34.61 7.83
N ARG A 243 14.58 33.54 7.11
CA ARG A 243 14.66 32.21 7.69
C ARG A 243 15.95 31.57 7.21
N SER A 244 16.60 30.78 8.07
CA SER A 244 17.85 30.14 7.70
C SER A 244 18.22 29.09 8.73
N GLU A 245 18.96 28.09 8.27
CA GLU A 245 19.39 27.03 9.18
C GLU A 245 20.45 27.55 10.15
N ASN A 246 21.40 28.31 9.65
CA ASN A 246 22.45 28.91 10.46
C ASN A 246 22.83 30.23 9.80
N ILE A 247 22.41 31.34 10.40
CA ILE A 247 22.54 32.63 9.77
C ILE A 247 24.00 33.00 9.59
N THR A 248 24.86 32.61 10.53
CA THR A 248 26.28 32.92 10.46
C THR A 248 27.05 31.98 9.54
N ASN A 249 26.41 30.94 9.01
CA ASN A 249 27.04 30.04 8.06
C ASN A 249 26.72 30.49 6.66
N ASN A 250 27.74 30.85 5.89
CA ASN A 250 27.54 31.35 4.55
C ASN A 250 27.15 30.26 3.56
N ALA A 251 27.32 28.99 3.94
CA ALA A 251 26.95 27.89 3.06
C ALA A 251 25.47 27.55 3.12
N LYS A 252 24.72 28.16 4.04
CA LYS A 252 23.31 27.86 4.21
C LYS A 252 22.47 28.97 3.57
N ASN A 253 21.50 28.59 2.76
CA ASN A 253 20.70 29.56 2.05
C ASN A 253 19.77 30.31 2.99
N ILE A 254 19.39 31.51 2.59
CA ILE A 254 18.50 32.37 3.34
C ILE A 254 17.18 32.47 2.58
N LEU A 255 16.10 32.11 3.24
CA LEU A 255 14.76 32.12 2.64
C LEU A 255 14.07 33.40 3.08
N VAL A 256 13.68 34.21 2.11
CA VAL A 256 12.96 35.44 2.39
C VAL A 256 11.51 35.26 1.97
N GLN A 257 10.58 35.47 2.90
CA GLN A 257 9.16 35.39 2.63
C GLN A 257 8.57 36.78 2.72
N PHE A 258 7.96 37.23 1.62
CA PHE A 258 7.41 38.56 1.51
C PHE A 258 6.07 38.64 2.23
N ASN A 259 5.62 39.85 2.50
CA ASN A 259 4.29 40.07 3.03
C ASN A 259 3.34 40.63 1.99
N THR A 260 3.86 41.38 1.01
CA THR A 260 3.08 41.86 -0.11
C THR A 260 3.68 41.29 -1.38
N PRO A 261 2.90 40.67 -2.26
CA PRO A 261 3.48 40.05 -3.44
C PRO A 261 4.04 41.09 -4.40
N VAL A 262 5.07 40.71 -5.13
CA VAL A 262 5.61 41.55 -6.20
C VAL A 262 5.23 40.92 -7.52
N GLN A 263 4.35 41.58 -8.27
CA GLN A 263 3.78 40.99 -9.47
C GLN A 263 4.80 41.00 -10.61
N ILE A 264 4.87 39.88 -11.33
CA ILE A 264 5.82 39.73 -12.43
C ILE A 264 5.08 39.21 -13.65
N ASN A 265 5.33 39.83 -14.81
CA ASN A 265 4.63 39.51 -16.05
C ASN A 265 5.63 38.95 -17.05
N CYS A 266 5.46 37.70 -17.46
CA CYS A 266 6.41 37.08 -18.38
C CYS A 266 5.72 36.74 -19.69
N THR A 267 6.40 37.02 -20.80
CA THR A 267 5.82 36.80 -22.11
C THR A 267 6.87 36.30 -23.10
N ARG A 268 6.39 35.53 -24.07
CA ARG A 268 7.15 35.18 -25.26
C ARG A 268 6.50 35.83 -26.47
N PRO A 269 7.02 36.96 -26.96
CA PRO A 269 6.34 37.66 -28.05
C PRO A 269 6.24 36.86 -29.33
N ASN A 270 7.09 35.86 -29.53
CA ASN A 270 7.13 35.13 -30.79
C ASN A 270 5.85 34.34 -30.98
N ASN A 271 5.29 34.41 -32.18
CA ASN A 271 4.05 33.71 -32.53
C ASN A 271 4.43 32.48 -33.35
N ASN A 272 4.85 31.43 -32.66
CA ASN A 272 5.40 30.27 -33.35
C ASN A 272 4.30 29.26 -33.70
N THR A 273 4.57 28.50 -34.74
CA THR A 273 3.64 27.51 -35.27
C THR A 273 4.17 26.12 -35.00
N ARG A 274 3.28 25.20 -34.66
CA ARG A 274 3.68 23.86 -34.25
C ARG A 274 3.41 22.87 -35.37
N LYS A 275 4.45 22.13 -35.74
CA LYS A 275 4.36 21.08 -36.75
C LYS A 275 4.16 19.73 -36.09
N SER A 276 3.88 18.72 -36.91
CA SER A 276 3.77 17.34 -36.44
C SER A 276 4.48 16.46 -37.44
N ILE A 277 5.54 15.80 -37.01
CA ILE A 277 6.33 14.90 -37.86
C ILE A 277 6.09 13.48 -37.41
N ARG A 278 5.63 12.63 -38.33
CA ARG A 278 5.41 11.23 -38.01
C ARG A 278 6.74 10.50 -38.09
N ILE A 279 7.25 10.08 -36.94
CA ILE A 279 8.59 9.52 -36.85
C ILE A 279 8.57 8.01 -36.72
N GLY A 280 7.40 7.41 -36.61
CA GLY A 280 7.26 5.98 -36.50
C GLY A 280 5.79 5.61 -36.46
N PRO A 281 5.50 4.34 -36.24
CA PRO A 281 4.10 3.94 -36.12
C PRO A 281 3.47 4.49 -34.84
N GLY A 282 2.57 5.45 -35.00
CA GLY A 282 1.89 6.03 -33.86
C GLY A 282 2.71 7.02 -33.06
N GLN A 283 3.86 7.44 -33.56
CA GLN A 283 4.75 8.34 -32.84
C GLN A 283 4.92 9.62 -33.64
N ALA A 284 4.61 10.75 -33.00
CA ALA A 284 4.69 12.07 -33.61
C ALA A 284 5.60 12.96 -32.78
N PHE A 285 6.46 13.71 -33.45
CA PHE A 285 7.39 14.63 -32.83
C PHE A 285 7.01 16.03 -33.28
N TYR A 286 6.78 16.92 -32.30
CA TYR A 286 6.25 18.25 -32.55
C TYR A 286 7.41 19.23 -32.68
N ALA A 287 7.72 19.58 -33.92
CA ALA A 287 8.80 20.52 -34.19
C ALA A 287 8.25 21.94 -34.15
N THR A 288 9.08 22.91 -34.49
CA THR A 288 8.71 24.31 -34.54
C THR A 288 8.75 24.78 -35.98
N GLY A 289 7.65 25.35 -36.45
CA GLY A 289 7.57 25.85 -37.81
C GLY A 289 8.13 27.25 -37.91
N ASP A 290 7.76 27.94 -38.98
CA ASP A 290 8.20 29.31 -39.18
C ASP A 290 7.45 30.23 -38.23
N ILE A 291 8.18 31.20 -37.70
CA ILE A 291 7.58 32.16 -36.77
C ILE A 291 6.77 33.16 -37.56
N ILE A 292 5.49 33.30 -37.21
CA ILE A 292 4.59 34.23 -37.90
C ILE A 292 4.78 35.58 -37.21
N GLY A 293 5.62 36.41 -37.81
CA GLY A 293 5.89 37.72 -37.26
C GLY A 293 7.37 38.02 -37.10
N ASP A 294 7.70 38.75 -36.03
CA ASP A 294 9.08 39.11 -35.75
C ASP A 294 9.66 38.24 -34.63
N ILE A 295 10.98 38.23 -34.54
CA ILE A 295 11.69 37.48 -33.52
C ILE A 295 12.07 38.46 -32.41
N ARG A 296 11.38 38.37 -31.28
CA ARG A 296 11.63 39.24 -30.15
C ARG A 296 11.89 38.37 -28.92
N GLN A 297 12.81 38.82 -28.07
CA GLN A 297 13.16 38.04 -26.88
C GLN A 297 11.97 37.89 -25.94
N ALA A 298 11.88 36.71 -25.34
CA ALA A 298 11.01 36.54 -24.20
C ALA A 298 11.53 37.37 -23.04
N HIS A 299 10.60 37.99 -22.31
CA HIS A 299 11.04 38.86 -21.24
C HIS A 299 10.04 38.83 -20.10
N CYS A 300 10.52 39.18 -18.91
CA CYS A 300 9.66 39.38 -17.76
C CYS A 300 9.78 40.82 -17.30
N ASN A 301 8.68 41.38 -16.82
CA ASN A 301 8.61 42.75 -16.33
C ASN A 301 8.23 42.74 -14.87
N VAL A 302 8.97 43.51 -14.07
CA VAL A 302 8.66 43.72 -12.65
C VAL A 302 8.64 45.21 -12.38
N SER A 303 7.60 45.68 -11.69
CA SER A 303 7.49 47.11 -11.41
C SER A 303 8.64 47.58 -10.52
N LYS A 304 9.34 48.63 -10.98
CA LYS A 304 10.55 49.06 -10.30
C LYS A 304 10.25 49.60 -8.91
N ALA A 305 9.23 50.43 -8.78
CA ALA A 305 8.92 51.04 -7.48
C ALA A 305 8.57 49.98 -6.46
N THR A 306 7.73 49.02 -6.84
CA THR A 306 7.38 47.95 -5.92
C THR A 306 8.59 47.10 -5.57
N TRP A 307 9.46 46.84 -6.55
CA TRP A 307 10.64 46.02 -6.27
C TRP A 307 11.55 46.70 -5.27
N ASN A 308 11.77 48.01 -5.41
CA ASN A 308 12.65 48.65 -4.44
C ASN A 308 11.98 48.85 -3.09
N GLU A 309 10.67 49.07 -3.04
CA GLU A 309 10.00 49.14 -1.75
C GLU A 309 9.95 47.80 -1.05
N THR A 310 10.03 46.69 -1.80
CA THR A 310 10.10 45.38 -1.16
C THR A 310 11.52 45.02 -0.76
N LEU A 311 12.50 45.35 -1.60
CA LEU A 311 13.89 45.13 -1.24
C LEU A 311 14.31 45.98 -0.05
N GLY A 312 13.69 47.16 0.13
CA GLY A 312 13.95 47.92 1.33
C GLY A 312 13.49 47.21 2.59
N LYS A 313 12.31 46.60 2.54
CA LYS A 313 11.84 45.81 3.67
C LYS A 313 12.76 44.63 3.93
N VAL A 314 13.21 43.98 2.88
CA VAL A 314 14.13 42.86 3.05
C VAL A 314 15.42 43.34 3.70
N VAL A 315 15.92 44.50 3.28
CA VAL A 315 17.14 45.06 3.88
C VAL A 315 16.91 45.36 5.35
N LYS A 316 15.76 45.95 5.68
CA LYS A 316 15.46 46.29 7.06
C LYS A 316 15.43 45.04 7.93
N GLN A 317 14.82 43.97 7.44
CA GLN A 317 14.77 42.75 8.23
C GLN A 317 16.13 42.05 8.28
N LEU A 318 16.93 42.17 7.23
CA LEU A 318 18.24 41.55 7.22
C LEU A 318 19.21 42.26 8.15
N ARG A 319 19.01 43.55 8.37
CA ARG A 319 19.89 44.29 9.27
C ARG A 319 19.79 43.79 10.72
N LYS A 320 18.69 43.12 11.06
CA LYS A 320 18.55 42.61 12.42
C LYS A 320 19.55 41.51 12.74
N HIS A 321 19.89 40.68 11.75
CA HIS A 321 20.82 39.58 11.96
C HIS A 321 22.26 39.97 11.70
N PHE A 322 22.54 41.23 11.39
CA PHE A 322 23.90 41.67 11.10
C PHE A 322 24.26 43.02 11.70
N GLY A 323 23.34 43.71 12.36
CA GLY A 323 23.63 45.02 12.91
C GLY A 323 23.12 46.15 12.04
N ASN A 324 22.72 47.23 12.69
CA ASN A 324 22.12 48.38 12.01
C ASN A 324 23.15 49.37 11.51
N ASN A 325 24.43 48.99 11.49
CA ASN A 325 25.47 49.81 10.87
C ASN A 325 26.02 49.23 9.58
N THR A 326 25.91 47.92 9.38
CA THR A 326 26.41 47.29 8.17
C THR A 326 25.64 47.75 6.95
N ILE A 327 26.28 47.67 5.79
CA ILE A 327 25.66 48.06 4.54
C ILE A 327 25.30 46.78 3.79
N ILE A 328 24.06 46.70 3.31
CA ILE A 328 23.57 45.53 2.60
C ILE A 328 23.69 45.80 1.11
N ARG A 329 24.45 44.96 0.42
CA ARG A 329 24.63 45.06 -1.01
C ARG A 329 23.95 43.87 -1.67
N PHE A 330 23.43 44.08 -2.88
CA PHE A 330 22.78 43.03 -3.65
C PHE A 330 23.45 42.92 -5.01
N ALA A 331 23.99 41.73 -5.29
CA ALA A 331 24.69 41.43 -6.53
C ALA A 331 24.11 40.15 -7.13
N ASN A 332 24.43 39.92 -8.40
CA ASN A 332 23.82 38.83 -9.14
C ASN A 332 24.49 37.50 -8.83
N SER A 333 24.12 36.47 -9.59
CA SER A 333 24.60 35.12 -9.34
C SER A 333 26.09 35.02 -9.66
N SER A 334 26.78 34.17 -8.89
CA SER A 334 28.21 34.03 -9.05
C SER A 334 28.55 33.26 -10.31
N GLY A 335 28.09 32.02 -10.41
CA GLY A 335 28.39 31.20 -11.56
C GLY A 335 27.75 29.84 -11.41
N GLY A 336 27.90 29.05 -12.46
CA GLY A 336 27.38 27.70 -12.48
C GLY A 336 26.54 27.48 -13.71
N ASP A 337 25.70 26.45 -13.65
CA ASP A 337 24.89 26.07 -14.78
C ASP A 337 23.69 27.02 -14.92
N LEU A 338 23.03 26.96 -16.08
CA LEU A 338 21.94 27.88 -16.36
C LEU A 338 20.77 27.68 -15.41
N GLU A 339 20.65 26.53 -14.76
CA GLU A 339 19.56 26.32 -13.83
C GLU A 339 19.86 26.79 -12.42
N VAL A 340 21.02 27.41 -12.20
CA VAL A 340 21.31 28.02 -10.91
C VAL A 340 21.70 29.49 -11.02
N THR A 341 22.13 29.97 -12.18
CA THR A 341 22.44 31.38 -12.36
C THR A 341 21.29 32.19 -12.94
N THR A 342 20.15 31.57 -13.22
CA THR A 342 19.01 32.26 -13.79
C THR A 342 17.74 31.86 -13.04
N HIS A 343 16.77 32.76 -13.06
CA HIS A 343 15.43 32.48 -12.57
C HIS A 343 14.76 31.55 -13.57
N SER A 344 14.71 30.27 -13.23
CA SER A 344 14.17 29.26 -14.13
C SER A 344 12.75 28.91 -13.71
N PHE A 345 11.84 28.94 -14.66
CA PHE A 345 10.45 28.62 -14.35
C PHE A 345 9.77 28.12 -15.61
N ASN A 346 8.50 27.76 -15.48
CA ASN A 346 7.72 27.15 -16.56
C ASN A 346 6.44 27.95 -16.68
N CYS A 347 6.34 28.75 -17.74
CA CYS A 347 5.25 29.70 -17.90
C CYS A 347 4.35 29.19 -19.03
N GLY A 348 3.35 28.40 -18.64
CA GLY A 348 2.38 27.87 -19.59
C GLY A 348 2.93 26.86 -20.57
N GLY A 349 3.82 25.98 -20.13
CA GLY A 349 4.36 24.90 -20.94
C GLY A 349 5.73 25.17 -21.50
N GLU A 350 6.16 26.44 -21.53
CA GLU A 350 7.48 26.80 -22.03
C GLU A 350 8.40 27.09 -20.87
N PHE A 351 9.66 26.67 -21.01
CA PHE A 351 10.62 26.74 -19.91
C PHE A 351 11.55 27.93 -20.10
N PHE A 352 11.37 28.93 -19.24
CA PHE A 352 12.08 30.20 -19.24
C PHE A 352 13.28 30.13 -18.31
N TYR A 353 14.36 30.78 -18.71
CA TYR A 353 15.57 30.96 -17.90
C TYR A 353 15.92 32.44 -18.00
N CYS A 354 15.65 33.20 -16.94
CA CYS A 354 15.69 34.65 -16.99
C CYS A 354 16.87 35.21 -16.21
N ASN A 355 17.43 36.28 -16.73
CA ASN A 355 18.64 36.89 -16.19
C ASN A 355 18.24 37.91 -15.14
N THR A 356 18.36 37.52 -13.87
CA THR A 356 17.94 38.37 -12.76
C THR A 356 19.12 39.20 -12.25
N SER A 357 19.67 40.00 -13.15
CA SER A 357 20.74 40.93 -12.81
C SER A 357 20.24 42.34 -12.55
N GLY A 358 19.14 42.75 -13.17
CA GLY A 358 18.55 44.03 -12.88
C GLY A 358 17.75 44.07 -11.60
N LEU A 359 17.46 42.92 -11.01
CA LEU A 359 16.76 42.89 -9.73
C LEU A 359 17.73 43.03 -8.57
N PHE A 360 18.76 42.20 -8.53
CA PHE A 360 19.74 42.18 -7.45
C PHE A 360 20.95 42.99 -7.91
N ASN A 361 20.82 44.31 -7.86
CA ASN A 361 21.93 45.20 -8.15
C ASN A 361 21.66 46.48 -7.38
N SER A 362 22.19 46.57 -6.16
CA SER A 362 21.88 47.72 -5.32
C SER A 362 22.81 47.75 -4.13
N THR A 363 22.80 48.88 -3.42
CA THR A 363 23.58 49.06 -2.21
C THR A 363 22.83 49.97 -1.27
N TRP A 364 22.43 49.45 -0.11
CA TRP A 364 21.72 50.21 0.91
C TRP A 364 22.65 50.37 2.11
N ILE A 365 22.93 51.61 2.50
CA ILE A 365 23.98 51.82 3.49
C ILE A 365 23.43 51.83 4.92
N SER A 366 22.68 52.86 5.28
CA SER A 366 22.13 52.92 6.63
C SER A 366 20.78 53.60 6.71
N ASN A 367 20.18 54.00 5.59
CA ASN A 367 18.96 54.81 5.63
C ASN A 367 18.00 54.40 4.53
N ASN A 379 4.73 54.93 -15.80
CA ASN A 379 5.53 54.33 -14.75
C ASN A 379 6.86 53.79 -15.30
N ASP A 380 7.49 52.93 -14.53
CA ASP A 380 8.76 52.33 -14.91
C ASP A 380 8.71 50.83 -14.61
N SER A 381 9.52 50.07 -15.34
CA SER A 381 9.61 48.64 -15.13
C SER A 381 11.03 48.17 -15.33
N ILE A 382 11.37 47.07 -14.66
CA ILE A 382 12.62 46.36 -14.87
C ILE A 382 12.32 45.19 -15.79
N THR A 383 13.09 45.09 -16.88
CA THR A 383 12.91 44.06 -17.88
C THR A 383 14.03 43.04 -17.77
N LEU A 384 13.68 41.83 -17.34
CA LEU A 384 14.62 40.73 -17.30
C LEU A 384 14.56 39.99 -18.62
N PRO A 385 15.66 39.91 -19.36
CA PRO A 385 15.69 39.06 -20.55
C PRO A 385 15.61 37.60 -20.16
N CYS A 386 14.94 36.82 -20.99
CA CYS A 386 14.82 35.39 -20.76
C CYS A 386 15.14 34.61 -22.01
N ARG A 387 15.88 33.53 -21.82
CA ARG A 387 16.12 32.54 -22.86
C ARG A 387 15.16 31.38 -22.63
N ILE A 388 14.93 30.60 -23.67
CA ILE A 388 13.94 29.52 -23.63
C ILE A 388 14.65 28.22 -23.97
N LYS A 389 14.38 27.18 -23.18
CA LYS A 389 14.99 25.89 -23.44
C LYS A 389 13.93 24.83 -23.67
N GLN A 390 14.24 23.88 -24.54
CA GLN A 390 13.33 22.79 -24.85
C GLN A 390 13.75 21.46 -24.25
N ILE A 391 15.04 21.22 -24.06
CA ILE A 391 15.52 19.98 -23.49
C ILE A 391 15.82 20.25 -22.02
N ILE A 392 15.03 19.65 -21.13
CA ILE A 392 15.04 19.96 -19.72
C ILE A 392 15.50 18.75 -18.93
N ASN A 393 16.58 18.91 -18.16
CA ASN A 393 17.03 17.91 -17.21
C ASN A 393 16.56 18.34 -15.83
N MET A 394 15.28 18.10 -15.55
CA MET A 394 14.70 18.56 -14.30
C MET A 394 15.25 17.76 -13.13
N TRP A 395 15.38 18.45 -11.99
CA TRP A 395 15.78 17.85 -10.71
C TRP A 395 17.22 17.34 -10.73
N GLN A 396 18.09 18.01 -11.47
CA GLN A 396 19.53 17.77 -11.45
C GLN A 396 19.89 16.31 -11.71
N ARG A 397 18.91 15.52 -12.12
CA ARG A 397 19.17 14.13 -12.46
C ARG A 397 19.95 14.05 -13.76
N ILE A 398 20.92 13.15 -13.80
CA ILE A 398 21.70 12.91 -15.01
C ILE A 398 21.16 11.65 -15.68
N GLY A 399 21.17 11.65 -17.00
CA GLY A 399 20.69 10.51 -17.77
C GLY A 399 19.20 10.44 -17.98
N GLN A 400 18.44 11.45 -17.55
CA GLN A 400 17.00 11.46 -17.75
C GLN A 400 16.59 12.86 -18.16
N CYS A 401 16.25 13.03 -19.43
CA CYS A 401 15.90 14.33 -19.97
C CYS A 401 14.48 14.29 -20.52
N MET A 402 13.90 15.46 -20.69
CA MET A 402 12.54 15.61 -21.19
C MET A 402 12.51 16.70 -22.25
N TYR A 403 11.76 16.45 -23.32
CA TYR A 403 11.62 17.41 -24.42
C TYR A 403 10.24 18.03 -24.35
N ALA A 404 10.20 19.36 -24.26
CA ALA A 404 8.95 20.11 -24.21
C ALA A 404 8.50 20.49 -25.62
N PRO A 405 7.35 20.01 -26.06
CA PRO A 405 6.84 20.40 -27.37
C PRO A 405 6.52 21.88 -27.39
N PRO A 406 6.60 22.52 -28.55
CA PRO A 406 6.29 23.95 -28.63
C PRO A 406 4.83 24.22 -28.30
N ILE A 407 4.59 25.38 -27.71
CA ILE A 407 3.25 25.86 -27.45
C ILE A 407 2.92 26.90 -28.52
N GLN A 408 1.84 26.66 -29.25
CA GLN A 408 1.49 27.54 -30.34
C GLN A 408 0.96 28.87 -29.83
N GLY A 409 1.31 29.94 -30.54
CA GLY A 409 0.82 31.25 -30.20
C GLY A 409 1.63 31.94 -29.12
N VAL A 410 1.28 33.20 -28.89
CA VAL A 410 1.98 34.00 -27.89
C VAL A 410 1.62 33.51 -26.50
N ILE A 411 2.63 33.45 -25.62
CA ILE A 411 2.46 33.01 -24.24
C ILE A 411 2.64 34.20 -23.32
N ARG A 412 1.71 34.39 -22.39
CA ARG A 412 1.81 35.47 -21.42
C ARG A 412 1.25 34.98 -20.10
N CYS A 413 2.00 35.14 -19.02
CA CYS A 413 1.59 34.67 -17.71
C CYS A 413 2.02 35.66 -16.64
N VAL A 414 1.08 35.94 -15.73
CA VAL A 414 1.27 36.88 -14.64
C VAL A 414 1.30 36.08 -13.34
N SER A 415 2.34 36.30 -12.55
CA SER A 415 2.52 35.55 -11.32
C SER A 415 2.96 36.49 -10.21
N ASN A 416 3.01 35.95 -9.00
CA ASN A 416 3.43 36.70 -7.82
C ASN A 416 4.77 36.18 -7.35
N ILE A 417 5.74 37.08 -7.21
CA ILE A 417 6.97 36.81 -6.48
C ILE A 417 6.61 36.94 -5.01
N THR A 418 6.75 35.84 -4.27
CA THR A 418 6.41 35.80 -2.85
C THR A 418 7.62 35.45 -2.00
N GLY A 419 8.81 35.46 -2.55
CA GLY A 419 9.97 35.11 -1.77
C GLY A 419 11.23 35.10 -2.61
N LEU A 420 12.34 34.97 -1.90
CA LEU A 420 13.65 34.88 -2.52
C LEU A 420 14.49 33.83 -1.79
N ILE A 421 15.50 33.32 -2.50
CA ILE A 421 16.48 32.41 -1.93
C ILE A 421 17.84 33.06 -2.16
N LEU A 422 18.46 33.53 -1.09
CA LEU A 422 19.75 34.23 -1.19
C LEU A 422 20.87 33.42 -0.57
N THR A 423 22.11 33.84 -0.88
CA THR A 423 23.32 33.28 -0.30
C THR A 423 24.26 34.43 0.06
N ARG A 424 24.93 34.29 1.18
CA ARG A 424 25.93 35.26 1.61
C ARG A 424 27.32 34.73 1.25
N ASP A 425 28.14 35.58 0.65
CA ASP A 425 29.41 35.09 0.13
C ASP A 425 30.49 35.16 1.20
N GLY A 426 31.21 34.04 1.36
CA GLY A 426 32.31 33.92 2.28
C GLY A 426 32.09 34.57 3.63
N GLY A 427 33.11 35.25 4.15
CA GLY A 427 32.93 36.02 5.36
C GLY A 427 33.30 37.47 5.20
N SER A 428 34.23 37.76 4.29
CA SER A 428 34.78 39.10 4.11
C SER A 428 35.04 39.75 5.46
N THR A 429 35.79 39.03 6.31
CA THR A 429 35.91 39.35 7.72
C THR A 429 36.43 40.77 7.91
N ASN A 430 35.99 41.40 9.01
CA ASN A 430 36.34 42.77 9.34
C ASN A 430 35.91 43.72 8.23
N SER A 431 34.64 43.68 7.87
CA SER A 431 34.09 44.61 6.89
C SER A 431 32.70 45.02 7.32
N THR A 432 32.28 46.20 6.85
CA THR A 432 30.93 46.69 7.07
C THR A 432 30.00 46.31 5.93
N THR A 433 30.50 45.53 4.97
CA THR A 433 29.76 45.21 3.76
C THR A 433 29.32 43.75 3.81
N GLU A 434 28.02 43.54 3.72
CA GLU A 434 27.46 42.21 3.49
C GLU A 434 26.67 42.23 2.20
N THR A 435 27.08 41.43 1.22
CA THR A 435 26.38 41.35 -0.05
C THR A 435 25.75 39.98 -0.20
N PHE A 436 24.64 39.93 -0.91
CA PHE A 436 23.83 38.73 -1.04
C PHE A 436 23.59 38.44 -2.52
N ARG A 437 23.70 37.18 -2.90
CA ARG A 437 23.47 36.81 -4.28
C ARG A 437 22.36 35.78 -4.38
N PRO A 438 21.51 35.85 -5.40
CA PRO A 438 20.44 34.87 -5.53
C PRO A 438 21.01 33.48 -5.71
N GLY A 439 20.34 32.50 -5.11
CA GLY A 439 20.81 31.13 -5.16
C GLY A 439 19.67 30.19 -5.50
N GLY A 440 20.03 29.12 -6.20
CA GLY A 440 19.05 28.11 -6.53
C GLY A 440 19.03 26.94 -5.57
N GLY A 441 20.17 26.30 -5.37
CA GLY A 441 20.21 25.17 -4.49
C GLY A 441 19.33 24.03 -5.01
N ASP A 442 18.59 23.40 -4.09
CA ASP A 442 17.70 22.32 -4.44
C ASP A 442 16.33 22.81 -4.66
N MET A 443 15.40 21.91 -4.91
CA MET A 443 14.05 22.31 -5.22
C MET A 443 13.29 22.01 -4.01
N ARG A 444 13.97 21.53 -3.01
CA ARG A 444 13.34 21.24 -1.79
C ARG A 444 13.10 22.56 -1.16
N ASP A 445 14.03 23.48 -1.30
CA ASP A 445 13.89 24.82 -0.76
C ASP A 445 12.64 25.52 -1.26
N ASN A 446 12.12 25.11 -2.42
CA ASN A 446 10.87 25.68 -2.89
C ASN A 446 9.70 25.21 -2.05
N TRP A 447 9.84 24.07 -1.37
CA TRP A 447 8.77 23.50 -0.58
C TRP A 447 9.03 23.58 0.93
N ARG A 448 10.25 23.91 1.34
CA ARG A 448 10.48 24.29 2.72
C ARG A 448 9.71 25.55 3.08
N SER A 449 9.53 26.43 2.09
CA SER A 449 8.82 27.69 2.31
C SER A 449 7.34 27.50 2.53
N GLU A 450 6.79 26.36 2.14
CA GLU A 450 5.37 26.07 2.36
C GLU A 450 5.14 25.13 3.54
N LEU A 451 5.92 24.06 3.65
CA LEU A 451 5.83 23.13 4.76
C LEU A 451 6.76 23.53 5.90
N TYR A 452 6.71 24.79 6.32
CA TYR A 452 7.54 25.25 7.42
C TYR A 452 6.78 25.34 8.74
N LYS A 453 5.47 25.51 8.67
CA LYS A 453 4.64 25.68 9.84
C LYS A 453 4.00 24.38 10.29
N TYR A 454 4.36 23.26 9.67
CA TYR A 454 3.73 21.98 9.95
C TYR A 454 4.76 20.98 10.45
N LYS A 455 4.30 20.00 11.23
CA LYS A 455 5.11 18.87 11.62
C LYS A 455 4.18 17.68 11.87
N VAL A 456 4.74 16.48 11.81
CA VAL A 456 3.98 15.24 11.89
C VAL A 456 4.29 14.56 13.22
N VAL A 457 3.25 14.11 13.93
CA VAL A 457 3.39 13.50 15.24
C VAL A 457 2.57 12.22 15.30
N LYS A 458 2.98 11.34 16.20
CA LYS A 458 2.33 10.05 16.45
C LYS A 458 1.69 10.09 17.83
N ILE A 459 0.45 9.64 17.91
CA ILE A 459 -0.33 9.72 19.14
C ILE A 459 -0.21 8.43 19.92
N GLU A 460 -0.02 8.54 21.24
CA GLU A 460 -0.19 7.45 22.18
C GLU A 460 -1.48 7.65 22.95
N PRO A 461 -2.53 6.91 22.65
CA PRO A 461 -3.70 6.92 23.55
C PRO A 461 -3.36 6.42 24.95
N LEU A 462 -2.46 5.46 25.05
CA LEU A 462 -2.25 4.75 26.31
C LEU A 462 -1.42 5.57 27.28
N GLY A 463 -1.79 5.50 28.55
CA GLY A 463 -1.01 6.12 29.59
C GLY A 463 -1.21 5.41 30.91
N VAL A 464 -0.19 5.41 31.76
CA VAL A 464 -0.25 4.76 33.06
C VAL A 464 0.10 5.80 34.11
N ALA A 465 -0.71 5.87 35.17
CA ALA A 465 -0.52 6.88 36.19
C ALA A 465 -0.78 6.31 37.57
N PRO A 466 -0.23 6.91 38.61
CA PRO A 466 -0.58 6.48 39.96
C PRO A 466 -1.89 7.07 40.42
N THR A 467 -2.77 6.20 40.91
CA THR A 467 -4.04 6.62 41.49
C THR A 467 -4.41 5.63 42.58
N ARG A 468 -5.31 6.05 43.45
CA ARG A 468 -5.83 5.20 44.51
C ARG A 468 -6.99 4.36 43.97
N CYS A 469 -6.72 3.10 43.70
CA CYS A 469 -7.71 2.17 43.17
C CYS A 469 -7.38 0.79 43.71
N LYS A 470 -8.11 -0.21 43.22
CA LYS A 470 -7.78 -1.61 43.47
C LYS A 470 -8.65 -2.47 42.55
N ARG A 471 -8.44 -3.77 42.57
CA ARG A 471 -9.23 -4.71 41.79
C ARG A 471 -9.21 -4.37 40.31
N LEU B 9 -10.43 12.02 14.78
CA LEU B 9 -10.24 12.17 16.21
C LEU B 9 -10.36 13.64 16.61
N GLY B 10 -9.24 14.31 16.86
CA GLY B 10 -9.28 15.70 17.26
C GLY B 10 -9.64 15.94 18.70
N PHE B 11 -9.34 14.98 19.58
CA PHE B 11 -9.54 15.11 21.01
C PHE B 11 -8.35 15.74 21.72
N LEU B 12 -7.29 16.06 20.99
CA LEU B 12 -6.04 16.56 21.56
C LEU B 12 -6.20 17.92 22.22
N GLY B 13 -7.41 18.49 22.23
CA GLY B 13 -7.58 19.84 22.72
C GLY B 13 -7.14 20.02 24.16
N ALA B 14 -7.19 18.96 24.95
CA ALA B 14 -6.80 19.02 26.35
C ALA B 14 -5.31 18.81 26.53
N ALA B 15 -4.51 19.02 25.50
CA ALA B 15 -3.08 18.74 25.58
C ALA B 15 -2.40 19.58 26.64
N GLY B 16 -2.81 20.84 26.80
CA GLY B 16 -2.24 21.68 27.83
C GLY B 16 -2.90 21.58 29.18
N SER B 17 -4.07 20.98 29.27
CA SER B 17 -4.74 20.81 30.54
C SER B 17 -3.95 19.86 31.43
N THR B 18 -4.06 20.07 32.74
CA THR B 18 -3.40 19.17 33.67
C THR B 18 -4.04 17.79 33.59
N MET B 19 -3.31 16.79 34.08
CA MET B 19 -3.81 15.42 33.96
C MET B 19 -5.16 15.26 34.63
N GLY B 20 -5.32 15.84 35.81
CA GLY B 20 -6.60 15.75 36.49
C GLY B 20 -7.72 16.39 35.71
N ALA B 21 -7.43 17.49 35.01
CA ALA B 21 -8.43 18.12 34.17
C ALA B 21 -8.59 17.38 32.84
N ALA B 22 -7.53 16.73 32.36
CA ALA B 22 -7.65 15.94 31.14
C ALA B 22 -8.50 14.70 31.38
N SER B 23 -8.05 13.85 32.29
CA SER B 23 -8.77 12.67 32.59
C SER B 23 -10.26 12.84 32.65
N MET B 24 -10.76 13.95 33.14
CA MET B 24 -12.15 14.11 33.28
C MET B 24 -12.80 14.35 31.98
N THR B 25 -12.46 15.46 31.34
CA THR B 25 -13.17 15.75 30.10
C THR B 25 -12.91 14.59 29.16
N LEU B 26 -12.17 13.60 29.65
CA LEU B 26 -11.83 12.42 28.87
C LEU B 26 -12.81 11.30 29.17
N THR B 27 -13.84 11.58 29.96
CA THR B 27 -14.99 10.68 30.08
C THR B 27 -16.21 11.24 29.35
N VAL B 28 -16.03 12.31 28.57
CA VAL B 28 -17.14 12.89 27.81
C VAL B 28 -17.29 12.13 26.49
N GLN B 29 -18.21 11.18 26.47
CA GLN B 29 -18.59 10.41 25.28
C GLN B 29 -17.44 9.55 24.77
N ALA B 30 -16.26 9.70 25.35
CA ALA B 30 -15.05 8.98 24.93
C ALA B 30 -13.88 9.37 25.84
N LEU B 57 -1.10 4.43 -9.24
CA LEU B 57 -1.89 3.22 -9.47
C LEU B 57 -1.38 2.06 -8.62
N THR B 58 -0.32 1.41 -9.10
CA THR B 58 0.26 0.29 -8.36
C THR B 58 1.25 0.73 -7.29
N VAL B 59 1.60 2.02 -7.24
CA VAL B 59 2.54 2.54 -6.25
C VAL B 59 1.82 3.19 -5.08
N TRP B 60 0.94 4.15 -5.36
CA TRP B 60 0.14 4.75 -4.28
C TRP B 60 -0.91 3.80 -3.76
N GLY B 61 -1.27 2.79 -4.55
CA GLY B 61 -2.08 1.71 -4.02
C GLY B 61 -1.37 0.97 -2.90
N ILE B 62 -0.05 0.82 -3.01
CA ILE B 62 0.72 0.33 -1.88
C ILE B 62 0.69 1.34 -0.74
N LYS B 63 0.69 2.63 -1.06
CA LYS B 63 0.72 3.66 -0.03
C LYS B 63 -0.53 3.60 0.85
N GLN B 64 -1.70 3.83 0.26
CA GLN B 64 -2.94 3.74 1.04
C GLN B 64 -3.45 2.31 1.05
N LEU B 65 -2.56 1.40 1.28
CA LEU B 65 -2.83 0.06 1.76
C LEU B 65 -1.93 -0.30 2.93
N GLN B 66 -0.66 0.09 2.87
CA GLN B 66 0.18 0.02 4.05
C GLN B 66 -0.33 0.97 5.12
N ALA B 67 -0.85 2.13 4.72
CA ALA B 67 -1.40 3.05 5.72
C ALA B 67 -2.52 2.40 6.51
N ARG B 68 -3.51 1.83 5.81
CA ARG B 68 -4.64 1.25 6.50
C ARG B 68 -4.29 -0.05 7.20
N VAL B 69 -3.40 -0.86 6.63
CA VAL B 69 -2.96 -2.06 7.32
C VAL B 69 -2.24 -1.70 8.62
N LEU B 70 -1.40 -0.67 8.60
CA LEU B 70 -0.72 -0.24 9.82
C LEU B 70 -1.71 0.32 10.84
N ALA B 71 -2.71 1.06 10.37
CA ALA B 71 -3.72 1.56 11.29
C ALA B 71 -4.47 0.42 11.97
N VAL B 72 -4.86 -0.59 11.19
CA VAL B 72 -5.57 -1.72 11.75
C VAL B 72 -4.67 -2.49 12.72
N GLU B 73 -3.42 -2.69 12.36
CA GLU B 73 -2.50 -3.42 13.23
C GLU B 73 -2.30 -2.68 14.54
N ARG B 74 -2.15 -1.36 14.49
CA ARG B 74 -1.95 -0.61 15.73
C ARG B 74 -3.21 -0.60 16.59
N TYR B 75 -4.37 -0.42 15.98
CA TYR B 75 -5.61 -0.46 16.74
C TYR B 75 -5.78 -1.82 17.42
N LEU B 76 -5.50 -2.89 16.67
CA LEU B 76 -5.63 -4.23 17.23
C LEU B 76 -4.60 -4.47 18.31
N ARG B 77 -3.39 -3.92 18.16
CA ARG B 77 -2.38 -4.11 19.18
C ARG B 77 -2.77 -3.42 20.48
N ASP B 78 -3.27 -2.19 20.40
CA ASP B 78 -3.74 -1.54 21.62
C ASP B 78 -4.92 -2.28 22.25
N GLN B 79 -5.88 -2.74 21.43
CA GLN B 79 -7.01 -3.45 22.01
C GLN B 79 -6.56 -4.75 22.66
N GLN B 80 -5.65 -5.48 22.01
CA GLN B 80 -5.15 -6.72 22.56
C GLN B 80 -4.38 -6.48 23.84
N LEU B 81 -3.61 -5.40 23.87
CA LEU B 81 -2.82 -5.09 25.06
C LEU B 81 -3.74 -4.78 26.22
N LEU B 82 -4.80 -4.01 25.97
CA LEU B 82 -5.77 -3.73 27.02
C LEU B 82 -6.42 -5.02 27.51
N GLY B 83 -6.84 -5.87 26.58
CA GLY B 83 -7.44 -7.13 26.99
C GLY B 83 -6.48 -7.98 27.80
N ILE B 84 -5.20 -7.93 27.45
CA ILE B 84 -4.19 -8.67 28.21
C ILE B 84 -4.10 -8.12 29.62
N TRP B 85 -4.27 -6.82 29.80
CA TRP B 85 -4.29 -6.22 31.13
C TRP B 85 -5.62 -6.38 31.84
N GLY B 86 -6.66 -6.84 31.15
CA GLY B 86 -7.95 -7.02 31.78
C GLY B 86 -8.85 -5.81 31.76
N CYS B 87 -8.60 -4.85 30.88
CA CYS B 87 -9.36 -3.61 30.79
C CYS B 87 -10.00 -3.48 29.43
N SER B 88 -10.65 -4.55 28.96
CA SER B 88 -10.98 -4.67 27.55
C SER B 88 -11.87 -3.55 27.06
N GLY B 89 -12.89 -3.19 27.83
CA GLY B 89 -13.82 -2.18 27.37
C GLY B 89 -13.73 -0.87 28.12
N LYS B 90 -12.93 -0.85 29.18
CA LYS B 90 -12.86 0.29 30.09
C LYS B 90 -11.84 1.30 29.57
N LEU B 91 -12.27 2.55 29.43
CA LEU B 91 -11.34 3.61 29.05
C LEU B 91 -10.43 3.97 30.22
N ILE B 92 -10.95 3.91 31.43
CA ILE B 92 -10.16 4.06 32.65
C ILE B 92 -10.29 2.77 33.42
N CYS B 93 -9.15 2.19 33.82
CA CYS B 93 -9.14 0.86 34.41
C CYS B 93 -8.12 0.82 35.53
N CYS B 94 -8.59 0.64 36.76
CA CYS B 94 -7.66 0.43 37.87
C CYS B 94 -7.16 -1.01 37.88
N THR B 95 -5.88 -1.16 38.18
CA THR B 95 -5.23 -2.46 38.18
C THR B 95 -4.69 -2.74 39.58
N ASN B 96 -4.19 -3.96 39.76
CA ASN B 96 -3.64 -4.38 41.05
C ASN B 96 -2.12 -4.42 41.04
N VAL B 97 -1.48 -3.50 40.34
CA VAL B 97 -0.02 -3.42 40.29
C VAL B 97 0.41 -2.18 41.07
N PRO B 98 0.93 -2.33 42.29
CA PRO B 98 1.29 -1.15 43.08
C PRO B 98 2.35 -0.32 42.40
N TRP B 99 2.25 1.00 42.59
CA TRP B 99 3.17 1.94 41.97
C TRP B 99 4.51 1.88 42.68
N ASN B 100 5.56 1.56 41.93
CA ASN B 100 6.88 1.39 42.53
C ASN B 100 7.40 2.74 43.05
N SER B 101 8.15 2.66 44.14
CA SER B 101 8.71 3.83 44.80
C SER B 101 9.96 4.33 44.09
N SER B 102 10.13 4.01 42.81
CA SER B 102 11.25 4.52 42.03
C SER B 102 10.82 4.84 40.61
N TRP B 103 9.57 5.24 40.43
CA TRP B 103 9.05 5.62 39.12
C TRP B 103 8.76 7.11 39.03
N SER B 104 7.92 7.62 39.92
CA SER B 104 7.69 9.06 40.01
C SER B 104 8.19 9.62 41.34
N ASN B 105 7.64 9.13 42.45
CA ASN B 105 8.02 9.59 43.78
C ASN B 105 7.95 11.10 43.89
N ARG B 106 6.87 11.69 43.37
CA ARG B 106 6.74 13.14 43.39
C ARG B 106 5.66 13.58 44.36
N ASN B 107 4.41 13.18 44.05
CA ASN B 107 3.27 13.52 44.87
C ASN B 107 2.04 13.03 44.16
N LEU B 108 0.86 13.24 44.73
CA LEU B 108 -0.36 12.87 44.04
C LEU B 108 -1.33 14.03 43.88
N SER B 109 -1.10 15.15 44.57
CA SER B 109 -1.93 16.33 44.41
C SER B 109 -1.37 17.32 43.40
N GLU B 110 -0.09 17.19 43.03
CA GLU B 110 0.49 18.09 42.05
C GLU B 110 0.62 17.46 40.67
N ILE B 111 0.84 16.15 40.58
CA ILE B 111 0.91 15.53 39.27
C ILE B 111 -0.45 15.52 38.60
N TRP B 112 -1.51 15.66 39.37
CA TRP B 112 -2.85 15.79 38.82
C TRP B 112 -3.30 17.24 38.71
N ASP B 113 -2.59 18.16 39.37
CA ASP B 113 -2.95 19.58 39.32
C ASP B 113 -1.83 20.48 38.81
N ASN B 114 -0.63 19.96 38.58
CA ASN B 114 0.45 20.80 38.08
C ASN B 114 1.31 20.06 37.07
N MET B 115 0.76 19.06 36.40
CA MET B 115 1.49 18.27 35.43
C MET B 115 0.58 17.92 34.28
N THR B 116 1.11 17.94 33.08
CA THR B 116 0.35 17.57 31.90
C THR B 116 0.70 16.15 31.47
N TRP B 117 -0.14 15.58 30.62
CA TRP B 117 0.09 14.20 30.18
C TRP B 117 1.36 14.09 29.34
N LEU B 118 1.65 15.10 28.53
CA LEU B 118 2.89 15.09 27.77
C LEU B 118 4.09 15.12 28.70
N GLN B 119 4.05 15.98 29.73
CA GLN B 119 5.12 16.02 30.71
C GLN B 119 5.26 14.70 31.44
N TRP B 120 4.13 14.08 31.77
CA TRP B 120 4.17 12.79 32.46
C TRP B 120 4.82 11.74 31.58
N ASP B 121 4.49 11.70 30.30
CA ASP B 121 5.09 10.71 29.42
C ASP B 121 6.57 10.98 29.25
N LYS B 122 6.96 12.25 29.22
CA LYS B 122 8.38 12.59 29.15
C LYS B 122 9.12 12.09 30.38
N GLU B 123 8.53 12.23 31.57
CA GLU B 123 9.25 11.88 32.79
C GLU B 123 9.16 10.38 33.08
N ILE B 124 8.12 9.72 32.57
CA ILE B 124 7.89 8.30 32.79
C ILE B 124 8.44 7.42 31.68
N SER B 125 8.66 7.96 30.48
CA SER B 125 9.15 7.14 29.38
C SER B 125 10.37 6.34 29.79
N ASN B 126 10.57 5.23 29.09
CA ASN B 126 11.64 4.24 29.32
C ASN B 126 11.45 3.55 30.66
N TYR B 127 10.35 3.86 31.34
CA TYR B 127 9.86 3.09 32.48
C TYR B 127 8.57 2.37 32.14
N THR B 128 7.99 2.66 30.97
CA THR B 128 6.68 2.12 30.61
C THR B 128 6.75 0.64 30.25
N GLN B 129 7.89 0.16 29.76
CA GLN B 129 8.00 -1.24 29.39
C GLN B 129 7.93 -2.15 30.61
N ILE B 130 8.62 -1.78 31.69
CA ILE B 130 8.54 -2.56 32.93
C ILE B 130 7.12 -2.59 33.44
N ILE B 131 6.44 -1.44 33.41
CA ILE B 131 5.06 -1.36 33.90
C ILE B 131 4.14 -2.22 33.05
N TYR B 132 4.34 -2.20 31.73
CA TYR B 132 3.52 -3.04 30.87
C TYR B 132 3.74 -4.51 31.18
N GLY B 133 4.98 -4.90 31.42
CA GLY B 133 5.24 -6.27 31.80
C GLY B 133 4.57 -6.65 33.11
N LEU B 134 4.63 -5.77 34.10
CA LEU B 134 3.96 -6.06 35.35
C LEU B 134 2.45 -6.17 35.16
N LEU B 135 1.87 -5.27 34.36
CA LEU B 135 0.44 -5.31 34.10
C LEU B 135 0.03 -6.61 33.40
N GLU B 136 0.82 -7.04 32.44
CA GLU B 136 0.52 -8.24 31.67
C GLU B 136 0.67 -9.50 32.51
N GLU B 137 1.76 -9.60 33.27
CA GLU B 137 1.98 -10.78 34.08
C GLU B 137 1.00 -10.86 35.24
N SER B 138 0.82 -9.76 35.96
CA SER B 138 -0.04 -9.75 37.12
C SER B 138 -1.48 -9.45 36.73
N GLN B 139 -2.40 -9.85 37.59
CA GLN B 139 -3.78 -9.38 37.56
C GLN B 139 -4.54 -9.92 36.35
N ASN B 140 -3.83 -10.49 35.38
CA ASN B 140 -4.52 -11.26 34.34
C ASN B 140 -3.99 -12.67 34.22
N GLN B 141 -2.68 -12.84 34.03
CA GLN B 141 -2.11 -14.18 34.04
C GLN B 141 -2.15 -14.79 35.42
N GLN B 142 -1.98 -13.97 36.46
CA GLN B 142 -2.01 -14.43 37.84
C GLN B 142 -3.40 -14.33 38.45
N GLU B 143 -4.40 -13.93 37.69
CA GLU B 143 -5.76 -13.87 38.20
C GLU B 143 -6.71 -14.78 37.44
N LYS B 144 -6.56 -14.89 36.12
CA LYS B 144 -7.41 -15.81 35.38
C LYS B 144 -7.19 -17.25 35.83
N ASN B 145 -5.93 -17.61 36.10
CA ASN B 145 -5.64 -18.95 36.61
C ASN B 145 -6.25 -19.15 37.99
N GLU B 146 -6.20 -18.13 38.85
CA GLU B 146 -6.75 -18.23 40.19
C GLU B 146 -8.27 -18.15 40.21
N GLN B 147 -8.89 -17.72 39.12
CA GLN B 147 -10.35 -17.69 39.04
C GLN B 147 -10.96 -19.08 39.14
N ASP B 148 -10.39 -20.07 38.45
CA ASP B 148 -10.94 -21.42 38.46
C ASP B 148 -10.13 -22.41 39.28
N LEU B 149 -9.03 -21.98 39.89
CA LEU B 149 -8.20 -22.87 40.69
C LEU B 149 -8.90 -23.26 41.99
N LEU C 4 -40.74 -3.42 26.38
CA LEU C 4 -40.09 -3.45 25.08
C LEU C 4 -38.80 -2.64 25.08
N TRP C 5 -37.70 -3.30 24.77
CA TRP C 5 -36.38 -2.66 24.73
C TRP C 5 -35.64 -3.10 23.49
N VAL C 6 -34.73 -2.24 23.03
CA VAL C 6 -33.98 -2.52 21.80
C VAL C 6 -33.03 -3.68 22.06
N THR C 7 -33.02 -4.63 21.14
CA THR C 7 -32.13 -5.78 21.21
C THR C 7 -31.36 -5.86 19.89
N VAL C 8 -30.05 -6.02 20.00
CA VAL C 8 -29.14 -5.97 18.87
C VAL C 8 -28.82 -7.39 18.43
N TYR C 9 -28.93 -7.65 17.13
CA TYR C 9 -28.64 -8.94 16.55
C TYR C 9 -27.53 -8.79 15.52
N TYR C 10 -26.54 -9.69 15.61
CA TYR C 10 -25.44 -9.81 14.68
C TYR C 10 -25.54 -11.15 13.98
N GLY C 11 -25.30 -11.16 12.68
CA GLY C 11 -25.56 -12.34 11.88
C GLY C 11 -26.91 -12.32 11.22
N VAL C 12 -27.55 -11.17 11.16
CA VAL C 12 -28.90 -11.05 10.63
C VAL C 12 -28.88 -11.23 9.12
N PRO C 13 -29.85 -11.93 8.55
CA PRO C 13 -29.89 -12.12 7.08
C PRO C 13 -30.67 -11.05 6.32
N VAL C 14 -30.07 -9.87 6.20
CA VAL C 14 -30.59 -8.81 5.35
C VAL C 14 -29.45 -8.26 4.52
N TRP C 15 -29.77 -7.81 3.31
CA TRP C 15 -28.78 -7.40 2.34
C TRP C 15 -29.27 -6.16 1.61
N LYS C 16 -28.34 -5.48 0.96
CA LYS C 16 -28.64 -4.31 0.15
C LYS C 16 -27.82 -4.33 -1.13
N ASP C 17 -28.36 -3.76 -2.19
CA ASP C 17 -27.65 -3.72 -3.46
C ASP C 17 -26.33 -3.00 -3.32
N ALA C 18 -25.29 -3.57 -3.93
CA ALA C 18 -23.95 -3.03 -3.85
C ALA C 18 -23.25 -3.13 -5.20
N GLU C 19 -22.10 -2.50 -5.29
CA GLU C 19 -21.25 -2.49 -6.48
C GLU C 19 -19.85 -2.82 -5.98
N THR C 20 -19.54 -4.10 -5.83
CA THR C 20 -18.28 -4.53 -5.27
C THR C 20 -17.39 -5.09 -6.36
N THR C 21 -16.25 -5.63 -5.94
CA THR C 21 -15.32 -6.27 -6.84
C THR C 21 -15.27 -7.77 -6.57
N LEU C 22 -15.44 -8.56 -7.61
CA LEU C 22 -15.43 -10.00 -7.52
C LEU C 22 -14.14 -10.53 -8.11
N PHE C 23 -13.77 -11.75 -7.74
CA PHE C 23 -12.52 -12.33 -8.19
C PHE C 23 -12.78 -13.58 -9.02
N CYS C 24 -11.72 -14.02 -9.71
CA CYS C 24 -11.78 -15.19 -10.58
C CYS C 24 -12.09 -16.46 -9.79
N ALA C 25 -12.52 -17.46 -10.53
CA ALA C 25 -12.54 -18.84 -10.07
C ALA C 25 -12.17 -19.78 -11.20
N SER C 26 -11.10 -19.43 -11.94
CA SER C 26 -10.69 -20.26 -13.07
C SER C 26 -10.37 -21.66 -12.60
N ASP C 27 -11.19 -22.62 -13.03
CA ASP C 27 -11.00 -24.01 -12.63
C ASP C 27 -9.69 -24.56 -13.17
N ALA C 28 -9.04 -25.40 -12.37
CA ALA C 28 -7.76 -25.98 -12.74
C ALA C 28 -7.94 -27.34 -13.40
N ALA C 43 -3.57 -15.48 -12.52
CA ALA C 43 -4.16 -14.43 -11.71
C ALA C 43 -5.59 -14.77 -11.32
N CYS C 44 -5.88 -16.07 -11.24
CA CYS C 44 -7.19 -16.56 -10.86
C CYS C 44 -7.01 -17.87 -10.10
N VAL C 45 -7.89 -18.13 -9.14
CA VAL C 45 -7.72 -19.24 -8.21
C VAL C 45 -8.66 -20.40 -8.55
N PRO C 46 -8.29 -21.63 -8.24
CA PRO C 46 -9.17 -22.77 -8.52
C PRO C 46 -10.40 -22.77 -7.63
N THR C 47 -11.45 -23.45 -8.10
CA THR C 47 -12.70 -23.50 -7.38
C THR C 47 -12.65 -24.54 -6.27
N ASP C 48 -13.77 -24.68 -5.57
CA ASP C 48 -13.98 -25.74 -4.58
C ASP C 48 -14.41 -27.00 -5.32
N PRO C 49 -14.57 -28.14 -4.63
CA PRO C 49 -15.12 -29.31 -5.33
C PRO C 49 -16.43 -29.04 -6.04
N ASN C 50 -17.30 -28.22 -5.47
CA ASN C 50 -18.53 -27.83 -6.14
C ASN C 50 -19.03 -26.51 -5.56
N PRO C 51 -19.40 -25.55 -6.41
CA PRO C 51 -19.96 -24.30 -5.89
C PRO C 51 -21.36 -24.52 -5.35
N GLN C 52 -21.46 -24.96 -4.10
CA GLN C 52 -22.75 -25.26 -3.50
C GLN C 52 -23.63 -24.02 -3.50
N GLU C 53 -24.90 -24.21 -3.78
CA GLU C 53 -25.88 -23.14 -3.70
C GLU C 53 -26.93 -23.47 -2.66
N ILE C 54 -27.53 -22.44 -2.09
CA ILE C 54 -28.61 -22.58 -1.12
C ILE C 54 -29.84 -21.85 -1.64
N HIS C 55 -30.94 -22.57 -1.77
CA HIS C 55 -32.17 -21.96 -2.27
C HIS C 55 -32.84 -21.18 -1.15
N LEU C 56 -33.14 -19.90 -1.39
CA LEU C 56 -33.79 -19.07 -0.39
C LEU C 56 -35.29 -19.16 -0.62
N GLU C 57 -36.00 -19.71 0.35
CA GLU C 57 -37.44 -19.87 0.22
C GLU C 57 -38.17 -18.58 0.55
N ASN C 58 -39.24 -18.32 -0.18
CA ASN C 58 -40.17 -17.22 0.09
C ASN C 58 -39.53 -15.85 -0.06
N VAL C 59 -38.58 -15.69 -0.98
CA VAL C 59 -37.87 -14.42 -1.14
C VAL C 59 -38.11 -13.89 -2.54
N THR C 60 -38.43 -12.60 -2.62
CA THR C 60 -38.64 -11.92 -3.90
C THR C 60 -37.66 -10.76 -3.99
N GLU C 61 -36.82 -10.79 -5.02
CA GLU C 61 -35.76 -9.81 -5.16
C GLU C 61 -35.89 -9.14 -6.52
N GLU C 62 -35.57 -7.85 -6.55
CA GLU C 62 -35.63 -7.07 -7.76
C GLU C 62 -34.32 -7.20 -8.53
N PHE C 63 -34.41 -7.67 -9.77
CA PHE C 63 -33.25 -7.82 -10.63
C PHE C 63 -33.30 -6.79 -11.75
N ASN C 64 -32.16 -6.28 -12.18
CA ASN C 64 -32.07 -5.44 -13.36
C ASN C 64 -30.70 -5.63 -13.90
N MET C 65 -30.65 -6.39 -14.97
CA MET C 65 -29.48 -6.70 -15.74
C MET C 65 -28.95 -5.58 -16.55
N TRP C 66 -29.52 -4.40 -16.49
CA TRP C 66 -29.02 -3.39 -17.33
C TRP C 66 -28.23 -2.45 -16.47
N LYS C 67 -28.35 -2.55 -15.18
CA LYS C 67 -27.51 -1.77 -14.28
C LYS C 67 -26.53 -2.67 -13.53
N ASN C 68 -26.35 -3.90 -14.00
CA ASN C 68 -25.48 -4.85 -13.33
C ASN C 68 -24.03 -4.42 -13.48
N ASN C 69 -23.32 -4.39 -12.36
CA ASN C 69 -21.90 -4.06 -12.36
C ASN C 69 -21.02 -5.21 -12.81
N MET C 70 -21.55 -6.43 -12.75
CA MET C 70 -20.76 -7.59 -13.18
C MET C 70 -20.45 -7.51 -14.67
N VAL C 71 -21.39 -6.99 -15.47
CA VAL C 71 -21.16 -6.91 -16.91
C VAL C 71 -20.12 -5.87 -17.28
N GLU C 72 -19.77 -4.98 -16.34
CA GLU C 72 -18.74 -3.99 -16.58
C GLU C 72 -17.39 -4.47 -16.07
N GLN C 73 -17.37 -5.04 -14.87
CA GLN C 73 -16.14 -5.61 -14.37
C GLN C 73 -15.67 -6.74 -15.27
N MET C 74 -16.58 -7.58 -15.75
CA MET C 74 -16.16 -8.66 -16.64
C MET C 74 -15.54 -8.10 -17.91
N HIS C 75 -16.09 -7.01 -18.43
CA HIS C 75 -15.48 -6.34 -19.58
C HIS C 75 -14.04 -5.94 -19.27
N THR C 76 -13.82 -5.25 -18.16
CA THR C 76 -12.47 -4.79 -17.83
C THR C 76 -11.53 -5.96 -17.56
N ASP C 77 -11.98 -6.99 -16.84
CA ASP C 77 -11.17 -8.19 -16.65
C ASP C 77 -10.79 -8.84 -17.97
N ILE C 78 -11.73 -8.99 -18.89
CA ILE C 78 -11.41 -9.70 -20.12
C ILE C 78 -10.44 -8.89 -20.97
N ILE C 79 -10.62 -7.56 -21.01
CA ILE C 79 -9.66 -6.72 -21.71
C ILE C 79 -8.28 -6.86 -21.10
N SER C 80 -8.21 -6.91 -19.76
CA SER C 80 -6.91 -6.96 -19.11
C SER C 80 -6.21 -8.30 -19.32
N LEU C 81 -6.96 -9.41 -19.23
CA LEU C 81 -6.35 -10.70 -19.54
C LEU C 81 -5.90 -10.78 -20.99
N TRP C 82 -6.67 -10.19 -21.90
CA TRP C 82 -6.24 -10.15 -23.28
C TRP C 82 -4.95 -9.36 -23.43
N ASP C 83 -4.81 -8.26 -22.70
CA ASP C 83 -3.58 -7.47 -22.76
C ASP C 83 -2.41 -8.25 -22.17
N GLN C 84 -2.63 -8.98 -21.08
CA GLN C 84 -1.54 -9.67 -20.40
C GLN C 84 -0.93 -10.77 -21.25
N SER C 85 -1.75 -11.50 -22.00
CA SER C 85 -1.23 -12.56 -22.84
C SER C 85 -0.42 -12.04 -24.01
N LEU C 86 -0.46 -10.73 -24.26
CA LEU C 86 0.24 -10.12 -25.37
C LEU C 86 1.47 -9.34 -24.93
N LYS C 87 1.77 -9.32 -23.64
CA LYS C 87 2.99 -8.68 -23.16
C LYS C 87 4.26 -9.42 -23.59
N PRO C 88 4.38 -10.73 -23.37
CA PRO C 88 5.64 -11.41 -23.67
C PRO C 88 5.82 -11.80 -25.13
N CYS C 89 5.04 -11.23 -26.04
CA CYS C 89 5.03 -11.66 -27.42
C CYS C 89 5.70 -10.62 -28.32
N VAL C 90 5.97 -11.03 -29.55
CA VAL C 90 6.78 -10.21 -30.46
C VAL C 90 6.01 -8.97 -30.88
N LYS C 91 6.73 -7.87 -31.04
CA LYS C 91 6.16 -6.61 -31.51
C LYS C 91 6.62 -6.37 -32.94
N LEU C 92 5.69 -6.46 -33.88
CA LEU C 92 6.03 -6.41 -35.31
C LEU C 92 6.24 -4.96 -35.73
N THR C 93 7.32 -4.38 -35.22
CA THR C 93 7.74 -3.06 -35.63
C THR C 93 8.42 -3.12 -37.00
N PRO C 94 9.33 -4.06 -37.26
CA PRO C 94 9.92 -4.14 -38.60
C PRO C 94 8.91 -4.45 -39.69
N LEU C 95 7.76 -5.03 -39.35
CA LEU C 95 6.77 -5.35 -40.37
C LEU C 95 6.25 -4.12 -41.08
N CYS C 96 6.40 -2.94 -40.50
CA CYS C 96 5.93 -1.71 -41.11
C CYS C 96 6.96 -1.23 -42.13
N VAL C 97 6.89 -1.84 -43.31
CA VAL C 97 7.80 -1.52 -44.40
C VAL C 97 7.00 -1.42 -45.69
N THR C 98 7.69 -1.08 -46.77
CA THR C 98 7.07 -0.99 -48.07
C THR C 98 6.98 -2.37 -48.71
N LEU C 99 5.76 -2.82 -48.95
CA LEU C 99 5.53 -4.12 -49.56
C LEU C 99 5.20 -3.98 -51.04
N GLN C 100 5.87 -4.78 -51.86
CA GLN C 100 5.58 -4.87 -53.28
C GLN C 100 4.68 -6.09 -53.47
N CYS C 101 3.41 -5.85 -53.75
CA CYS C 101 2.42 -6.90 -53.80
C CYS C 101 1.85 -7.04 -55.21
N THR C 102 1.67 -8.29 -55.63
CA THR C 102 1.00 -8.64 -56.87
C THR C 102 -0.22 -9.50 -56.54
N ASN C 103 -1.06 -9.76 -57.53
CA ASN C 103 -2.22 -10.60 -57.29
C ASN C 103 -1.84 -12.07 -57.26
N VAL C 104 -2.63 -12.85 -56.53
CA VAL C 104 -2.30 -14.26 -56.33
C VAL C 104 -2.42 -15.03 -57.64
N THR C 105 -3.47 -14.76 -58.43
CA THR C 105 -3.68 -15.31 -59.78
C THR C 105 -3.42 -16.81 -59.87
N ASN C 106 -3.51 -17.50 -58.74
CA ASN C 106 -3.33 -18.94 -58.66
C ASN C 106 -4.64 -19.60 -59.10
N ASN C 107 -4.81 -20.88 -58.80
CA ASN C 107 -6.05 -21.55 -59.16
C ASN C 107 -7.19 -21.00 -58.31
N ILE C 108 -7.60 -19.77 -58.60
CA ILE C 108 -8.57 -19.06 -57.79
C ILE C 108 -9.96 -19.32 -58.34
N THR C 109 -10.96 -19.06 -57.50
CA THR C 109 -12.34 -18.96 -57.95
C THR C 109 -12.63 -17.49 -58.26
N ASP C 110 -13.83 -17.20 -58.74
CA ASP C 110 -14.16 -15.82 -59.09
C ASP C 110 -14.49 -14.96 -57.87
N ASP C 111 -14.88 -15.56 -56.76
CA ASP C 111 -15.15 -14.80 -55.54
C ASP C 111 -13.90 -14.51 -54.74
N MET C 112 -12.81 -15.25 -54.99
CA MET C 112 -11.50 -14.98 -54.43
C MET C 112 -10.57 -14.34 -55.44
N ARG C 113 -11.07 -13.39 -56.21
CA ARG C 113 -10.22 -12.58 -57.08
C ARG C 113 -9.83 -11.31 -56.34
N GLY C 114 -8.54 -11.19 -56.03
CA GLY C 114 -8.02 -10.00 -55.41
C GLY C 114 -8.07 -9.98 -53.90
N GLU C 115 -8.68 -10.98 -53.27
CA GLU C 115 -8.77 -10.95 -51.81
C GLU C 115 -7.41 -11.20 -51.17
N LEU C 116 -6.59 -12.05 -51.79
CA LEU C 116 -5.25 -12.31 -51.29
C LEU C 116 -4.22 -11.67 -52.21
N LYS C 117 -3.11 -11.22 -51.63
CA LYS C 117 -2.04 -10.57 -52.36
C LYS C 117 -0.73 -11.23 -51.96
N ASN C 118 0.19 -11.31 -52.92
CA ASN C 118 1.50 -11.90 -52.75
C ASN C 118 2.50 -10.76 -52.63
N CYS C 119 3.05 -10.56 -51.43
CA CYS C 119 3.85 -9.38 -51.15
C CYS C 119 5.29 -9.78 -50.86
N SER C 120 6.22 -9.05 -51.47
CA SER C 120 7.64 -9.22 -51.24
C SER C 120 8.15 -7.95 -50.56
N PHE C 121 9.08 -8.14 -49.63
CA PHE C 121 9.45 -7.08 -48.71
C PHE C 121 10.77 -7.47 -48.05
N ASN C 122 11.32 -6.54 -47.27
CA ASN C 122 12.67 -6.67 -46.73
C ASN C 122 12.59 -6.61 -45.21
N MET C 123 13.12 -7.62 -44.54
CA MET C 123 13.10 -7.68 -43.08
C MET C 123 14.48 -7.81 -42.45
N THR C 124 14.57 -7.27 -41.25
CA THR C 124 15.79 -7.35 -40.45
C THR C 124 16.06 -8.80 -40.08
N THR C 125 17.33 -9.18 -40.11
CA THR C 125 17.74 -10.52 -39.74
C THR C 125 18.13 -10.56 -38.27
N GLU C 126 18.64 -11.70 -37.83
CA GLU C 126 19.24 -11.77 -36.49
C GLU C 126 20.44 -10.83 -36.39
N LEU C 127 21.25 -10.79 -37.43
CA LEU C 127 22.39 -9.89 -37.49
C LEU C 127 21.93 -8.54 -37.98
N ARG C 128 22.32 -7.49 -37.26
CA ARG C 128 21.76 -6.16 -37.48
C ARG C 128 22.18 -5.54 -38.80
N ASP C 129 23.30 -5.96 -39.38
CA ASP C 129 23.80 -5.36 -40.61
C ASP C 129 23.32 -6.03 -41.88
N LYS C 130 22.52 -7.09 -41.76
CA LYS C 130 22.04 -7.83 -42.91
C LYS C 130 20.53 -7.72 -43.01
N LYS C 131 20.02 -7.76 -44.25
CA LYS C 131 18.60 -7.71 -44.50
C LYS C 131 18.21 -8.82 -45.46
N GLN C 132 17.06 -9.42 -45.22
CA GLN C 132 16.59 -10.55 -46.00
C GLN C 132 15.35 -10.16 -46.80
N LYS C 133 15.30 -10.62 -48.05
CA LYS C 133 14.13 -10.43 -48.90
C LYS C 133 13.20 -11.61 -48.71
N VAL C 134 11.96 -11.35 -48.31
CA VAL C 134 10.99 -12.37 -47.98
C VAL C 134 9.68 -12.06 -48.68
N TYR C 135 8.77 -13.03 -48.62
CA TYR C 135 7.43 -12.88 -49.19
C TYR C 135 6.41 -13.46 -48.23
N SER C 136 5.18 -12.96 -48.34
CA SER C 136 4.07 -13.47 -47.55
C SER C 136 2.77 -13.18 -48.27
N LEU C 137 1.74 -13.93 -47.92
CA LEU C 137 0.41 -13.76 -48.49
C LEU C 137 -0.45 -12.98 -47.51
N PHE C 138 -0.92 -11.82 -47.92
CA PHE C 138 -1.71 -10.94 -47.07
C PHE C 138 -3.12 -10.78 -47.64
N TYR C 139 -4.10 -10.92 -46.78
CA TYR C 139 -5.47 -10.64 -47.18
C TYR C 139 -5.63 -9.15 -47.51
N ARG C 140 -6.61 -8.85 -48.35
CA ARG C 140 -6.78 -7.49 -48.84
C ARG C 140 -7.12 -6.52 -47.72
N LEU C 141 -7.81 -6.96 -46.68
CA LEU C 141 -8.23 -6.07 -45.61
C LEU C 141 -7.07 -5.61 -44.73
N ASP C 142 -5.88 -6.18 -44.89
CA ASP C 142 -4.73 -5.82 -44.08
C ASP C 142 -3.76 -4.89 -44.79
N VAL C 143 -3.83 -4.78 -46.10
CA VAL C 143 -2.92 -3.95 -46.87
C VAL C 143 -3.69 -2.76 -47.44
N VAL C 144 -3.02 -1.62 -47.50
CA VAL C 144 -3.56 -0.39 -48.08
C VAL C 144 -2.51 0.18 -49.02
N GLN C 145 -2.96 0.64 -50.18
CA GLN C 145 -2.03 1.07 -51.22
C GLN C 145 -1.52 2.48 -50.96
N ILE C 146 -0.24 2.69 -51.21
CA ILE C 146 0.35 4.02 -51.11
C ILE C 146 0.82 4.48 -52.50
N LYS C 159 1.80 -0.71 -57.27
CA LYS C 159 1.98 -2.04 -56.69
C LYS C 159 2.59 -1.96 -55.29
N GLU C 160 2.75 -0.75 -54.77
CA GLU C 160 3.35 -0.55 -53.46
C GLU C 160 2.24 -0.39 -52.42
N TYR C 161 2.26 -1.25 -51.41
CA TYR C 161 1.29 -1.26 -50.34
C TYR C 161 2.00 -1.13 -48.99
N ARG C 162 1.21 -1.07 -47.93
CA ARG C 162 1.72 -1.14 -46.57
C ARG C 162 0.60 -1.67 -45.67
N LEU C 163 0.99 -2.28 -44.56
CA LEU C 163 0.00 -2.82 -43.64
C LEU C 163 -0.86 -1.69 -43.09
N ILE C 164 -2.14 -1.99 -42.89
CA ILE C 164 -3.13 -0.96 -42.58
C ILE C 164 -2.87 -0.30 -41.24
N ASN C 165 -2.04 -0.90 -40.40
CA ASN C 165 -1.83 -0.41 -39.04
C ASN C 165 -0.66 0.55 -38.91
N CYS C 166 0.20 0.64 -39.92
CA CYS C 166 1.42 1.44 -39.80
C CYS C 166 1.11 2.90 -39.55
N ASN C 167 -0.11 3.34 -39.83
CA ASN C 167 -0.52 4.70 -39.54
C ASN C 167 -0.79 4.92 -38.07
N THR C 168 -1.19 3.87 -37.35
CA THR C 168 -1.70 3.99 -35.99
C THR C 168 -0.80 3.38 -34.93
N SER C 169 -0.29 2.17 -35.15
CA SER C 169 0.56 1.52 -34.16
C SER C 169 1.27 0.35 -34.83
N ALA C 170 2.17 -0.28 -34.09
CA ALA C 170 2.86 -1.48 -34.53
C ALA C 170 2.23 -2.67 -33.81
N CYS C 171 1.77 -3.65 -34.55
CA CYS C 171 1.02 -4.69 -33.97
C CYS C 171 1.78 -5.68 -33.21
N THR C 172 1.16 -6.18 -32.19
CA THR C 172 1.81 -7.19 -31.36
C THR C 172 1.34 -8.57 -31.77
N GLN C 173 2.25 -9.34 -32.37
CA GLN C 173 1.93 -10.70 -32.79
C GLN C 173 1.65 -11.58 -31.58
N ALA C 174 0.66 -12.45 -31.71
CA ALA C 174 0.35 -13.37 -30.62
C ALA C 174 1.43 -14.45 -30.53
N CYS C 175 1.74 -14.83 -29.31
CA CYS C 175 2.63 -15.96 -29.12
C CYS C 175 1.95 -17.20 -29.68
N PRO C 176 2.63 -17.99 -30.49
CA PRO C 176 1.96 -19.09 -31.20
C PRO C 176 1.40 -20.16 -30.27
N LYS C 177 1.84 -20.16 -29.02
CA LYS C 177 1.38 -21.16 -28.07
C LYS C 177 0.07 -20.76 -27.41
N VAL C 178 -0.07 -19.48 -27.04
CA VAL C 178 -1.28 -19.00 -26.39
C VAL C 178 -2.46 -19.16 -27.32
N SER C 179 -3.54 -19.76 -26.81
CA SER C 179 -4.74 -20.03 -27.59
C SER C 179 -5.82 -19.01 -27.31
N PHE C 180 -6.76 -18.90 -28.24
CA PHE C 180 -7.90 -18.00 -28.12
C PHE C 180 -9.17 -18.72 -27.69
N GLU C 181 -9.04 -19.92 -27.14
CA GLU C 181 -10.21 -20.64 -26.65
C GLU C 181 -10.82 -19.90 -25.47
N PRO C 182 -12.14 -19.77 -25.42
CA PRO C 182 -12.78 -19.19 -24.24
C PRO C 182 -12.91 -20.22 -23.12
N ILE C 183 -12.08 -20.07 -22.10
CA ILE C 183 -12.09 -21.02 -20.99
C ILE C 183 -13.05 -20.53 -19.91
N PRO C 184 -13.76 -21.42 -19.23
CA PRO C 184 -14.78 -20.98 -18.26
C PRO C 184 -14.16 -20.25 -17.09
N ILE C 185 -14.79 -19.16 -16.70
CA ILE C 185 -14.40 -18.40 -15.51
C ILE C 185 -15.64 -18.20 -14.64
N HIS C 186 -15.44 -18.20 -13.34
CA HIS C 186 -16.49 -17.93 -12.37
C HIS C 186 -16.10 -16.75 -11.52
N TYR C 187 -17.06 -15.88 -11.24
CA TYR C 187 -16.81 -14.66 -10.47
C TYR C 187 -17.33 -14.88 -9.05
N CYS C 188 -16.42 -14.90 -8.07
CA CYS C 188 -16.78 -15.17 -6.68
C CYS C 188 -16.68 -13.90 -5.85
N ALA C 189 -17.74 -13.61 -5.10
CA ALA C 189 -17.83 -12.44 -4.25
C ALA C 189 -17.01 -12.62 -2.98
N PRO C 190 -16.45 -11.55 -2.45
CA PRO C 190 -15.62 -11.67 -1.24
C PRO C 190 -16.45 -11.90 0.00
N ALA C 191 -15.82 -11.88 1.16
CA ALA C 191 -16.55 -11.97 2.41
C ALA C 191 -17.42 -10.74 2.60
N GLY C 192 -18.61 -10.95 3.15
CA GLY C 192 -19.54 -9.85 3.35
C GLY C 192 -20.36 -9.49 2.14
N PHE C 193 -20.23 -10.21 1.04
CA PHE C 193 -21.06 -10.05 -0.13
C PHE C 193 -21.61 -11.41 -0.53
N ALA C 194 -22.73 -11.40 -1.22
CA ALA C 194 -23.35 -12.62 -1.70
C ALA C 194 -23.77 -12.43 -3.15
N ILE C 195 -23.90 -13.55 -3.86
CA ILE C 195 -24.39 -13.54 -5.23
C ILE C 195 -25.75 -14.23 -5.26
N LEU C 196 -26.73 -13.49 -5.76
CA LEU C 196 -28.10 -13.98 -5.87
C LEU C 196 -28.37 -14.39 -7.30
N LYS C 197 -28.86 -15.60 -7.48
CA LYS C 197 -29.20 -16.18 -8.76
C LYS C 197 -30.71 -16.29 -8.88
N CYS C 198 -31.25 -15.77 -9.98
CA CYS C 198 -32.67 -15.86 -10.28
C CYS C 198 -32.93 -17.16 -11.02
N LYS C 199 -33.67 -18.06 -10.40
CA LYS C 199 -34.02 -19.34 -11.02
C LYS C 199 -35.35 -19.28 -11.72
N ASP C 200 -36.02 -18.12 -11.71
CA ASP C 200 -37.31 -17.99 -12.36
C ASP C 200 -37.15 -18.21 -13.85
N LYS C 201 -38.00 -19.08 -14.41
CA LYS C 201 -37.83 -19.45 -15.81
C LYS C 201 -38.26 -18.34 -16.74
N LYS C 202 -39.39 -17.69 -16.45
CA LYS C 202 -39.96 -16.70 -17.36
C LYS C 202 -39.37 -15.30 -17.15
N PHE C 203 -38.21 -15.22 -16.49
CA PHE C 203 -37.62 -13.93 -16.12
C PHE C 203 -37.17 -13.17 -17.35
N ASN C 204 -37.63 -11.93 -17.48
CA ASN C 204 -37.37 -11.13 -18.67
C ASN C 204 -36.24 -10.14 -18.48
N GLY C 205 -35.51 -10.21 -17.38
CA GLY C 205 -34.36 -9.38 -17.17
C GLY C 205 -34.56 -8.20 -16.25
N THR C 206 -35.80 -7.83 -15.95
CA THR C 206 -36.05 -6.68 -15.09
C THR C 206 -37.31 -6.94 -14.27
N GLY C 207 -37.20 -6.79 -12.96
CA GLY C 207 -38.35 -6.89 -12.10
C GLY C 207 -38.19 -7.91 -11.00
N PRO C 208 -39.29 -8.32 -10.40
CA PRO C 208 -39.23 -9.28 -9.30
C PRO C 208 -38.93 -10.68 -9.79
N CYS C 209 -38.18 -11.42 -8.97
CA CYS C 209 -37.84 -12.81 -9.26
C CYS C 209 -38.28 -13.68 -8.09
N PRO C 210 -39.39 -14.42 -8.23
CA PRO C 210 -39.88 -15.22 -7.09
C PRO C 210 -38.92 -16.31 -6.62
N SER C 211 -38.15 -16.92 -7.51
CA SER C 211 -37.29 -18.05 -7.14
C SER C 211 -35.85 -17.56 -7.10
N VAL C 212 -35.28 -17.48 -5.91
CA VAL C 212 -33.95 -16.92 -5.71
C VAL C 212 -33.10 -17.92 -4.95
N SER C 213 -31.85 -18.07 -5.37
CA SER C 213 -30.88 -18.84 -4.63
C SER C 213 -29.65 -17.98 -4.37
N THR C 214 -28.84 -18.37 -3.41
CA THR C 214 -27.57 -17.72 -3.17
C THR C 214 -26.45 -18.70 -3.50
N VAL C 215 -25.50 -18.25 -4.30
CA VAL C 215 -24.42 -19.11 -4.74
C VAL C 215 -23.12 -18.54 -4.22
N GLN C 216 -22.17 -19.43 -3.92
CA GLN C 216 -20.84 -18.97 -3.58
C GLN C 216 -20.23 -18.18 -4.72
N CYS C 217 -20.41 -18.68 -5.95
CA CYS C 217 -20.11 -17.91 -7.15
C CYS C 217 -20.67 -18.58 -8.39
N THR C 218 -20.53 -17.88 -9.51
CA THR C 218 -21.28 -18.17 -10.72
C THR C 218 -20.84 -19.49 -11.34
N HIS C 219 -21.68 -19.99 -12.23
CA HIS C 219 -21.32 -21.17 -13.00
C HIS C 219 -20.28 -20.78 -14.04
N GLY C 220 -19.73 -21.80 -14.69
CA GLY C 220 -18.74 -21.57 -15.72
C GLY C 220 -19.25 -20.70 -16.83
N ILE C 221 -18.72 -19.49 -16.93
CA ILE C 221 -19.15 -18.53 -17.94
C ILE C 221 -18.02 -18.44 -18.96
N LYS C 222 -18.36 -18.48 -20.24
CA LYS C 222 -17.34 -18.52 -21.28
C LYS C 222 -17.25 -17.18 -21.98
N PRO C 223 -16.11 -16.51 -21.96
CA PRO C 223 -15.98 -15.20 -22.61
C PRO C 223 -15.89 -15.31 -24.12
N VAL C 224 -17.00 -15.67 -24.75
CA VAL C 224 -17.03 -15.86 -26.19
C VAL C 224 -17.21 -14.51 -26.86
N VAL C 225 -16.27 -14.15 -27.72
CA VAL C 225 -16.27 -12.86 -28.39
C VAL C 225 -16.94 -13.05 -29.75
N SER C 226 -18.11 -12.46 -29.92
CA SER C 226 -18.81 -12.54 -31.20
C SER C 226 -19.73 -11.34 -31.32
N THR C 227 -20.14 -11.08 -32.55
CA THR C 227 -21.08 -10.02 -32.86
C THR C 227 -22.20 -10.57 -33.72
N GLN C 228 -23.40 -10.01 -33.52
CA GLN C 228 -24.59 -10.30 -34.33
C GLN C 228 -25.17 -11.68 -34.04
N LEU C 229 -24.45 -12.50 -33.29
CA LEU C 229 -24.82 -13.90 -33.10
C LEU C 229 -24.08 -14.41 -31.87
N LEU C 230 -24.83 -14.82 -30.85
CA LEU C 230 -24.24 -15.39 -29.67
C LEU C 230 -23.93 -16.85 -29.92
N LEU C 231 -22.70 -17.26 -29.64
CA LEU C 231 -22.21 -18.58 -30.00
C LEU C 231 -21.91 -19.40 -28.75
N ASN C 232 -22.18 -20.71 -28.86
CA ASN C 232 -22.02 -21.71 -27.82
C ASN C 232 -22.30 -21.17 -26.42
N GLY C 233 -23.43 -20.48 -26.25
CA GLY C 233 -23.83 -19.92 -24.98
C GLY C 233 -24.78 -20.81 -24.22
N SER C 234 -25.65 -20.18 -23.45
CA SER C 234 -26.61 -20.87 -22.61
C SER C 234 -28.02 -20.68 -23.17
N LEU C 235 -28.78 -21.77 -23.23
CA LEU C 235 -30.11 -21.77 -23.82
C LEU C 235 -31.16 -21.48 -22.77
N ALA C 236 -32.31 -20.99 -23.25
CA ALA C 236 -33.48 -20.81 -22.39
C ALA C 236 -34.25 -22.12 -22.28
N GLU C 237 -35.32 -22.10 -21.50
CA GLU C 237 -36.16 -23.26 -21.29
C GLU C 237 -37.59 -22.95 -21.71
N GLU C 238 -38.14 -23.81 -22.57
CA GLU C 238 -39.57 -23.84 -22.87
C GLU C 238 -40.06 -22.67 -23.70
N GLU C 239 -39.22 -21.67 -23.95
CA GLU C 239 -39.62 -20.55 -24.80
C GLU C 239 -38.39 -19.74 -25.17
N VAL C 240 -38.51 -18.99 -26.25
CA VAL C 240 -37.45 -18.09 -26.72
C VAL C 240 -37.65 -16.75 -26.05
N MET C 241 -36.62 -16.24 -25.40
CA MET C 241 -36.74 -15.08 -24.55
C MET C 241 -36.27 -13.82 -25.25
N ILE C 242 -36.90 -12.70 -24.91
CA ILE C 242 -36.67 -11.43 -25.60
C ILE C 242 -36.49 -10.36 -24.54
N ARG C 243 -35.35 -9.68 -24.56
CA ARG C 243 -34.96 -8.79 -23.49
C ARG C 243 -34.53 -7.44 -24.03
N SER C 244 -34.87 -6.38 -23.31
CA SER C 244 -34.47 -5.04 -23.73
C SER C 244 -34.61 -4.08 -22.55
N GLU C 245 -33.72 -3.10 -22.48
CA GLU C 245 -33.86 -2.05 -21.48
C GLU C 245 -35.16 -1.28 -21.68
N ASN C 246 -35.60 -1.15 -22.93
CA ASN C 246 -36.81 -0.39 -23.25
C ASN C 246 -37.30 -0.92 -24.59
N ILE C 247 -38.34 -1.75 -24.57
CA ILE C 247 -38.78 -2.41 -25.80
C ILE C 247 -39.29 -1.39 -26.81
N THR C 248 -39.76 -0.24 -26.34
CA THR C 248 -40.29 0.79 -27.22
C THR C 248 -39.22 1.75 -27.72
N ASN C 249 -38.02 1.70 -27.15
CA ASN C 249 -36.94 2.57 -27.57
C ASN C 249 -36.12 1.87 -28.64
N ASN C 250 -36.11 2.44 -29.84
CA ASN C 250 -35.41 1.82 -30.96
C ASN C 250 -33.89 1.89 -30.83
N ALA C 251 -33.37 2.65 -29.88
CA ALA C 251 -31.93 2.81 -29.74
C ALA C 251 -31.31 1.81 -28.78
N LYS C 252 -32.09 0.89 -28.23
CA LYS C 252 -31.58 -0.12 -27.31
C LYS C 252 -31.65 -1.48 -27.96
N ASN C 253 -30.53 -2.19 -27.97
CA ASN C 253 -30.45 -3.48 -28.65
C ASN C 253 -31.33 -4.51 -27.96
N ILE C 254 -31.98 -5.34 -28.76
CA ILE C 254 -32.81 -6.43 -28.25
C ILE C 254 -31.96 -7.68 -28.18
N LEU C 255 -32.02 -8.36 -27.04
CA LEU C 255 -31.32 -9.63 -26.85
C LEU C 255 -32.31 -10.76 -27.01
N VAL C 256 -32.03 -11.67 -27.94
CA VAL C 256 -32.88 -12.84 -28.16
C VAL C 256 -32.12 -14.07 -27.72
N GLN C 257 -32.76 -14.87 -26.88
CA GLN C 257 -32.19 -16.09 -26.33
C GLN C 257 -32.99 -17.27 -26.86
N PHE C 258 -32.29 -18.23 -27.47
CA PHE C 258 -32.93 -19.30 -28.21
C PHE C 258 -33.33 -20.44 -27.29
N ASN C 259 -34.42 -21.11 -27.64
CA ASN C 259 -34.83 -22.31 -26.90
C ASN C 259 -33.93 -23.48 -27.28
N THR C 260 -33.70 -23.67 -28.57
CA THR C 260 -32.86 -24.74 -29.09
C THR C 260 -31.73 -24.14 -29.91
N PRO C 261 -30.56 -24.75 -29.88
CA PRO C 261 -29.41 -24.20 -30.62
C PRO C 261 -29.58 -24.35 -32.12
N VAL C 262 -28.96 -23.42 -32.84
CA VAL C 262 -28.92 -23.48 -34.31
C VAL C 262 -27.45 -23.61 -34.68
N GLN C 263 -27.05 -24.78 -35.16
CA GLN C 263 -25.62 -25.06 -35.24
C GLN C 263 -25.02 -24.52 -36.52
N ILE C 264 -23.91 -23.82 -36.38
CA ILE C 264 -23.12 -23.27 -37.50
C ILE C 264 -21.91 -24.15 -37.72
N ASN C 265 -21.63 -24.46 -38.98
CA ASN C 265 -20.41 -25.12 -39.41
C ASN C 265 -19.58 -24.13 -40.21
N CYS C 266 -18.44 -23.72 -39.69
CA CYS C 266 -17.60 -22.73 -40.34
C CYS C 266 -16.26 -23.35 -40.73
N THR C 267 -15.87 -23.17 -41.99
CA THR C 267 -14.64 -23.77 -42.49
C THR C 267 -13.86 -22.76 -43.32
N ARG C 268 -12.55 -23.02 -43.39
CA ARG C 268 -11.64 -22.31 -44.28
C ARG C 268 -10.90 -23.33 -45.14
N PRO C 269 -11.43 -23.65 -46.32
CA PRO C 269 -10.85 -24.69 -47.18
C PRO C 269 -9.63 -24.23 -47.96
N ASN C 270 -8.61 -23.76 -47.24
CA ASN C 270 -7.51 -22.99 -47.80
C ASN C 270 -6.19 -23.51 -47.23
N ASN C 271 -5.93 -24.81 -47.41
CA ASN C 271 -4.79 -25.48 -46.81
C ASN C 271 -3.56 -24.58 -46.83
N ASN C 272 -3.07 -24.22 -45.66
CA ASN C 272 -2.09 -23.15 -45.51
C ASN C 272 -0.77 -23.70 -44.98
N THR C 273 0.25 -22.86 -45.09
CA THR C 273 1.59 -23.18 -44.62
C THR C 273 2.17 -21.95 -43.97
N ARG C 274 2.47 -22.02 -42.68
CA ARG C 274 3.14 -20.93 -42.00
C ARG C 274 4.65 -21.17 -42.04
N LYS C 275 5.40 -20.13 -42.37
CA LYS C 275 6.85 -20.16 -42.32
C LYS C 275 7.32 -19.13 -41.31
N SER C 276 8.33 -19.50 -40.53
CA SER C 276 8.89 -18.58 -39.55
C SER C 276 10.01 -17.77 -40.19
N ILE C 277 10.00 -16.47 -39.94
CA ILE C 277 11.02 -15.55 -40.42
C ILE C 277 11.71 -14.95 -39.21
N ARG C 278 13.03 -15.09 -39.14
CA ARG C 278 13.78 -14.61 -37.99
C ARG C 278 14.00 -13.12 -38.15
N ILE C 279 13.21 -12.31 -37.43
CA ILE C 279 13.26 -10.86 -37.59
C ILE C 279 14.10 -10.17 -36.55
N GLY C 280 14.80 -10.92 -35.70
CA GLY C 280 15.65 -10.33 -34.70
C GLY C 280 16.29 -11.38 -33.80
N PRO C 281 17.00 -10.93 -32.79
CA PRO C 281 17.64 -11.87 -31.86
C PRO C 281 16.65 -12.58 -30.97
N GLY C 282 16.05 -13.65 -31.48
CA GLY C 282 15.08 -14.42 -30.73
C GLY C 282 13.64 -14.15 -31.11
N GLN C 283 13.40 -13.36 -32.15
CA GLN C 283 12.06 -13.00 -32.56
C GLN C 283 11.72 -13.65 -33.90
N ALA C 284 10.59 -14.33 -33.95
CA ALA C 284 10.11 -15.00 -35.14
C ALA C 284 8.76 -14.43 -35.55
N PHE C 285 8.58 -14.22 -36.84
CA PHE C 285 7.32 -13.77 -37.41
C PHE C 285 6.79 -14.86 -38.32
N TYR C 286 5.56 -15.29 -38.07
CA TYR C 286 4.96 -16.38 -38.82
C TYR C 286 4.16 -15.80 -39.97
N ALA C 287 4.53 -16.16 -41.19
CA ALA C 287 3.96 -15.60 -42.40
C ALA C 287 3.33 -16.70 -43.25
N THR C 288 2.27 -16.34 -43.96
CA THR C 288 1.61 -17.28 -44.84
C THR C 288 2.54 -17.65 -45.98
N GLY C 289 2.65 -18.96 -46.23
CA GLY C 289 3.53 -19.42 -47.28
C GLY C 289 2.79 -19.59 -48.59
N ASP C 290 2.70 -20.83 -49.04
CA ASP C 290 2.04 -21.18 -50.30
C ASP C 290 0.80 -21.99 -49.98
N ILE C 291 -0.33 -21.59 -50.57
CA ILE C 291 -1.56 -22.36 -50.40
C ILE C 291 -1.53 -23.51 -51.40
N ILE C 292 -1.30 -24.71 -50.91
CA ILE C 292 -1.25 -25.89 -51.76
C ILE C 292 -2.67 -26.32 -52.08
N GLY C 293 -2.97 -26.46 -53.37
CA GLY C 293 -4.32 -26.72 -53.82
C GLY C 293 -4.97 -25.46 -54.37
N ASP C 294 -6.29 -25.48 -54.46
CA ASP C 294 -7.04 -24.31 -54.90
C ASP C 294 -7.41 -23.46 -53.70
N ILE C 295 -7.88 -22.24 -53.96
CA ILE C 295 -8.30 -21.32 -52.91
C ILE C 295 -9.76 -20.96 -53.10
N ARG C 296 -10.53 -21.05 -52.02
CA ARG C 296 -11.97 -20.84 -52.05
C ARG C 296 -12.36 -19.99 -50.86
N GLN C 297 -13.60 -19.49 -50.89
CA GLN C 297 -14.11 -18.67 -49.80
C GLN C 297 -14.23 -19.47 -48.52
N ALA C 298 -13.81 -18.87 -47.42
CA ALA C 298 -14.20 -19.42 -46.14
C ALA C 298 -15.69 -19.15 -45.93
N HIS C 299 -16.38 -20.14 -45.35
CA HIS C 299 -17.83 -19.97 -45.30
C HIS C 299 -18.39 -20.68 -44.09
N CYS C 300 -19.59 -20.24 -43.70
CA CYS C 300 -20.33 -20.89 -42.63
C CYS C 300 -21.63 -21.42 -43.20
N ASN C 301 -22.14 -22.49 -42.59
CA ASN C 301 -23.37 -23.12 -43.03
C ASN C 301 -24.32 -23.27 -41.84
N VAL C 302 -25.59 -22.98 -42.10
CA VAL C 302 -26.66 -23.31 -41.17
C VAL C 302 -27.69 -24.12 -41.94
N SER C 303 -28.51 -24.86 -41.21
CA SER C 303 -29.61 -25.59 -41.83
C SER C 303 -30.76 -24.63 -42.12
N LYS C 304 -31.32 -24.72 -43.32
CA LYS C 304 -32.46 -23.87 -43.65
C LYS C 304 -33.65 -24.16 -42.76
N ALA C 305 -33.96 -25.44 -42.54
CA ALA C 305 -35.15 -25.78 -41.77
C ALA C 305 -35.01 -25.33 -40.32
N THR C 306 -33.86 -25.58 -39.72
CA THR C 306 -33.66 -25.17 -38.33
C THR C 306 -33.74 -23.66 -38.18
N TRP C 307 -33.13 -22.92 -39.11
CA TRP C 307 -33.18 -21.48 -39.02
C TRP C 307 -34.60 -20.97 -39.19
N ASN C 308 -35.37 -21.58 -40.09
CA ASN C 308 -36.74 -21.14 -40.27
C ASN C 308 -37.59 -21.40 -39.03
N GLU C 309 -37.43 -22.57 -38.41
CA GLU C 309 -38.18 -22.83 -37.18
C GLU C 309 -37.78 -21.86 -36.08
N THR C 310 -36.48 -21.58 -35.96
CA THR C 310 -36.02 -20.68 -34.91
C THR C 310 -36.56 -19.28 -35.13
N LEU C 311 -36.57 -18.81 -36.37
CA LEU C 311 -37.16 -17.51 -36.65
C LEU C 311 -38.66 -17.51 -36.45
N GLY C 312 -39.33 -18.64 -36.66
CA GLY C 312 -40.74 -18.71 -36.32
C GLY C 312 -40.98 -18.53 -34.85
N LYS C 313 -40.18 -19.18 -34.01
CA LYS C 313 -40.29 -18.96 -32.58
C LYS C 313 -39.99 -17.51 -32.23
N VAL C 314 -38.98 -16.93 -32.86
CA VAL C 314 -38.61 -15.55 -32.56
C VAL C 314 -39.75 -14.60 -32.91
N VAL C 315 -40.39 -14.82 -34.06
CA VAL C 315 -41.50 -13.94 -34.45
C VAL C 315 -42.70 -14.15 -33.54
N LYS C 316 -42.94 -15.39 -33.11
CA LYS C 316 -44.06 -15.64 -32.21
C LYS C 316 -43.85 -14.92 -30.88
N GLN C 317 -42.63 -14.94 -30.36
CA GLN C 317 -42.37 -14.25 -29.10
C GLN C 317 -42.15 -12.75 -29.28
N LEU C 318 -41.89 -12.30 -30.50
CA LEU C 318 -41.79 -10.88 -30.81
C LEU C 318 -43.14 -10.23 -30.98
N ARG C 319 -44.15 -10.99 -31.40
CA ARG C 319 -45.51 -10.46 -31.45
C ARG C 319 -46.06 -10.13 -30.08
N LYS C 320 -45.70 -10.90 -29.05
CA LYS C 320 -46.23 -10.66 -27.72
C LYS C 320 -45.91 -9.27 -27.20
N HIS C 321 -44.82 -8.67 -27.65
CA HIS C 321 -44.48 -7.31 -27.28
C HIS C 321 -44.93 -6.28 -28.31
N PHE C 322 -45.35 -6.71 -29.49
CA PHE C 322 -45.55 -5.74 -30.58
C PHE C 322 -46.93 -5.85 -31.22
N GLY C 323 -47.94 -6.32 -30.49
CA GLY C 323 -49.29 -6.38 -31.03
C GLY C 323 -49.50 -7.55 -31.96
N ASN C 324 -50.64 -8.24 -31.83
CA ASN C 324 -50.87 -9.48 -32.54
C ASN C 324 -51.02 -9.28 -34.05
N ASN C 325 -51.17 -8.04 -34.52
CA ASN C 325 -51.48 -7.79 -35.91
C ASN C 325 -50.34 -7.11 -36.66
N THR C 326 -49.12 -7.18 -36.15
CA THR C 326 -47.99 -6.53 -36.79
C THR C 326 -47.34 -7.45 -37.82
N ILE C 327 -46.66 -6.84 -38.78
CA ILE C 327 -45.90 -7.56 -39.79
C ILE C 327 -44.42 -7.45 -39.45
N ILE C 328 -43.72 -8.58 -39.45
CA ILE C 328 -42.36 -8.60 -38.93
C ILE C 328 -41.39 -8.84 -40.07
N ARG C 329 -40.43 -7.93 -40.24
CA ARG C 329 -39.46 -7.99 -41.32
C ARG C 329 -38.06 -8.12 -40.75
N PHE C 330 -37.30 -9.06 -41.29
CA PHE C 330 -35.89 -9.22 -40.97
C PHE C 330 -35.05 -8.83 -42.18
N ALA C 331 -34.18 -7.84 -42.00
CA ALA C 331 -33.29 -7.35 -43.05
C ALA C 331 -31.87 -7.26 -42.51
N ASN C 332 -30.92 -7.07 -43.41
CA ASN C 332 -29.51 -7.10 -43.02
C ASN C 332 -29.08 -5.76 -42.42
N SER C 333 -27.82 -5.71 -41.99
CA SER C 333 -27.33 -4.59 -41.20
C SER C 333 -27.25 -3.33 -42.06
N SER C 334 -27.14 -2.19 -41.37
CA SER C 334 -27.22 -0.91 -42.06
C SER C 334 -25.94 -0.62 -42.82
N GLY C 335 -24.83 -0.46 -42.10
CA GLY C 335 -23.57 -0.14 -42.74
C GLY C 335 -22.58 0.36 -41.73
N GLY C 336 -21.35 0.55 -42.19
CA GLY C 336 -20.29 1.05 -41.33
C GLY C 336 -19.06 0.16 -41.34
N ASP C 337 -18.46 -0.02 -40.17
CA ASP C 337 -17.27 -0.84 -40.07
C ASP C 337 -17.60 -2.30 -40.35
N LEU C 338 -16.58 -3.04 -40.78
CA LEU C 338 -16.76 -4.47 -41.00
C LEU C 338 -16.94 -5.23 -39.70
N GLU C 339 -16.45 -4.68 -38.59
CA GLU C 339 -16.57 -5.36 -37.31
C GLU C 339 -17.99 -5.31 -36.74
N VAL C 340 -18.84 -4.44 -37.29
CA VAL C 340 -20.21 -4.35 -36.82
C VAL C 340 -21.22 -4.86 -37.85
N THR C 341 -20.94 -4.71 -39.14
CA THR C 341 -21.87 -5.13 -40.17
C THR C 341 -21.80 -6.62 -40.48
N THR C 342 -20.84 -7.34 -39.90
CA THR C 342 -20.66 -8.75 -40.19
C THR C 342 -20.55 -9.54 -38.90
N HIS C 343 -20.95 -10.81 -38.97
CA HIS C 343 -20.83 -11.74 -37.86
C HIS C 343 -19.36 -12.08 -37.67
N SER C 344 -18.74 -11.48 -36.66
CA SER C 344 -17.30 -11.59 -36.45
C SER C 344 -17.05 -12.55 -35.31
N PHE C 345 -16.15 -13.51 -35.53
CA PHE C 345 -15.81 -14.47 -34.49
C PHE C 345 -14.45 -15.07 -34.76
N ASN C 346 -14.07 -16.02 -33.92
CA ASN C 346 -12.74 -16.64 -33.96
C ASN C 346 -12.91 -18.15 -34.05
N CYS C 347 -12.54 -18.71 -35.19
CA CYS C 347 -12.73 -20.14 -35.49
C CYS C 347 -11.36 -20.79 -35.61
N GLY C 348 -10.98 -21.56 -34.60
CA GLY C 348 -9.72 -22.27 -34.64
C GLY C 348 -8.51 -21.39 -34.76
N GLY C 349 -8.53 -20.22 -34.14
CA GLY C 349 -7.40 -19.33 -34.14
C GLY C 349 -7.35 -18.31 -35.26
N GLU C 350 -8.28 -18.32 -36.20
CA GLU C 350 -8.37 -17.27 -37.20
C GLU C 350 -9.64 -16.46 -37.03
N PHE C 351 -9.60 -15.22 -37.49
CA PHE C 351 -10.66 -14.26 -37.24
C PHE C 351 -11.51 -14.06 -38.48
N PHE C 352 -12.74 -14.55 -38.40
CA PHE C 352 -13.73 -14.57 -39.46
C PHE C 352 -14.67 -13.39 -39.34
N TYR C 353 -15.09 -12.88 -40.49
CA TYR C 353 -16.12 -11.83 -40.58
C TYR C 353 -17.08 -12.28 -41.68
N CYS C 354 -18.23 -12.81 -41.28
CA CYS C 354 -19.16 -13.44 -42.21
C CYS C 354 -20.33 -12.52 -42.55
N ASN C 355 -20.81 -12.66 -43.78
CA ASN C 355 -21.86 -11.80 -44.33
C ASN C 355 -23.23 -12.38 -43.96
N THR C 356 -23.83 -11.84 -42.91
CA THR C 356 -25.10 -12.36 -42.42
C THR C 356 -26.29 -11.68 -43.08
N SER C 357 -26.33 -11.70 -44.41
CA SER C 357 -27.49 -11.22 -45.13
C SER C 357 -28.46 -12.33 -45.50
N GLY C 358 -27.97 -13.57 -45.62
CA GLY C 358 -28.84 -14.67 -45.97
C GLY C 358 -29.69 -15.19 -44.84
N LEU C 359 -29.36 -14.82 -43.61
CA LEU C 359 -30.15 -15.22 -42.45
C LEU C 359 -31.28 -14.23 -42.18
N PHE C 360 -30.94 -12.96 -42.10
CA PHE C 360 -31.90 -11.91 -41.78
C PHE C 360 -32.44 -11.30 -43.07
N ASN C 361 -33.27 -12.09 -43.75
CA ASN C 361 -33.91 -11.62 -44.98
C ASN C 361 -35.23 -12.39 -45.11
N SER C 362 -36.30 -11.78 -44.61
CA SER C 362 -37.59 -12.47 -44.59
C SER C 362 -38.68 -11.49 -44.21
N THR C 363 -39.92 -11.83 -44.58
CA THR C 363 -41.10 -11.09 -44.17
C THR C 363 -42.12 -12.08 -43.63
N TRP C 364 -42.72 -11.75 -42.48
CA TRP C 364 -43.61 -12.65 -41.77
C TRP C 364 -44.94 -11.95 -41.54
N ILE C 365 -46.02 -12.63 -41.91
CA ILE C 365 -47.37 -12.09 -41.96
C ILE C 365 -48.18 -12.69 -40.81
N SER C 366 -48.81 -11.83 -40.02
CA SER C 366 -49.67 -12.26 -38.93
C SER C 366 -50.82 -13.14 -39.43
N ASN C 379 -34.01 -30.78 -46.89
CA ASN C 379 -32.72 -30.65 -46.21
C ASN C 379 -31.77 -29.80 -47.03
N ASP C 380 -31.82 -28.49 -46.81
CA ASP C 380 -31.01 -27.52 -47.54
C ASP C 380 -30.03 -26.88 -46.57
N SER C 381 -29.23 -25.94 -47.07
CA SER C 381 -28.30 -25.23 -46.22
C SER C 381 -28.12 -23.81 -46.72
N ILE C 382 -28.01 -22.89 -45.76
CA ILE C 382 -27.70 -21.50 -46.00
C ILE C 382 -26.20 -21.32 -45.84
N THR C 383 -25.56 -20.75 -46.87
CA THR C 383 -24.12 -20.53 -46.89
C THR C 383 -23.84 -19.05 -46.72
N LEU C 384 -23.16 -18.70 -45.64
CA LEU C 384 -22.75 -17.33 -45.38
C LEU C 384 -21.31 -17.17 -45.81
N PRO C 385 -21.02 -16.26 -46.73
CA PRO C 385 -19.63 -16.01 -47.13
C PRO C 385 -18.89 -15.22 -46.06
N CYS C 386 -17.64 -15.60 -45.82
CA CYS C 386 -16.82 -15.00 -44.78
C CYS C 386 -15.48 -14.53 -45.33
N ARG C 387 -15.04 -13.38 -44.83
CA ARG C 387 -13.70 -12.87 -45.08
C ARG C 387 -12.85 -13.13 -43.84
N ILE C 388 -11.53 -13.08 -44.00
CA ILE C 388 -10.61 -13.39 -42.92
C ILE C 388 -9.65 -12.22 -42.73
N LYS C 389 -9.45 -11.82 -41.48
CA LYS C 389 -8.49 -10.76 -41.19
C LYS C 389 -7.39 -11.30 -40.29
N GLN C 390 -6.22 -10.66 -40.38
CA GLN C 390 -5.12 -11.03 -39.50
C GLN C 390 -4.76 -9.88 -38.56
N ILE C 391 -4.96 -8.65 -39.01
CA ILE C 391 -4.72 -7.47 -38.19
C ILE C 391 -6.05 -7.06 -37.60
N ILE C 392 -6.18 -7.19 -36.28
CA ILE C 392 -7.44 -6.99 -35.59
C ILE C 392 -7.23 -6.07 -34.39
N ASN C 393 -8.17 -5.16 -34.20
CA ASN C 393 -8.18 -4.23 -33.07
C ASN C 393 -9.53 -4.36 -32.38
N MET C 394 -9.61 -5.27 -31.42
CA MET C 394 -10.90 -5.55 -30.80
C MET C 394 -11.23 -4.53 -29.71
N TRP C 395 -12.50 -4.53 -29.32
CA TRP C 395 -13.02 -3.68 -28.25
C TRP C 395 -12.89 -2.20 -28.60
N GLN C 396 -12.97 -1.91 -29.89
CA GLN C 396 -13.07 -0.55 -30.41
C GLN C 396 -11.84 0.29 -30.04
N ARG C 397 -10.86 -0.32 -29.38
CA ARG C 397 -9.67 0.40 -29.00
C ARG C 397 -8.85 0.76 -30.23
N ILE C 398 -8.26 1.94 -30.20
CA ILE C 398 -7.40 2.42 -31.28
C ILE C 398 -5.98 2.53 -30.74
N GLY C 399 -5.02 2.12 -31.56
CA GLY C 399 -3.63 2.17 -31.18
C GLY C 399 -3.08 0.92 -30.55
N GLN C 400 -3.88 -0.11 -30.37
CA GLN C 400 -3.35 -1.37 -29.89
C GLN C 400 -3.90 -2.42 -30.81
N CYS C 401 -3.06 -3.09 -31.59
CA CYS C 401 -3.50 -4.07 -32.55
C CYS C 401 -2.74 -5.36 -32.45
N MET C 402 -3.36 -6.46 -32.82
CA MET C 402 -2.76 -7.75 -32.69
C MET C 402 -2.73 -8.42 -34.01
N TYR C 403 -1.74 -9.22 -34.23
CA TYR C 403 -1.62 -9.89 -35.52
C TYR C 403 -1.74 -11.39 -35.28
N ALA C 404 -2.80 -11.99 -35.80
CA ALA C 404 -3.04 -13.40 -35.59
C ALA C 404 -2.22 -14.20 -36.58
N PRO C 405 -1.30 -15.05 -36.13
CA PRO C 405 -0.47 -15.80 -37.06
C PRO C 405 -1.30 -16.78 -37.86
N PRO C 406 -0.88 -17.09 -39.08
CA PRO C 406 -1.63 -18.07 -39.88
C PRO C 406 -1.60 -19.44 -39.24
N ILE C 407 -2.69 -20.17 -39.40
CA ILE C 407 -2.86 -21.50 -38.81
C ILE C 407 -2.76 -22.52 -39.92
N GLN C 408 -1.89 -23.51 -39.73
CA GLN C 408 -1.60 -24.46 -40.78
C GLN C 408 -2.76 -25.42 -41.01
N GLY C 409 -3.03 -25.70 -42.28
CA GLY C 409 -4.04 -26.67 -42.65
C GLY C 409 -5.45 -26.10 -42.61
N VAL C 410 -6.38 -26.94 -43.04
CA VAL C 410 -7.78 -26.57 -43.11
C VAL C 410 -8.35 -26.46 -41.71
N ILE C 411 -9.08 -25.39 -41.44
CA ILE C 411 -9.65 -25.14 -40.14
C ILE C 411 -11.16 -25.30 -40.22
N ARG C 412 -11.71 -26.15 -39.35
CA ARG C 412 -13.12 -26.43 -39.27
C ARG C 412 -13.58 -26.17 -37.85
N CYS C 413 -14.80 -25.68 -37.69
CA CYS C 413 -15.36 -25.49 -36.37
C CYS C 413 -16.87 -25.67 -36.43
N VAL C 414 -17.42 -26.27 -35.39
CA VAL C 414 -18.85 -26.43 -35.23
C VAL C 414 -19.25 -25.75 -33.93
N SER C 415 -20.32 -24.98 -33.94
CA SER C 415 -20.73 -24.29 -32.73
C SER C 415 -22.23 -24.04 -32.75
N ASN C 416 -22.76 -23.65 -31.61
CA ASN C 416 -24.19 -23.42 -31.44
C ASN C 416 -24.49 -21.93 -31.44
N ILE C 417 -25.43 -21.50 -32.27
CA ILE C 417 -26.04 -20.19 -32.10
C ILE C 417 -27.10 -20.32 -31.03
N THR C 418 -26.98 -19.51 -29.98
CA THR C 418 -27.88 -19.50 -28.85
C THR C 418 -28.40 -18.10 -28.56
N GLY C 419 -28.49 -17.26 -29.56
CA GLY C 419 -29.06 -15.95 -29.36
C GLY C 419 -28.64 -14.97 -30.45
N LEU C 420 -29.35 -13.85 -30.48
CA LEU C 420 -29.11 -12.77 -31.42
C LEU C 420 -29.10 -11.44 -30.68
N ILE C 421 -28.43 -10.46 -31.29
CA ILE C 421 -28.48 -9.07 -30.83
C ILE C 421 -29.09 -8.28 -31.98
N LEU C 422 -30.37 -7.95 -31.86
CA LEU C 422 -31.10 -7.26 -32.91
C LEU C 422 -31.28 -5.79 -32.57
N THR C 423 -31.77 -5.04 -33.56
CA THR C 423 -32.05 -3.63 -33.38
C THR C 423 -33.17 -3.25 -34.34
N ARG C 424 -34.23 -2.67 -33.80
CA ARG C 424 -35.37 -2.24 -34.61
C ARG C 424 -35.02 -0.98 -35.38
N ASP C 425 -35.62 -0.84 -36.57
CA ASP C 425 -35.38 0.35 -37.37
C ASP C 425 -35.94 1.59 -36.68
N GLY C 426 -37.13 1.48 -36.09
CA GLY C 426 -37.74 2.61 -35.43
C GLY C 426 -38.18 3.70 -36.41
N GLY C 427 -39.17 3.39 -37.23
CA GLY C 427 -39.61 4.33 -38.24
C GLY C 427 -40.79 5.17 -37.82
N SER C 428 -41.97 4.90 -38.37
CA SER C 428 -43.16 5.67 -38.07
C SER C 428 -44.32 4.74 -37.78
N THR C 429 -45.23 5.22 -36.92
CA THR C 429 -46.41 4.44 -36.56
C THR C 429 -47.40 4.30 -37.70
N ASN C 430 -47.21 5.04 -38.79
CA ASN C 430 -48.12 4.93 -39.93
C ASN C 430 -48.13 3.52 -40.50
N SER C 431 -47.00 2.81 -40.44
CA SER C 431 -46.90 1.45 -40.93
C SER C 431 -47.14 0.45 -39.82
N THR C 432 -47.60 -0.73 -40.21
CA THR C 432 -47.83 -1.84 -39.29
C THR C 432 -46.78 -2.92 -39.49
N THR C 433 -45.65 -2.56 -40.10
CA THR C 433 -44.55 -3.47 -40.34
C THR C 433 -43.30 -2.85 -39.73
N GLU C 434 -42.62 -3.59 -38.87
CA GLU C 434 -41.40 -3.11 -38.24
C GLU C 434 -40.26 -4.08 -38.53
N THR C 435 -39.12 -3.53 -38.93
CA THR C 435 -37.98 -4.30 -39.40
C THR C 435 -36.93 -4.40 -38.32
N PHE C 436 -36.28 -5.56 -38.22
CA PHE C 436 -35.23 -5.80 -37.25
C PHE C 436 -33.95 -6.19 -37.98
N ARG C 437 -32.84 -5.56 -37.60
CA ARG C 437 -31.56 -5.78 -38.23
C ARG C 437 -30.54 -6.26 -37.20
N PRO C 438 -29.61 -7.11 -37.59
CA PRO C 438 -28.61 -7.57 -36.62
C PRO C 438 -27.79 -6.42 -36.09
N GLY C 439 -27.47 -6.49 -34.81
CA GLY C 439 -26.78 -5.41 -34.15
C GLY C 439 -25.28 -5.58 -34.15
N GLY C 440 -24.69 -5.72 -32.96
CA GLY C 440 -23.26 -5.89 -32.90
C GLY C 440 -22.55 -4.70 -32.28
N GLY C 441 -23.16 -4.11 -31.26
CA GLY C 441 -22.55 -2.98 -30.58
C GLY C 441 -21.45 -3.40 -29.64
N ASP C 442 -21.40 -2.78 -28.47
CA ASP C 442 -20.37 -3.09 -27.49
C ASP C 442 -20.47 -4.54 -27.04
N MET C 443 -19.32 -5.08 -26.61
CA MET C 443 -19.25 -6.50 -26.28
C MET C 443 -19.99 -6.86 -25.01
N ARG C 444 -20.39 -5.86 -24.20
CA ARG C 444 -21.09 -6.16 -22.96
C ARG C 444 -22.38 -6.91 -23.21
N ASP C 445 -23.03 -6.64 -24.35
CA ASP C 445 -24.24 -7.37 -24.70
C ASP C 445 -24.00 -8.87 -24.75
N ASN C 446 -22.80 -9.28 -25.16
CA ASN C 446 -22.48 -10.70 -25.14
C ASN C 446 -22.49 -11.25 -23.73
N TRP C 447 -21.94 -10.52 -22.79
CA TRP C 447 -21.85 -10.98 -21.41
C TRP C 447 -23.08 -10.61 -20.59
N ARG C 448 -24.02 -9.95 -21.18
CA ARG C 448 -25.18 -9.70 -20.43
C ARG C 448 -25.95 -10.95 -20.59
N SER C 449 -25.98 -11.50 -21.76
CA SER C 449 -26.79 -12.68 -22.01
C SER C 449 -26.41 -13.85 -21.14
N GLU C 450 -25.30 -13.77 -20.43
CA GLU C 450 -24.86 -14.80 -19.50
C GLU C 450 -25.06 -14.40 -18.06
N LEU C 451 -24.67 -13.19 -17.68
CA LEU C 451 -24.86 -12.68 -16.33
C LEU C 451 -26.14 -11.87 -16.21
N TYR C 452 -27.27 -12.46 -16.61
CA TYR C 452 -28.56 -11.80 -16.43
C TYR C 452 -29.33 -12.29 -15.21
N LYS C 453 -28.98 -13.45 -14.68
CA LYS C 453 -29.64 -13.98 -13.50
C LYS C 453 -28.84 -13.73 -12.23
N TYR C 454 -27.74 -13.00 -12.33
CA TYR C 454 -26.84 -12.81 -11.20
C TYR C 454 -26.89 -11.36 -10.73
N LYS C 455 -27.00 -11.16 -9.42
CA LYS C 455 -26.80 -9.84 -8.84
C LYS C 455 -25.93 -9.97 -7.59
N VAL C 456 -25.24 -8.89 -7.25
CA VAL C 456 -24.33 -8.88 -6.10
C VAL C 456 -24.97 -8.05 -5.01
N VAL C 457 -24.93 -8.57 -3.78
CA VAL C 457 -25.55 -7.92 -2.64
C VAL C 457 -24.56 -7.87 -1.49
N LYS C 458 -24.81 -6.92 -0.59
CA LYS C 458 -23.94 -6.60 0.53
C LYS C 458 -24.69 -6.90 1.82
N ILE C 459 -24.09 -7.74 2.66
CA ILE C 459 -24.76 -8.22 3.86
C ILE C 459 -24.63 -7.17 4.95
N GLU C 460 -25.76 -6.68 5.44
CA GLU C 460 -25.76 -5.79 6.59
C GLU C 460 -26.19 -6.58 7.81
N PRO C 461 -25.27 -6.95 8.70
CA PRO C 461 -25.59 -7.87 9.80
C PRO C 461 -26.00 -7.23 11.10
N LEU C 462 -26.26 -5.92 11.14
CA LEU C 462 -26.67 -5.24 12.35
C LEU C 462 -28.17 -5.04 12.32
N GLY C 463 -28.88 -5.64 13.28
CA GLY C 463 -30.32 -5.50 13.31
C GLY C 463 -30.84 -5.15 14.67
N VAL C 464 -31.82 -4.26 14.74
CA VAL C 464 -32.39 -3.83 16.02
C VAL C 464 -33.86 -4.22 16.07
N ALA C 465 -34.24 -4.96 17.11
CA ALA C 465 -35.63 -5.37 17.23
C ALA C 465 -36.09 -5.25 18.66
N PRO C 466 -37.36 -4.94 18.91
CA PRO C 466 -37.82 -4.85 20.29
C PRO C 466 -38.05 -6.23 20.90
N THR C 467 -37.60 -6.37 22.15
CA THR C 467 -37.74 -7.60 22.90
C THR C 467 -37.87 -7.25 24.38
N ARG C 468 -38.50 -8.16 25.14
CA ARG C 468 -38.73 -7.93 26.56
C ARG C 468 -37.43 -7.80 27.34
N CYS C 469 -36.69 -8.91 27.47
CA CYS C 469 -35.40 -9.04 28.12
C CYS C 469 -35.01 -7.88 29.04
N LYS C 470 -34.44 -6.82 28.45
CA LYS C 470 -33.94 -5.63 29.15
C LYS C 470 -32.63 -5.92 29.87
N ARG C 471 -31.77 -4.90 29.99
CA ARG C 471 -30.48 -5.00 30.66
C ARG C 471 -29.55 -5.98 29.96
N PHE D 11 -25.72 -20.79 4.65
CA PHE D 11 -25.56 -19.34 4.56
C PHE D 11 -26.80 -18.68 3.99
N LEU D 12 -27.29 -17.65 4.68
CA LEU D 12 -28.43 -16.84 4.27
C LEU D 12 -29.70 -17.64 4.12
N GLY D 13 -29.71 -18.90 4.58
CA GLY D 13 -30.86 -19.76 4.33
C GLY D 13 -32.13 -19.27 4.98
N ALA D 14 -32.02 -18.52 6.07
CA ALA D 14 -33.18 -18.03 6.79
C ALA D 14 -33.64 -16.66 6.30
N ALA D 15 -33.35 -16.32 5.05
CA ALA D 15 -33.75 -15.01 4.53
C ALA D 15 -35.28 -14.90 4.48
N GLY D 16 -35.96 -16.00 4.19
CA GLY D 16 -37.41 -15.99 4.17
C GLY D 16 -38.08 -16.43 5.45
N SER D 17 -37.33 -16.96 6.39
CA SER D 17 -37.90 -17.43 7.64
C SER D 17 -38.26 -16.24 8.53
N THR D 18 -39.05 -16.51 9.57
CA THR D 18 -39.40 -15.47 10.51
C THR D 18 -38.19 -15.08 11.35
N MET D 19 -38.26 -13.88 11.92
CA MET D 19 -37.12 -13.37 12.68
C MET D 19 -36.82 -14.22 13.89
N GLY D 20 -37.86 -14.69 14.59
CA GLY D 20 -37.62 -15.61 15.67
C GLY D 20 -36.96 -16.89 15.22
N ALA D 21 -37.34 -17.39 14.05
CA ALA D 21 -36.77 -18.61 13.50
C ALA D 21 -35.47 -18.36 12.76
N ALA D 22 -35.10 -17.11 12.54
CA ALA D 22 -33.81 -16.78 11.97
C ALA D 22 -32.81 -16.32 13.01
N SER D 23 -33.22 -16.21 14.27
CA SER D 23 -32.34 -15.78 15.34
C SER D 23 -31.45 -16.88 15.87
N MET D 24 -31.68 -18.13 15.48
CA MET D 24 -30.81 -19.22 15.89
C MET D 24 -29.75 -19.55 14.84
N THR D 25 -29.71 -18.82 13.73
CA THR D 25 -28.72 -19.02 12.67
C THR D 25 -27.86 -17.79 12.49
N LEU D 26 -27.53 -17.11 13.58
CA LEU D 26 -26.74 -15.90 13.47
C LEU D 26 -25.27 -16.22 13.21
N THR D 27 -24.79 -17.34 13.76
CA THR D 27 -23.37 -17.66 13.69
C THR D 27 -22.90 -17.88 12.27
N VAL D 28 -23.73 -18.52 11.43
CA VAL D 28 -23.31 -18.78 10.07
C VAL D 28 -23.07 -17.48 9.32
N GLN D 29 -23.97 -16.51 9.48
CA GLN D 29 -23.75 -15.22 8.83
C GLN D 29 -22.54 -14.52 9.42
N ALA D 30 -22.38 -14.56 10.73
CA ALA D 30 -21.24 -13.89 11.35
C ALA D 30 -19.91 -14.48 10.91
N ARG D 31 -19.88 -15.77 10.60
CA ARG D 31 -18.62 -16.42 10.27
C ARG D 31 -18.11 -16.03 8.89
N ASN D 32 -19.02 -15.84 7.93
CA ASN D 32 -18.62 -15.50 6.58
C ASN D 32 -18.29 -14.03 6.40
N LEU D 33 -18.39 -13.23 7.46
CA LEU D 33 -17.96 -11.84 7.37
C LEU D 33 -16.44 -11.70 7.32
N LEU D 34 -15.71 -12.75 7.67
CA LEU D 34 -14.25 -12.75 7.65
C LEU D 34 -13.78 -13.77 6.63
N SER D 35 -12.82 -13.37 5.80
CA SER D 35 -12.28 -14.26 4.78
C SER D 35 -11.61 -15.49 5.39
N LEU D 57 -1.11 -9.89 -12.69
CA LEU D 57 0.13 -9.88 -11.92
C LEU D 57 -0.04 -9.11 -10.61
N THR D 58 0.41 -7.85 -10.61
CA THR D 58 0.39 -7.01 -9.42
C THR D 58 -0.88 -6.18 -9.29
N VAL D 59 -1.45 -5.74 -10.42
CA VAL D 59 -2.68 -4.95 -10.36
C VAL D 59 -3.81 -5.78 -9.77
N TRP D 60 -3.84 -7.07 -10.08
CA TRP D 60 -4.86 -7.95 -9.52
C TRP D 60 -4.73 -8.06 -8.01
N GLY D 61 -3.51 -8.21 -7.52
CA GLY D 61 -3.28 -8.27 -6.09
C GLY D 61 -3.70 -7.00 -5.38
N ILE D 62 -3.57 -5.85 -6.04
CA ILE D 62 -4.02 -4.61 -5.44
C ILE D 62 -5.51 -4.69 -5.12
N LYS D 63 -6.32 -5.10 -6.12
CA LYS D 63 -7.75 -5.18 -5.92
C LYS D 63 -8.12 -6.23 -4.88
N GLN D 64 -7.49 -7.40 -4.96
CA GLN D 64 -7.83 -8.48 -4.03
C GLN D 64 -7.48 -8.09 -2.59
N LEU D 65 -6.26 -7.58 -2.38
CA LEU D 65 -5.84 -7.21 -1.03
C LEU D 65 -6.65 -6.02 -0.52
N GLN D 66 -7.03 -5.10 -1.42
CA GLN D 66 -7.89 -4.01 -1.01
C GLN D 66 -9.24 -4.51 -0.54
N ALA D 67 -9.82 -5.48 -1.25
CA ALA D 67 -11.09 -6.03 -0.82
C ALA D 67 -10.98 -6.71 0.53
N ARG D 68 -9.89 -7.45 0.75
CA ARG D 68 -9.69 -8.09 2.04
C ARG D 68 -9.59 -7.06 3.15
N VAL D 69 -8.77 -6.03 2.96
CA VAL D 69 -8.59 -5.03 4.00
C VAL D 69 -9.90 -4.30 4.26
N LEU D 70 -10.69 -4.06 3.21
CA LEU D 70 -11.98 -3.41 3.38
C LEU D 70 -12.93 -4.28 4.21
N ALA D 71 -12.95 -5.59 3.94
CA ALA D 71 -13.78 -6.47 4.75
C ALA D 71 -13.36 -6.45 6.21
N VAL D 72 -12.05 -6.49 6.46
CA VAL D 72 -11.57 -6.43 7.83
C VAL D 72 -11.99 -5.12 8.49
N GLU D 73 -11.91 -4.01 7.76
CA GLU D 73 -12.27 -2.73 8.33
C GLU D 73 -13.76 -2.67 8.67
N ARG D 74 -14.60 -3.24 7.82
CA ARG D 74 -16.03 -3.29 8.16
C ARG D 74 -16.26 -4.10 9.43
N TYR D 75 -15.64 -5.27 9.52
CA TYR D 75 -15.83 -6.09 10.72
C TYR D 75 -15.36 -5.35 11.97
N LEU D 76 -14.20 -4.71 11.91
CA LEU D 76 -13.71 -4.00 13.08
C LEU D 76 -14.56 -2.80 13.42
N ARG D 77 -14.99 -2.02 12.42
CA ARG D 77 -15.71 -0.79 12.68
C ARG D 77 -17.13 -1.05 13.13
N ASP D 78 -17.62 -2.26 12.93
CA ASP D 78 -18.94 -2.63 13.39
C ASP D 78 -18.88 -3.37 14.73
N GLN D 79 -17.80 -4.12 14.99
CA GLN D 79 -17.48 -4.54 16.34
C GLN D 79 -17.23 -3.35 17.27
N GLN D 80 -16.70 -2.25 16.75
CA GLN D 80 -16.55 -1.06 17.57
C GLN D 80 -17.91 -0.57 18.06
N LEU D 81 -18.90 -0.59 17.17
CA LEU D 81 -20.26 -0.26 17.56
C LEU D 81 -20.76 -1.21 18.62
N LEU D 82 -20.51 -2.51 18.44
CA LEU D 82 -20.99 -3.46 19.42
C LEU D 82 -20.39 -3.20 20.80
N GLY D 83 -19.08 -2.94 20.85
CA GLY D 83 -18.43 -2.69 22.12
C GLY D 83 -18.77 -1.34 22.73
N ILE D 84 -19.19 -0.39 21.89
CA ILE D 84 -19.66 0.89 22.41
C ILE D 84 -20.92 0.71 23.22
N TRP D 85 -21.80 -0.20 22.80
CA TRP D 85 -23.01 -0.51 23.53
C TRP D 85 -22.80 -1.59 24.58
N GLY D 86 -21.56 -2.00 24.82
CA GLY D 86 -21.23 -2.81 25.97
C GLY D 86 -21.46 -4.30 25.82
N CYS D 87 -21.51 -4.82 24.60
CA CYS D 87 -21.75 -6.25 24.39
C CYS D 87 -20.84 -6.78 23.29
N SER D 88 -19.55 -6.47 23.39
CA SER D 88 -18.62 -6.81 22.34
C SER D 88 -18.54 -8.31 22.11
N GLY D 89 -18.59 -9.08 23.19
CA GLY D 89 -18.43 -10.52 23.06
C GLY D 89 -19.70 -11.30 22.78
N LYS D 90 -20.82 -10.63 22.58
CA LYS D 90 -22.10 -11.29 22.46
C LYS D 90 -22.63 -11.20 21.02
N LEU D 91 -23.51 -12.13 20.69
CA LEU D 91 -24.20 -12.13 19.40
C LEU D 91 -25.59 -11.54 19.50
N ILE D 92 -26.24 -11.64 20.66
CA ILE D 92 -27.50 -10.98 20.94
C ILE D 92 -27.30 -10.08 22.15
N CYS D 93 -27.56 -8.79 21.99
CA CYS D 93 -27.43 -7.82 23.06
C CYS D 93 -28.80 -7.31 23.44
N CYS D 94 -29.11 -7.31 24.73
CA CYS D 94 -30.32 -6.68 25.22
C CYS D 94 -29.93 -5.49 26.08
N THR D 95 -30.45 -4.32 25.74
CA THR D 95 -30.02 -3.07 26.34
C THR D 95 -31.15 -2.49 27.21
N ASN D 96 -30.85 -1.34 27.81
CA ASN D 96 -31.79 -0.63 28.67
C ASN D 96 -32.55 0.47 27.93
N VAL D 97 -32.39 0.57 26.61
CA VAL D 97 -33.09 1.58 25.84
C VAL D 97 -34.57 1.22 25.77
N PRO D 98 -35.48 2.10 26.18
CA PRO D 98 -36.90 1.83 25.97
C PRO D 98 -37.24 1.88 24.49
N TRP D 99 -38.11 0.97 24.08
CA TRP D 99 -38.56 0.93 22.69
C TRP D 99 -39.60 2.02 22.49
N ASN D 100 -39.18 3.14 21.90
CA ASN D 100 -40.12 4.22 21.61
C ASN D 100 -41.18 3.73 20.64
N SER D 101 -42.43 4.03 20.93
CA SER D 101 -43.53 3.65 20.07
C SER D 101 -43.50 4.38 18.74
N SER D 102 -42.74 5.46 18.62
CA SER D 102 -42.76 6.26 17.40
C SER D 102 -42.26 5.47 16.19
N TRP D 103 -41.56 4.37 16.42
CA TRP D 103 -41.14 3.47 15.36
C TRP D 103 -41.99 2.21 15.42
N SER D 104 -42.35 1.67 14.25
CA SER D 104 -43.11 0.43 14.14
C SER D 104 -44.51 0.51 14.75
N ASN D 105 -44.59 0.58 16.07
CA ASN D 105 -45.86 0.57 16.81
C ASN D 105 -46.70 -0.67 16.52
N ARG D 106 -46.09 -1.86 16.53
CA ARG D 106 -46.86 -3.07 16.26
C ARG D 106 -46.60 -4.14 17.32
N ASN D 107 -47.32 -5.25 17.21
CA ASN D 107 -47.31 -6.29 18.22
C ASN D 107 -45.99 -7.05 18.22
N LEU D 108 -45.70 -7.70 19.34
CA LEU D 108 -44.50 -8.52 19.49
C LEU D 108 -44.66 -9.89 18.85
N SER D 109 -45.87 -10.25 18.43
CA SER D 109 -46.13 -11.52 17.77
C SER D 109 -46.07 -11.41 16.25
N GLU D 110 -46.62 -10.34 15.68
CA GLU D 110 -46.54 -10.15 14.24
C GLU D 110 -45.09 -9.94 13.80
N ILE D 111 -44.33 -9.15 14.57
CA ILE D 111 -42.95 -8.83 14.23
C ILE D 111 -41.95 -9.85 14.70
N TRP D 112 -42.39 -11.03 15.13
CA TRP D 112 -41.48 -12.12 15.43
C TRP D 112 -41.94 -13.45 14.90
N ASP D 113 -43.22 -13.59 14.55
CA ASP D 113 -43.72 -14.81 13.95
C ASP D 113 -44.35 -14.59 12.58
N ASN D 114 -44.41 -13.36 12.06
CA ASN D 114 -45.05 -13.07 10.79
C ASN D 114 -44.24 -12.04 9.99
N MET D 115 -42.91 -12.12 10.06
CA MET D 115 -42.11 -11.28 9.17
C MET D 115 -40.66 -11.72 9.15
N THR D 116 -39.97 -11.30 8.11
CA THR D 116 -38.55 -11.57 7.94
C THR D 116 -37.78 -10.28 8.19
N TRP D 117 -36.47 -10.44 8.38
CA TRP D 117 -35.62 -9.30 8.70
C TRP D 117 -35.59 -8.28 7.58
N LEU D 118 -35.61 -8.76 6.32
CA LEU D 118 -35.61 -7.85 5.19
C LEU D 118 -36.82 -6.93 5.20
N GLN D 119 -37.96 -7.43 5.70
CA GLN D 119 -39.12 -6.56 5.84
C GLN D 119 -38.92 -5.54 6.95
N TRP D 120 -38.09 -5.86 7.93
CA TRP D 120 -37.81 -4.92 9.01
C TRP D 120 -36.88 -3.82 8.55
N ASP D 121 -35.94 -4.15 7.68
CA ASP D 121 -34.94 -3.16 7.26
C ASP D 121 -35.62 -1.97 6.57
N LYS D 122 -36.61 -2.24 5.72
CA LYS D 122 -37.25 -1.15 5.00
C LYS D 122 -38.07 -0.26 5.93
N GLU D 123 -38.72 -0.86 6.94
CA GLU D 123 -39.56 -0.08 7.84
C GLU D 123 -38.73 0.74 8.82
N ILE D 124 -37.65 0.17 9.36
CA ILE D 124 -36.84 0.88 10.35
C ILE D 124 -35.81 1.78 9.71
N SER D 125 -35.58 1.67 8.41
CA SER D 125 -34.60 2.50 7.74
C SER D 125 -34.93 3.98 7.93
N ASN D 126 -33.88 4.81 7.92
CA ASN D 126 -33.94 6.25 8.14
C ASN D 126 -34.46 6.59 9.54
N TYR D 127 -34.56 5.59 10.42
CA TYR D 127 -34.60 5.83 11.85
C TYR D 127 -33.38 5.32 12.59
N THR D 128 -32.69 4.31 12.05
CA THR D 128 -31.66 3.62 12.82
C THR D 128 -30.50 4.54 13.17
N GLN D 129 -30.31 5.63 12.41
CA GLN D 129 -29.22 6.54 12.71
C GLN D 129 -29.44 7.30 14.01
N ILE D 130 -30.68 7.41 14.47
CA ILE D 130 -30.93 7.97 15.80
C ILE D 130 -30.98 6.87 16.85
N ILE D 131 -31.43 5.68 16.48
CA ILE D 131 -31.45 4.58 17.44
C ILE D 131 -30.03 4.27 17.90
N TYR D 132 -29.07 4.23 16.99
CA TYR D 132 -27.68 4.01 17.38
C TYR D 132 -27.23 5.07 18.37
N GLY D 133 -27.78 6.26 18.26
CA GLY D 133 -27.44 7.23 19.25
C GLY D 133 -27.98 6.71 20.54
N LEU D 134 -29.31 6.71 20.64
CA LEU D 134 -29.94 6.30 21.85
C LEU D 134 -29.66 4.89 22.06
N LEU D 135 -28.41 4.51 21.90
CA LEU D 135 -28.08 3.17 22.21
C LEU D 135 -26.70 3.37 22.67
N GLU D 136 -26.09 4.42 22.16
CA GLU D 136 -24.77 4.74 22.62
C GLU D 136 -24.91 5.37 23.99
N GLU D 137 -25.72 6.41 24.07
CA GLU D 137 -25.88 7.09 25.32
C GLU D 137 -26.35 6.18 26.37
N SER D 138 -27.48 5.56 26.16
CA SER D 138 -28.05 4.81 27.27
C SER D 138 -27.11 3.75 27.80
N GLN D 139 -25.94 3.57 27.20
CA GLN D 139 -24.93 2.69 27.75
C GLN D 139 -23.75 3.46 28.33
N ASN D 140 -23.24 4.45 27.61
CA ASN D 140 -22.08 5.18 28.11
C ASN D 140 -22.42 5.96 29.38
N GLN D 141 -23.61 6.56 29.43
CA GLN D 141 -23.95 7.43 30.54
C GLN D 141 -24.65 6.69 31.67
N GLN D 142 -25.59 5.80 31.35
CA GLN D 142 -26.33 5.12 32.41
C GLN D 142 -25.42 4.25 33.27
N GLU D 143 -24.49 3.54 32.64
CA GLU D 143 -23.57 2.69 33.38
C GLU D 143 -22.26 3.42 33.66
N LEU E 4 -15.38 -33.02 34.96
CA LEU E 4 -14.46 -32.59 33.91
C LEU E 4 -15.20 -31.89 32.78
N TRP E 5 -14.75 -30.70 32.44
CA TRP E 5 -15.38 -29.87 31.42
C TRP E 5 -14.30 -29.26 30.53
N VAL E 6 -14.68 -28.95 29.30
CA VAL E 6 -13.74 -28.40 28.34
C VAL E 6 -13.30 -27.01 28.80
N THR E 7 -12.03 -26.69 28.61
CA THR E 7 -11.48 -25.39 28.94
C THR E 7 -10.62 -24.91 27.78
N VAL E 8 -10.79 -23.65 27.41
CA VAL E 8 -10.18 -23.07 26.22
C VAL E 8 -8.96 -22.27 26.62
N TYR E 9 -7.87 -22.42 25.87
CA TYR E 9 -6.62 -21.71 26.11
C TYR E 9 -6.16 -21.06 24.82
N TYR E 10 -5.80 -19.79 24.89
CA TYR E 10 -5.28 -19.01 23.78
C TYR E 10 -3.86 -18.57 24.08
N GLY E 11 -2.93 -18.97 23.23
CA GLY E 11 -1.53 -18.85 23.53
C GLY E 11 -0.85 -20.16 23.86
N VAL E 12 -1.46 -21.29 23.55
CA VAL E 12 -0.84 -22.58 23.78
C VAL E 12 0.38 -22.72 22.87
N PRO E 13 1.53 -23.14 23.39
CA PRO E 13 2.73 -23.32 22.54
C PRO E 13 2.71 -24.63 21.76
N VAL E 14 2.04 -24.62 20.61
CA VAL E 14 2.03 -25.73 19.67
C VAL E 14 2.19 -25.21 18.25
N TRP E 15 2.53 -26.11 17.34
CA TRP E 15 2.88 -25.77 15.98
C TRP E 15 2.67 -26.99 15.10
N LYS E 16 2.53 -26.74 13.80
CA LYS E 16 2.75 -27.81 12.83
C LYS E 16 3.53 -27.26 11.67
N ASP E 17 4.05 -28.15 10.84
CA ASP E 17 4.81 -27.76 9.66
C ASP E 17 3.98 -26.84 8.78
N ALA E 18 4.61 -25.80 8.25
CA ALA E 18 3.87 -24.77 7.55
C ALA E 18 4.58 -24.39 6.26
N GLU E 19 3.84 -23.67 5.42
CA GLU E 19 4.33 -23.07 4.21
C GLU E 19 3.93 -21.61 4.23
N THR E 20 4.89 -20.71 4.06
CA THR E 20 4.59 -19.29 4.07
C THR E 20 5.68 -18.57 3.27
N THR E 21 5.58 -17.25 3.23
CA THR E 21 6.58 -16.42 2.56
C THR E 21 7.35 -15.68 3.66
N LEU E 22 8.65 -15.98 3.75
CA LEU E 22 9.52 -15.31 4.68
C LEU E 22 10.07 -14.03 4.06
N PHE E 23 10.73 -13.22 4.89
CA PHE E 23 11.34 -11.99 4.42
C PHE E 23 12.81 -11.95 4.81
N CYS E 24 13.61 -11.35 3.94
CA CYS E 24 15.05 -11.30 4.13
C CYS E 24 15.41 -10.08 4.98
N ALA E 25 16.41 -10.26 5.83
CA ALA E 25 16.89 -9.20 6.73
C ALA E 25 18.37 -9.01 6.48
N SER E 26 18.71 -8.07 5.60
CA SER E 26 20.10 -7.78 5.29
C SER E 26 20.73 -6.94 6.39
N ASP E 27 22.04 -6.75 6.29
CA ASP E 27 22.77 -5.93 7.25
C ASP E 27 22.90 -4.49 6.76
N ALA E 43 13.85 -4.61 -1.83
CA ALA E 43 13.49 -6.02 -1.82
C ALA E 43 14.06 -6.73 -0.60
N CYS E 44 14.54 -5.94 0.37
CA CYS E 44 15.07 -6.50 1.61
C CYS E 44 15.02 -5.41 2.68
N VAL E 45 15.08 -5.84 3.94
CA VAL E 45 14.92 -4.92 5.06
C VAL E 45 16.10 -5.13 6.01
N PRO E 46 16.39 -4.15 6.85
CA PRO E 46 17.50 -4.30 7.81
C PRO E 46 17.18 -5.33 8.87
N THR E 47 18.23 -5.86 9.48
CA THR E 47 18.11 -6.97 10.41
C THR E 47 17.98 -6.46 11.84
N ASP E 48 17.98 -7.39 12.79
CA ASP E 48 17.91 -7.17 14.23
C ASP E 48 19.31 -7.18 14.82
N PRO E 49 19.48 -6.61 16.02
CA PRO E 49 20.80 -6.67 16.67
C PRO E 49 21.30 -8.09 16.89
N ASN E 50 20.41 -9.02 17.21
CA ASN E 50 20.81 -10.41 17.39
C ASN E 50 19.62 -11.35 17.21
N PRO E 51 19.77 -12.41 16.41
CA PRO E 51 18.69 -13.40 16.30
C PRO E 51 18.60 -14.23 17.56
N GLN E 52 17.94 -13.68 18.59
CA GLN E 52 17.85 -14.32 19.89
C GLN E 52 17.28 -15.72 19.77
N GLU E 53 18.09 -16.72 20.09
CA GLU E 53 17.66 -18.11 20.00
C GLU E 53 17.20 -18.55 21.39
N ILE E 54 15.91 -18.87 21.51
CA ILE E 54 15.36 -19.39 22.75
C ILE E 54 15.45 -20.90 22.66
N HIS E 55 16.26 -21.49 23.52
CA HIS E 55 16.49 -22.93 23.46
C HIS E 55 15.29 -23.67 24.03
N LEU E 56 14.73 -24.59 23.27
CA LEU E 56 13.55 -25.33 23.68
C LEU E 56 13.99 -26.63 24.33
N GLU E 57 13.85 -26.71 25.64
CA GLU E 57 14.30 -27.88 26.39
C GLU E 57 13.23 -28.96 26.36
N ASN E 58 13.69 -30.20 26.40
CA ASN E 58 12.81 -31.37 26.36
C ASN E 58 11.92 -31.36 25.13
N VAL E 59 12.51 -31.05 23.98
CA VAL E 59 11.82 -31.09 22.70
C VAL E 59 12.53 -32.07 21.78
N THR E 60 11.78 -32.67 20.87
CA THR E 60 12.35 -33.60 19.90
C THR E 60 11.49 -33.51 18.64
N GLU E 61 11.93 -32.69 17.68
CA GLU E 61 11.15 -32.40 16.49
C GLU E 61 11.80 -32.94 15.24
N GLU E 62 10.95 -33.37 14.30
CA GLU E 62 11.38 -34.06 13.08
C GLU E 62 11.61 -33.05 11.96
N PHE E 63 12.85 -32.97 11.49
CA PHE E 63 13.23 -32.13 10.36
C PHE E 63 13.37 -32.98 9.10
N ASN E 64 13.24 -32.30 7.96
CA ASN E 64 13.48 -32.94 6.66
C ASN E 64 14.07 -31.86 5.75
N MET E 65 15.38 -31.93 5.54
CA MET E 65 16.12 -30.98 4.73
C MET E 65 15.81 -31.07 3.25
N TRP E 66 15.12 -32.12 2.79
CA TRP E 66 14.96 -32.31 1.35
C TRP E 66 13.59 -31.89 0.83
N LYS E 67 12.57 -31.77 1.69
CA LYS E 67 11.31 -31.15 1.30
C LYS E 67 11.18 -29.72 1.81
N ASN E 68 12.27 -29.11 2.25
CA ASN E 68 12.21 -27.77 2.83
C ASN E 68 11.84 -26.77 1.74
N ASN E 69 10.77 -26.01 1.97
CA ASN E 69 10.42 -24.96 1.02
C ASN E 69 11.20 -23.68 1.26
N MET E 70 11.98 -23.62 2.34
CA MET E 70 12.87 -22.49 2.54
C MET E 70 13.90 -22.42 1.42
N VAL E 71 14.13 -23.52 0.73
CA VAL E 71 15.07 -23.56 -0.38
C VAL E 71 14.38 -23.16 -1.68
N GLU E 72 13.17 -23.70 -1.92
CA GLU E 72 12.43 -23.32 -3.11
C GLU E 72 12.06 -21.84 -3.08
N GLN E 73 11.97 -21.25 -1.90
CA GLN E 73 11.72 -19.82 -1.81
C GLN E 73 12.98 -19.02 -2.07
N MET E 74 14.13 -19.46 -1.55
CA MET E 74 15.38 -18.75 -1.78
C MET E 74 15.77 -18.79 -3.25
N HIS E 75 15.46 -19.90 -3.94
CA HIS E 75 15.74 -19.98 -5.36
C HIS E 75 15.04 -18.86 -6.11
N THR E 76 13.73 -18.72 -5.91
CA THR E 76 13.00 -17.67 -6.60
C THR E 76 13.42 -16.30 -6.13
N ASP E 77 13.76 -16.16 -4.86
CA ASP E 77 14.21 -14.86 -4.35
C ASP E 77 15.48 -14.40 -5.05
N ILE E 78 16.47 -15.29 -5.15
CA ILE E 78 17.72 -14.91 -5.80
C ILE E 78 17.53 -14.71 -7.29
N ILE E 79 16.67 -15.52 -7.91
CA ILE E 79 16.40 -15.34 -9.33
C ILE E 79 15.81 -13.95 -9.58
N SER E 80 14.84 -13.56 -8.77
CA SER E 80 14.21 -12.26 -8.95
C SER E 80 15.16 -11.12 -8.63
N LEU E 81 15.99 -11.28 -7.60
CA LEU E 81 16.96 -10.25 -7.28
C LEU E 81 17.95 -10.04 -8.41
N TRP E 82 18.40 -11.14 -9.02
CA TRP E 82 19.27 -11.04 -10.18
C TRP E 82 18.57 -10.35 -11.35
N ASP E 83 17.30 -10.69 -11.60
CA ASP E 83 16.58 -10.10 -12.71
C ASP E 83 16.38 -8.60 -12.52
N GLN E 84 15.98 -8.18 -11.32
CA GLN E 84 15.77 -6.76 -11.08
C GLN E 84 17.06 -5.97 -11.04
N SER E 85 18.20 -6.63 -10.86
CA SER E 85 19.48 -5.93 -10.91
C SER E 85 19.95 -5.68 -12.33
N LEU E 86 19.29 -6.28 -13.32
CA LEU E 86 19.65 -6.11 -14.72
C LEU E 86 18.63 -5.28 -15.49
N LYS E 87 17.57 -4.83 -14.83
CA LYS E 87 16.53 -4.06 -15.50
C LYS E 87 17.05 -2.75 -16.09
N PRO E 88 17.76 -1.91 -15.34
CA PRO E 88 18.18 -0.62 -15.90
C PRO E 88 19.38 -0.71 -16.82
N CYS E 89 20.06 -1.86 -16.89
CA CYS E 89 21.33 -1.93 -17.57
C CYS E 89 21.13 -2.01 -19.09
N VAL E 90 22.24 -1.84 -19.80
CA VAL E 90 22.20 -1.68 -21.26
C VAL E 90 21.87 -3.01 -21.92
N LYS E 91 20.95 -2.97 -22.88
CA LYS E 91 20.63 -4.15 -23.68
C LYS E 91 21.49 -4.13 -24.94
N LEU E 92 22.36 -5.12 -25.07
CA LEU E 92 23.32 -5.15 -26.17
C LEU E 92 22.68 -5.69 -27.44
N THR E 93 21.55 -5.11 -27.84
CA THR E 93 20.95 -5.48 -29.12
C THR E 93 21.86 -5.16 -30.30
N PRO E 94 22.48 -3.99 -30.40
CA PRO E 94 23.35 -3.73 -31.56
C PRO E 94 24.57 -4.62 -31.66
N LEU E 95 24.97 -5.31 -30.58
CA LEU E 95 26.13 -6.19 -30.64
C LEU E 95 25.90 -7.42 -31.50
N CYS E 96 24.67 -7.69 -31.90
CA CYS E 96 24.37 -8.87 -32.73
C CYS E 96 24.61 -8.49 -34.19
N VAL E 97 25.88 -8.45 -34.57
CA VAL E 97 26.30 -8.07 -35.90
C VAL E 97 27.29 -9.11 -36.41
N THR E 98 27.74 -8.91 -37.65
CA THR E 98 28.74 -9.77 -38.27
C THR E 98 30.12 -9.35 -37.82
N LEU E 99 30.82 -10.24 -37.16
CA LEU E 99 32.17 -9.95 -36.68
C LEU E 99 33.21 -10.60 -37.59
N GLN E 100 34.23 -9.84 -37.92
CA GLN E 100 35.36 -10.33 -38.71
C GLN E 100 36.49 -10.59 -37.73
N CYS E 101 36.86 -11.85 -37.56
CA CYS E 101 37.75 -12.23 -36.47
C CYS E 101 39.02 -12.90 -36.97
N THR E 102 40.07 -12.77 -36.17
CA THR E 102 41.35 -13.40 -36.43
C THR E 102 41.91 -13.92 -35.12
N ASN E 103 42.97 -14.73 -35.21
CA ASN E 103 43.59 -15.28 -34.01
C ASN E 103 44.28 -14.18 -33.21
N VAL E 104 44.61 -14.50 -31.96
CA VAL E 104 45.38 -13.60 -31.11
C VAL E 104 46.76 -14.22 -30.93
N THR E 105 47.75 -13.69 -31.66
CA THR E 105 49.14 -14.12 -31.63
C THR E 105 49.88 -13.28 -30.59
N ASN E 106 51.21 -13.22 -30.72
CA ASN E 106 52.00 -12.32 -29.88
C ASN E 106 52.00 -12.70 -28.40
N ASN E 107 52.79 -13.73 -28.07
CA ASN E 107 52.94 -14.24 -26.70
C ASN E 107 51.65 -14.91 -26.24
N ILE E 108 51.31 -15.98 -26.94
CA ILE E 108 50.03 -16.66 -26.80
C ILE E 108 50.17 -17.87 -25.88
N THR E 109 51.40 -18.37 -25.73
CA THR E 109 51.71 -19.58 -24.96
C THR E 109 51.15 -20.81 -25.66
N ASP E 110 51.82 -21.96 -25.49
CA ASP E 110 51.37 -23.19 -26.13
C ASP E 110 49.94 -23.53 -25.71
N ASP E 111 49.66 -23.45 -24.42
CA ASP E 111 48.30 -23.52 -23.96
C ASP E 111 47.61 -22.19 -24.19
N MET E 112 46.28 -22.22 -24.21
CA MET E 112 45.46 -21.05 -24.52
C MET E 112 45.81 -20.50 -25.91
N ARG E 113 45.72 -21.39 -26.89
CA ARG E 113 45.91 -21.04 -28.30
C ARG E 113 44.57 -21.16 -29.00
N GLY E 114 44.11 -20.07 -29.59
CA GLY E 114 42.79 -20.02 -30.17
C GLY E 114 41.68 -19.72 -29.18
N GLU E 115 42.00 -19.55 -27.90
CA GLU E 115 40.96 -19.25 -26.93
C GLU E 115 40.49 -17.81 -27.04
N LEU E 116 41.31 -16.93 -27.60
CA LEU E 116 40.96 -15.54 -27.78
C LEU E 116 40.93 -15.18 -29.25
N LYS E 117 39.96 -14.36 -29.64
CA LYS E 117 39.83 -13.89 -31.02
C LYS E 117 39.72 -12.38 -31.04
N ASN E 118 40.35 -11.79 -32.05
CA ASN E 118 40.39 -10.35 -32.28
C ASN E 118 39.36 -10.07 -33.37
N CYS E 119 38.24 -9.45 -32.98
CA CYS E 119 37.10 -9.27 -33.86
C CYS E 119 36.81 -7.80 -34.09
N SER E 120 36.68 -7.42 -35.36
CA SER E 120 36.28 -6.09 -35.76
C SER E 120 34.84 -6.13 -36.27
N PHE E 121 34.10 -5.06 -35.99
CA PHE E 121 32.70 -4.99 -36.38
C PHE E 121 32.26 -3.55 -36.42
N ASN E 122 31.21 -3.30 -37.20
CA ASN E 122 30.55 -2.01 -37.28
C ASN E 122 29.53 -1.89 -36.16
N MET E 123 29.51 -0.75 -35.50
CA MET E 123 28.63 -0.53 -34.36
C MET E 123 27.96 0.82 -34.46
N THR E 124 26.75 0.90 -33.91
CA THR E 124 26.00 2.14 -33.91
C THR E 124 26.60 3.14 -32.92
N THR E 125 26.47 4.42 -33.26
CA THR E 125 26.97 5.52 -32.45
C THR E 125 25.83 6.18 -31.70
N GLU E 126 26.13 7.32 -31.08
CA GLU E 126 25.09 8.15 -30.50
C GLU E 126 24.23 8.80 -31.56
N LEU E 127 24.76 8.98 -32.77
CA LEU E 127 24.02 9.55 -33.89
C LEU E 127 23.47 8.41 -34.74
N ARG E 128 22.16 8.47 -35.03
CA ARG E 128 21.48 7.38 -35.70
C ARG E 128 21.96 7.20 -37.14
N ASP E 129 22.64 8.19 -37.70
CA ASP E 129 23.09 8.14 -39.08
C ASP E 129 24.58 7.89 -39.21
N LYS E 130 25.26 7.55 -38.11
CA LYS E 130 26.70 7.34 -38.13
C LYS E 130 27.03 6.01 -37.49
N LYS E 131 28.08 5.38 -38.02
CA LYS E 131 28.53 4.08 -37.53
C LYS E 131 30.04 4.10 -37.38
N GLN E 132 30.55 3.33 -36.42
CA GLN E 132 31.96 3.31 -36.08
C GLN E 132 32.50 1.90 -36.21
N LYS E 133 33.69 1.78 -36.76
CA LYS E 133 34.37 0.49 -36.87
C LYS E 133 35.18 0.27 -35.59
N VAL E 134 34.72 -0.65 -34.75
CA VAL E 134 35.36 -0.91 -33.48
C VAL E 134 35.85 -2.35 -33.47
N TYR E 135 36.65 -2.68 -32.46
CA TYR E 135 37.22 -4.01 -32.34
C TYR E 135 37.26 -4.40 -30.88
N SER E 136 37.29 -5.71 -30.64
CA SER E 136 37.30 -6.23 -29.28
C SER E 136 37.86 -7.64 -29.28
N LEU E 137 38.24 -8.11 -28.10
CA LEU E 137 38.71 -9.47 -27.90
C LEU E 137 37.58 -10.29 -27.30
N PHE E 138 37.23 -11.39 -27.96
CA PHE E 138 36.18 -12.29 -27.50
C PHE E 138 36.76 -13.66 -27.24
N TYR E 139 36.27 -14.31 -26.19
CA TYR E 139 36.67 -15.68 -25.95
C TYR E 139 36.00 -16.62 -26.95
N ARG E 140 36.73 -17.69 -27.32
CA ARG E 140 36.22 -18.64 -28.30
C ARG E 140 34.86 -19.20 -27.91
N LEU E 141 34.57 -19.32 -26.63
CA LEU E 141 33.32 -19.90 -26.18
C LEU E 141 32.13 -19.00 -26.44
N ASP E 142 32.34 -17.75 -26.85
CA ASP E 142 31.27 -16.80 -27.06
C ASP E 142 31.01 -16.46 -28.51
N VAL E 143 31.76 -17.04 -29.44
CA VAL E 143 31.64 -16.73 -30.85
C VAL E 143 31.46 -18.01 -31.65
N VAL E 144 30.56 -17.99 -32.62
CA VAL E 144 30.28 -19.11 -33.50
C VAL E 144 30.38 -18.64 -34.93
N GLN E 145 31.00 -19.47 -35.78
CA GLN E 145 31.17 -19.12 -37.18
C GLN E 145 29.85 -19.18 -37.92
N ILE E 146 29.72 -18.34 -38.93
CA ILE E 146 28.56 -18.34 -39.82
C ILE E 146 29.06 -18.70 -41.21
N ASN E 147 28.61 -19.84 -41.72
CA ASN E 147 29.08 -20.34 -43.01
C ASN E 147 28.02 -21.21 -43.68
N LYS E 159 37.79 -14.90 -41.00
CA LYS E 159 36.46 -15.32 -41.40
C LYS E 159 35.39 -14.59 -40.61
N GLU E 160 34.12 -14.88 -40.90
CA GLU E 160 33.01 -14.18 -40.28
C GLU E 160 32.44 -14.98 -39.12
N TYR E 161 32.19 -14.32 -38.01
CA TYR E 161 31.63 -14.95 -36.83
C TYR E 161 30.40 -14.18 -36.33
N ARG E 162 29.82 -14.63 -35.23
CA ARG E 162 28.74 -13.92 -34.57
C ARG E 162 28.68 -14.38 -33.12
N LEU E 163 28.08 -13.57 -32.27
CA LEU E 163 27.94 -13.94 -30.87
C LEU E 163 26.99 -15.12 -30.74
N ILE E 164 27.26 -15.96 -29.74
CA ILE E 164 26.56 -17.23 -29.62
C ILE E 164 25.10 -17.02 -29.24
N ASN E 165 24.78 -15.87 -28.66
CA ASN E 165 23.42 -15.62 -28.18
C ASN E 165 22.49 -15.06 -29.25
N CYS E 166 23.01 -14.66 -30.40
CA CYS E 166 22.19 -13.99 -31.41
C CYS E 166 21.10 -14.91 -31.95
N ASN E 167 21.30 -16.22 -31.90
CA ASN E 167 20.28 -17.16 -32.35
C ASN E 167 19.13 -17.26 -31.35
N THR E 168 19.41 -17.05 -30.06
CA THR E 168 18.44 -17.28 -29.00
C THR E 168 17.84 -15.99 -28.45
N SER E 169 18.68 -15.05 -28.03
CA SER E 169 18.22 -13.75 -27.56
C SER E 169 19.42 -12.86 -27.34
N ALA E 170 19.27 -11.58 -27.67
CA ALA E 170 20.20 -10.58 -27.20
C ALA E 170 20.00 -10.40 -25.71
N CYS E 171 21.03 -9.94 -25.01
CA CYS E 171 20.92 -9.89 -23.55
C CYS E 171 21.59 -8.66 -22.96
N THR E 172 21.21 -8.37 -21.73
CA THR E 172 21.64 -7.19 -21.02
C THR E 172 23.13 -7.28 -20.70
N GLN E 173 23.71 -6.14 -20.38
CA GLN E 173 25.09 -6.07 -19.93
C GLN E 173 25.12 -5.74 -18.46
N ALA E 174 25.85 -6.54 -17.68
CA ALA E 174 25.95 -6.29 -16.26
C ALA E 174 26.63 -4.94 -16.01
N CYS E 175 25.94 -4.09 -15.27
CA CYS E 175 26.47 -2.76 -14.98
C CYS E 175 27.71 -2.87 -14.09
N PRO E 176 28.78 -2.14 -14.38
CA PRO E 176 29.97 -2.21 -13.51
C PRO E 176 29.73 -1.75 -12.09
N LYS E 177 28.73 -0.89 -11.88
CA LYS E 177 28.47 -0.39 -10.54
C LYS E 177 28.01 -1.51 -9.61
N VAL E 178 27.09 -2.35 -10.06
CA VAL E 178 26.61 -3.45 -9.24
C VAL E 178 27.69 -4.54 -9.19
N SER E 179 27.95 -5.05 -8.00
CA SER E 179 28.91 -6.12 -7.79
C SER E 179 28.19 -7.45 -7.64
N PHE E 180 28.89 -8.53 -7.98
CA PHE E 180 28.34 -9.87 -7.83
C PHE E 180 28.66 -10.49 -6.48
N GLU E 181 29.30 -9.76 -5.59
CA GLU E 181 29.66 -10.31 -4.30
C GLU E 181 28.39 -10.71 -3.54
N PRO E 182 28.28 -11.94 -3.08
CA PRO E 182 27.06 -12.37 -2.38
C PRO E 182 26.98 -11.72 -1.01
N ILE E 183 25.96 -10.89 -0.82
CA ILE E 183 25.72 -10.27 0.49
C ILE E 183 24.85 -11.23 1.29
N PRO E 184 25.08 -11.39 2.59
CA PRO E 184 24.26 -12.31 3.37
C PRO E 184 22.81 -11.84 3.45
N ILE E 185 21.91 -12.82 3.46
CA ILE E 185 20.48 -12.57 3.64
C ILE E 185 20.00 -13.43 4.80
N HIS E 186 19.12 -12.86 5.63
CA HIS E 186 18.57 -13.53 6.79
C HIS E 186 17.07 -13.67 6.63
N TYR E 187 16.58 -14.91 6.57
CA TYR E 187 15.17 -15.19 6.37
C TYR E 187 14.45 -15.17 7.71
N CYS E 188 13.40 -14.38 7.81
CA CYS E 188 12.68 -14.18 9.06
C CYS E 188 11.23 -14.63 8.94
N ALA E 189 10.70 -15.17 10.04
CA ALA E 189 9.35 -15.70 10.07
C ALA E 189 8.34 -14.57 10.25
N PRO E 190 7.25 -14.56 9.50
CA PRO E 190 6.26 -13.50 9.67
C PRO E 190 5.43 -13.72 10.92
N ALA E 191 4.50 -12.82 11.20
CA ALA E 191 3.70 -12.94 12.41
C ALA E 191 2.86 -14.20 12.37
N GLY E 192 2.79 -14.88 13.51
CA GLY E 192 2.06 -16.12 13.60
C GLY E 192 2.84 -17.35 13.22
N PHE E 193 4.08 -17.20 12.80
CA PHE E 193 4.93 -18.31 12.44
C PHE E 193 6.19 -18.27 13.29
N ALA E 194 6.99 -19.33 13.19
CA ALA E 194 8.25 -19.41 13.92
C ALA E 194 9.25 -20.20 13.11
N ILE E 195 10.53 -19.97 13.38
CA ILE E 195 11.62 -20.68 12.71
C ILE E 195 12.34 -21.51 13.76
N LEU E 196 12.45 -22.81 13.50
CA LEU E 196 13.12 -23.73 14.39
C LEU E 196 14.46 -24.14 13.79
N LYS E 197 15.52 -24.00 14.57
CA LYS E 197 16.87 -24.33 14.15
C LYS E 197 17.38 -25.48 15.02
N CYS E 198 17.93 -26.51 14.39
CA CYS E 198 18.45 -27.63 15.16
C CYS E 198 19.93 -27.42 15.46
N LYS E 199 20.32 -27.78 16.68
CA LYS E 199 21.69 -27.60 17.15
C LYS E 199 22.41 -28.93 17.30
N ASP E 200 21.86 -30.00 16.76
CA ASP E 200 22.48 -31.32 16.88
C ASP E 200 23.78 -31.30 16.10
N LYS E 201 24.82 -31.87 16.69
CA LYS E 201 26.12 -31.91 16.01
C LYS E 201 26.15 -32.95 14.91
N LYS E 202 25.36 -34.03 15.05
CA LYS E 202 25.39 -35.14 14.11
C LYS E 202 24.08 -35.31 13.36
N PHE E 203 23.48 -34.22 12.90
CA PHE E 203 22.28 -34.32 12.06
C PHE E 203 22.63 -34.96 10.73
N ASN E 204 21.77 -35.86 10.26
CA ASN E 204 21.91 -36.43 8.93
C ASN E 204 21.18 -35.61 7.89
N GLY E 205 20.58 -34.49 8.28
CA GLY E 205 19.69 -33.73 7.44
C GLY E 205 18.23 -34.07 7.61
N THR E 206 17.91 -35.28 8.06
CA THR E 206 16.54 -35.73 8.23
C THR E 206 16.41 -36.42 9.57
N GLY E 207 15.17 -36.47 10.06
CA GLY E 207 14.88 -37.23 11.24
C GLY E 207 14.71 -36.39 12.49
N PRO E 208 14.72 -37.02 13.65
CA PRO E 208 14.54 -36.28 14.89
C PRO E 208 15.74 -35.41 15.20
N CYS E 209 15.50 -34.34 15.95
CA CYS E 209 16.59 -33.49 16.45
C CYS E 209 16.37 -33.23 17.93
N PRO E 210 17.18 -33.81 18.81
CA PRO E 210 17.00 -33.60 20.25
C PRO E 210 17.15 -32.17 20.71
N SER E 211 17.96 -31.35 20.04
CA SER E 211 18.29 -30.00 20.54
C SER E 211 17.79 -28.96 19.54
N VAL E 212 16.69 -28.29 19.88
CA VAL E 212 16.01 -27.37 18.99
C VAL E 212 15.96 -25.99 19.65
N SER E 213 16.04 -24.94 18.85
CA SER E 213 15.87 -23.59 19.33
C SER E 213 14.93 -22.83 18.40
N THR E 214 14.29 -21.79 18.92
CA THR E 214 13.42 -20.93 18.12
C THR E 214 14.15 -19.63 17.83
N VAL E 215 14.47 -19.42 16.56
CA VAL E 215 15.27 -18.29 16.13
C VAL E 215 14.42 -17.37 15.24
N GLN E 216 14.55 -16.07 15.46
CA GLN E 216 13.70 -15.11 14.77
C GLN E 216 14.13 -14.91 13.31
N CYS E 217 15.44 -14.89 13.04
CA CYS E 217 15.94 -14.73 11.68
C CYS E 217 17.13 -15.64 11.46
N THR E 218 17.23 -16.19 10.26
CA THR E 218 18.30 -17.13 9.96
C THR E 218 19.65 -16.42 9.96
N HIS E 219 20.71 -17.20 10.14
CA HIS E 219 22.03 -16.60 10.11
C HIS E 219 22.36 -16.12 8.70
N GLY E 220 23.45 -15.37 8.60
CA GLY E 220 23.90 -14.88 7.31
C GLY E 220 24.25 -15.99 6.36
N ILE E 221 23.45 -16.16 5.31
CA ILE E 221 23.67 -17.17 4.30
C ILE E 221 24.15 -16.44 3.04
N LYS E 222 25.36 -16.73 2.62
CA LYS E 222 25.89 -16.14 1.41
C LYS E 222 25.37 -16.90 0.21
N PRO E 223 24.67 -16.25 -0.71
CA PRO E 223 24.24 -16.93 -1.94
C PRO E 223 25.40 -17.10 -2.93
N VAL E 224 26.29 -18.02 -2.61
CA VAL E 224 27.41 -18.33 -3.49
C VAL E 224 26.91 -19.27 -4.58
N VAL E 225 26.99 -18.84 -5.82
CA VAL E 225 26.59 -19.65 -6.97
C VAL E 225 27.83 -20.42 -7.41
N SER E 226 27.75 -21.75 -7.35
CA SER E 226 28.85 -22.58 -7.79
C SER E 226 28.32 -23.95 -8.16
N THR E 227 29.15 -24.73 -8.83
CA THR E 227 28.88 -26.12 -9.14
C THR E 227 30.02 -26.98 -8.63
N GLN E 228 29.70 -28.25 -8.39
CA GLN E 228 30.65 -29.26 -7.91
C GLN E 228 31.18 -28.94 -6.52
N LEU E 229 31.84 -27.80 -6.36
CA LEU E 229 32.48 -27.44 -5.11
C LEU E 229 31.73 -26.29 -4.45
N LEU E 230 31.25 -26.51 -3.24
CA LEU E 230 30.54 -25.48 -2.50
C LEU E 230 31.57 -24.58 -1.81
N LEU E 231 31.44 -23.28 -2.04
CA LEU E 231 32.44 -22.32 -1.61
C LEU E 231 31.89 -21.41 -0.52
N ASN E 232 32.75 -21.06 0.43
CA ASN E 232 32.45 -20.07 1.46
C ASN E 232 31.23 -20.47 2.28
N GLY E 233 30.99 -21.76 2.43
CA GLY E 233 29.88 -22.27 3.18
C GLY E 233 30.21 -22.43 4.65
N SER E 234 29.40 -23.23 5.34
CA SER E 234 29.57 -23.47 6.75
C SER E 234 30.14 -24.86 6.98
N LEU E 235 30.85 -25.04 8.07
CA LEU E 235 31.59 -26.25 8.34
C LEU E 235 30.88 -27.10 9.39
N ALA E 236 31.12 -28.41 9.32
CA ALA E 236 30.30 -29.37 10.05
C ALA E 236 30.58 -29.42 11.54
N GLU E 237 31.75 -28.92 11.97
CA GLU E 237 32.09 -28.74 13.38
C GLU E 237 32.38 -30.03 14.13
N GLU E 238 32.17 -31.17 13.51
CA GLU E 238 32.58 -32.39 14.21
C GLU E 238 33.35 -33.36 13.33
N GLU E 239 32.97 -33.53 12.07
CA GLU E 239 33.54 -34.50 11.15
C GLU E 239 32.87 -34.29 9.80
N VAL E 240 33.44 -34.91 8.76
CA VAL E 240 32.86 -34.83 7.43
C VAL E 240 31.47 -35.46 7.45
N MET E 241 30.48 -34.72 6.96
CA MET E 241 29.10 -35.17 6.96
C MET E 241 28.65 -35.49 5.54
N ILE E 242 27.93 -36.58 5.39
CA ILE E 242 27.39 -36.99 4.11
C ILE E 242 25.87 -36.94 4.21
N ARG E 243 25.24 -36.16 3.35
CA ARG E 243 23.79 -35.96 3.37
C ARG E 243 23.24 -36.36 2.01
N SER E 244 22.33 -37.33 2.01
CA SER E 244 21.63 -37.74 0.81
C SER E 244 20.15 -37.87 1.11
N GLU E 245 19.35 -37.80 0.05
CA GLU E 245 17.92 -38.05 0.19
C GLU E 245 17.66 -39.54 0.41
N ASN E 246 18.08 -40.37 -0.54
CA ASN E 246 18.00 -41.82 -0.42
C ASN E 246 19.34 -42.30 -0.95
N ILE E 247 20.27 -42.58 -0.03
CA ILE E 247 21.65 -42.83 -0.41
C ILE E 247 21.80 -44.11 -1.22
N THR E 248 20.78 -44.96 -1.22
CA THR E 248 20.77 -46.14 -2.06
C THR E 248 20.19 -45.87 -3.44
N ASN E 249 19.78 -44.64 -3.71
CA ASN E 249 19.32 -44.23 -5.04
C ASN E 249 20.43 -43.43 -5.69
N ASN E 250 21.01 -43.98 -6.76
CA ASN E 250 22.14 -43.33 -7.40
C ASN E 250 21.73 -42.05 -8.12
N ALA E 251 20.46 -41.92 -8.50
CA ALA E 251 20.02 -40.72 -9.21
C ALA E 251 20.12 -39.49 -8.33
N LYS E 252 19.80 -39.61 -7.05
CA LYS E 252 19.91 -38.47 -6.14
C LYS E 252 21.37 -38.11 -5.92
N ASN E 253 21.61 -36.85 -5.58
CA ASN E 253 22.95 -36.35 -5.35
C ASN E 253 23.30 -36.38 -3.86
N ILE E 254 24.60 -36.38 -3.60
CA ILE E 254 25.15 -36.43 -2.25
C ILE E 254 25.80 -35.09 -1.94
N LEU E 255 25.48 -34.53 -0.78
CA LEU E 255 26.07 -33.28 -0.33
C LEU E 255 27.07 -33.61 0.77
N VAL E 256 28.30 -33.21 0.57
CA VAL E 256 29.36 -33.51 1.53
C VAL E 256 29.80 -32.22 2.20
N GLN E 257 29.80 -32.22 3.52
CA GLN E 257 30.21 -31.05 4.29
C GLN E 257 31.50 -31.34 5.02
N PHE E 258 32.37 -30.33 5.04
CA PHE E 258 33.74 -30.43 5.50
C PHE E 258 33.87 -29.87 6.91
N ASN E 259 34.58 -30.60 7.76
CA ASN E 259 34.89 -30.08 9.10
C ASN E 259 36.01 -29.05 9.07
N THR E 260 36.92 -29.15 8.09
CA THR E 260 38.00 -28.19 7.90
C THR E 260 37.99 -27.72 6.45
N PRO E 261 38.15 -26.42 6.22
CA PRO E 261 38.06 -25.89 4.86
C PRO E 261 39.30 -26.21 4.06
N VAL E 262 39.14 -26.22 2.74
CA VAL E 262 40.26 -26.41 1.82
C VAL E 262 40.42 -25.16 1.00
N GLN E 263 41.56 -24.48 1.14
CA GLN E 263 41.77 -23.21 0.47
C GLN E 263 41.99 -23.43 -1.02
N ILE E 264 41.36 -22.59 -1.84
CA ILE E 264 41.52 -22.61 -3.29
C ILE E 264 41.83 -21.20 -3.75
N ASN E 265 42.91 -21.06 -4.52
CA ASN E 265 43.38 -19.76 -5.00
C ASN E 265 43.19 -19.69 -6.51
N CYS E 266 42.31 -18.81 -6.97
CA CYS E 266 41.99 -18.70 -8.38
C CYS E 266 42.51 -17.38 -8.94
N THR E 267 43.07 -17.44 -10.14
CA THR E 267 43.75 -16.28 -10.71
C THR E 267 43.61 -16.29 -12.22
N ARG E 268 43.64 -15.09 -12.79
CA ARG E 268 43.60 -14.86 -14.24
C ARG E 268 44.77 -13.96 -14.60
N PRO E 269 45.93 -14.54 -14.94
CA PRO E 269 47.15 -13.74 -15.13
C PRO E 269 47.21 -13.11 -16.52
N ASN E 270 46.19 -12.35 -16.87
CA ASN E 270 45.97 -11.86 -18.23
C ASN E 270 45.63 -10.39 -18.23
N ASN E 271 46.48 -9.59 -17.59
CA ASN E 271 46.28 -8.16 -17.44
C ASN E 271 45.77 -7.52 -18.72
N ASN E 272 44.54 -7.00 -18.68
CA ASN E 272 43.87 -6.56 -19.89
C ASN E 272 43.13 -5.26 -19.64
N THR E 273 42.97 -4.48 -20.71
CA THR E 273 42.34 -3.17 -20.65
C THR E 273 40.88 -3.29 -21.01
N ARG E 274 40.07 -2.40 -20.45
CA ARG E 274 38.66 -2.31 -20.76
C ARG E 274 38.40 -0.98 -21.44
N LYS E 275 37.92 -1.03 -22.67
CA LYS E 275 37.65 0.16 -23.45
C LYS E 275 36.14 0.38 -23.54
N SER E 276 35.74 1.64 -23.53
CA SER E 276 34.32 2.01 -23.55
C SER E 276 33.94 2.43 -24.97
N ILE E 277 32.95 1.76 -25.54
CA ILE E 277 32.42 2.09 -26.85
C ILE E 277 31.00 2.60 -26.66
N ARG E 278 30.74 3.83 -27.08
CA ARG E 278 29.43 4.44 -26.95
C ARG E 278 28.56 3.93 -28.09
N ILE E 279 27.56 3.11 -27.75
CA ILE E 279 26.74 2.44 -28.76
C ILE E 279 25.38 3.09 -28.95
N GLY E 280 25.16 4.24 -28.34
CA GLY E 280 23.89 4.92 -28.43
C GLY E 280 23.85 6.05 -27.44
N PRO E 281 22.72 6.75 -27.36
CA PRO E 281 22.62 7.84 -26.39
C PRO E 281 22.57 7.33 -24.95
N GLY E 282 23.66 7.51 -24.22
CA GLY E 282 23.73 7.10 -22.84
C GLY E 282 24.07 5.65 -22.61
N GLN E 283 24.37 4.89 -23.66
CA GLN E 283 24.66 3.47 -23.55
C GLN E 283 26.10 3.20 -23.94
N ALA E 284 26.83 2.55 -23.05
CA ALA E 284 28.24 2.22 -23.26
C ALA E 284 28.42 0.72 -23.15
N PHE E 285 29.20 0.17 -24.08
CA PHE E 285 29.58 -1.23 -24.08
C PHE E 285 31.06 -1.31 -23.75
N TYR E 286 31.40 -1.99 -22.67
CA TYR E 286 32.79 -2.14 -22.24
C TYR E 286 33.37 -3.37 -22.90
N ALA E 287 34.26 -3.16 -23.85
CA ALA E 287 34.88 -4.24 -24.59
C ALA E 287 36.25 -4.56 -24.01
N THR E 288 36.94 -5.53 -24.59
CA THR E 288 38.28 -5.92 -24.19
C THR E 288 39.27 -5.29 -25.15
N GLY E 289 40.28 -4.63 -24.62
CA GLY E 289 41.27 -3.98 -25.44
C GLY E 289 42.42 -4.91 -25.77
N ASP E 290 43.63 -4.50 -25.43
CA ASP E 290 44.82 -5.29 -25.67
C ASP E 290 45.37 -5.77 -24.34
N ILE E 291 45.70 -7.06 -24.28
CA ILE E 291 46.24 -7.64 -23.07
C ILE E 291 47.72 -7.29 -22.98
N ILE E 292 48.12 -6.72 -21.85
CA ILE E 292 49.48 -6.25 -21.65
C ILE E 292 50.30 -7.42 -21.11
N GLY E 293 51.23 -7.91 -21.92
CA GLY E 293 52.11 -8.98 -21.49
C GLY E 293 51.88 -10.28 -22.22
N ASP E 294 52.18 -11.39 -21.57
CA ASP E 294 51.98 -12.70 -22.17
C ASP E 294 50.55 -13.17 -21.94
N ILE E 295 50.10 -14.07 -22.80
CA ILE E 295 48.78 -14.68 -22.66
C ILE E 295 48.95 -15.95 -21.84
N ARG E 296 48.33 -15.99 -20.67
CA ARG E 296 48.42 -17.15 -19.79
C ARG E 296 47.03 -17.58 -19.33
N GLN E 297 46.89 -18.87 -19.12
CA GLN E 297 45.61 -19.47 -18.80
C GLN E 297 45.27 -19.28 -17.33
N ALA E 298 44.02 -18.89 -17.07
CA ALA E 298 43.55 -18.74 -15.71
C ALA E 298 43.41 -20.11 -15.05
N HIS E 299 43.65 -20.16 -13.75
CA HIS E 299 43.69 -21.45 -13.08
C HIS E 299 43.40 -21.27 -11.60
N CYS E 300 43.07 -22.39 -10.96
CA CYS E 300 42.86 -22.44 -9.53
C CYS E 300 43.79 -23.48 -8.92
N ASN E 301 44.47 -23.09 -7.85
CA ASN E 301 45.43 -23.95 -7.17
C ASN E 301 44.84 -24.43 -5.86
N VAL E 302 44.98 -25.72 -5.59
CA VAL E 302 44.65 -26.29 -4.29
C VAL E 302 45.85 -27.06 -3.79
N SER E 303 45.93 -27.25 -2.47
CA SER E 303 47.06 -27.98 -1.90
C SER E 303 46.84 -29.47 -2.04
N LYS E 304 47.88 -30.18 -2.48
CA LYS E 304 47.75 -31.62 -2.67
C LYS E 304 47.57 -32.34 -1.35
N ALA E 305 48.32 -31.94 -0.31
CA ALA E 305 48.26 -32.64 0.96
C ALA E 305 46.90 -32.46 1.64
N THR E 306 46.41 -31.22 1.69
CA THR E 306 45.11 -30.97 2.30
C THR E 306 44.02 -31.69 1.55
N TRP E 307 44.09 -31.69 0.22
CA TRP E 307 43.05 -32.36 -0.56
C TRP E 307 43.07 -33.86 -0.31
N ASN E 308 44.27 -34.45 -0.24
CA ASN E 308 44.34 -35.87 0.06
C ASN E 308 43.79 -36.19 1.43
N GLU E 309 44.10 -35.36 2.43
CA GLU E 309 43.58 -35.61 3.77
C GLU E 309 42.06 -35.52 3.81
N THR E 310 41.50 -34.48 3.19
CA THR E 310 40.06 -34.33 3.19
C THR E 310 39.38 -35.45 2.42
N LEU E 311 39.97 -35.89 1.32
CA LEU E 311 39.43 -37.02 0.58
C LEU E 311 39.49 -38.30 1.41
N GLY E 312 40.54 -38.44 2.23
CA GLY E 312 40.58 -39.58 3.14
C GLY E 312 39.44 -39.53 4.14
N LYS E 313 39.17 -38.36 4.70
CA LYS E 313 38.04 -38.22 5.62
C LYS E 313 36.73 -38.57 4.92
N VAL E 314 36.55 -38.08 3.69
CA VAL E 314 35.33 -38.35 2.96
C VAL E 314 35.18 -39.84 2.67
N VAL E 315 36.27 -40.50 2.30
CA VAL E 315 36.22 -41.94 2.04
C VAL E 315 35.87 -42.69 3.31
N LYS E 316 36.44 -42.27 4.45
CA LYS E 316 36.14 -42.93 5.71
C LYS E 316 34.66 -42.80 6.05
N GLN E 317 34.08 -41.61 5.86
CA GLN E 317 32.66 -41.46 6.13
C GLN E 317 31.78 -42.21 5.13
N LEU E 318 32.20 -42.29 3.87
CA LEU E 318 31.45 -43.07 2.90
C LEU E 318 31.46 -44.55 3.23
N ARG E 319 32.55 -45.04 3.81
CA ARG E 319 32.61 -46.43 4.23
C ARG E 319 31.58 -46.76 5.30
N LYS E 320 31.17 -45.78 6.09
CA LYS E 320 30.12 -46.01 7.08
C LYS E 320 28.79 -46.37 6.43
N HIS E 321 28.51 -45.85 5.24
CA HIS E 321 27.25 -46.10 4.57
C HIS E 321 27.32 -47.19 3.51
N PHE E 322 28.50 -47.46 2.94
CA PHE E 322 28.61 -48.49 1.91
C PHE E 322 29.39 -49.71 2.41
N GLY E 323 29.58 -49.85 3.71
CA GLY E 323 30.34 -50.95 4.25
C GLY E 323 31.82 -50.66 4.28
N ASN E 324 32.53 -51.40 5.14
CA ASN E 324 33.96 -51.18 5.36
C ASN E 324 34.83 -52.06 4.50
N ASN E 325 34.37 -52.44 3.31
CA ASN E 325 35.17 -53.28 2.42
C ASN E 325 35.05 -52.86 0.97
N THR E 326 34.37 -51.76 0.66
CA THR E 326 34.15 -51.35 -0.72
C THR E 326 35.27 -50.47 -1.23
N ILE E 327 35.53 -50.58 -2.53
CA ILE E 327 36.54 -49.77 -3.20
C ILE E 327 35.91 -48.44 -3.57
N ILE E 328 36.50 -47.33 -3.12
CA ILE E 328 35.97 -46.01 -3.40
C ILE E 328 36.82 -45.37 -4.48
N ARG E 329 36.20 -45.06 -5.61
CA ARG E 329 36.91 -44.49 -6.75
C ARG E 329 36.32 -43.13 -7.10
N PHE E 330 37.17 -42.11 -7.10
CA PHE E 330 36.79 -40.78 -7.54
C PHE E 330 37.27 -40.56 -8.97
N ALA E 331 36.33 -40.40 -9.89
CA ALA E 331 36.62 -40.08 -11.28
C ALA E 331 35.94 -38.75 -11.62
N ASN E 332 36.30 -38.19 -12.77
CA ASN E 332 35.83 -36.87 -13.12
C ASN E 332 34.42 -36.91 -13.69
N SER E 333 33.89 -35.74 -14.02
CA SER E 333 32.53 -35.62 -14.51
C SER E 333 32.37 -36.33 -15.85
N SER E 334 31.13 -36.68 -16.17
CA SER E 334 30.87 -37.55 -17.31
C SER E 334 30.71 -36.78 -18.60
N GLY E 335 29.69 -35.93 -18.67
CA GLY E 335 29.43 -35.20 -19.89
C GLY E 335 28.29 -34.24 -19.70
N GLY E 336 28.11 -33.37 -20.68
CA GLY E 336 27.12 -32.33 -20.66
C GLY E 336 27.72 -31.02 -21.07
N ASP E 337 27.02 -29.93 -20.73
CA ASP E 337 27.48 -28.61 -21.07
C ASP E 337 28.67 -28.21 -20.21
N LEU E 338 29.30 -27.09 -20.58
CA LEU E 338 30.43 -26.60 -19.80
C LEU E 338 29.98 -26.11 -18.42
N GLU E 339 28.70 -25.80 -18.27
CA GLU E 339 28.19 -25.32 -16.98
C GLU E 339 27.90 -26.44 -16.01
N VAL E 340 27.98 -27.70 -16.43
CA VAL E 340 27.76 -28.83 -15.55
C VAL E 340 28.95 -29.78 -15.47
N THR E 341 29.84 -29.77 -16.45
CA THR E 341 31.03 -30.62 -16.42
C THR E 341 32.21 -29.96 -15.72
N THR E 342 32.08 -28.69 -15.36
CA THR E 342 33.18 -27.93 -14.81
C THR E 342 32.72 -27.20 -13.56
N HIS E 343 33.67 -26.93 -12.67
CA HIS E 343 33.41 -26.14 -11.48
C HIS E 343 33.27 -24.69 -11.90
N SER E 344 32.04 -24.19 -11.91
CA SER E 344 31.73 -22.87 -12.42
C SER E 344 31.48 -21.92 -11.26
N PHE E 345 32.12 -20.75 -11.31
CA PHE E 345 31.92 -19.78 -10.24
C PHE E 345 32.28 -18.40 -10.77
N ASN E 346 32.30 -17.42 -9.87
CA ASN E 346 32.60 -16.03 -10.22
C ASN E 346 33.72 -15.54 -9.32
N CYS E 347 34.85 -15.18 -9.92
CA CYS E 347 36.02 -14.73 -9.18
C CYS E 347 36.31 -13.28 -9.55
N GLY E 348 35.80 -12.37 -8.74
CA GLY E 348 36.03 -10.96 -8.97
C GLY E 348 35.41 -10.42 -10.23
N GLY E 349 34.18 -10.82 -10.53
CA GLY E 349 33.43 -10.30 -11.65
C GLY E 349 33.58 -11.09 -12.94
N GLU E 350 34.54 -12.00 -13.00
CA GLU E 350 34.74 -12.83 -14.18
C GLU E 350 34.28 -14.25 -13.91
N PHE E 351 33.65 -14.86 -14.89
CA PHE E 351 32.98 -16.14 -14.73
C PHE E 351 33.90 -17.26 -15.18
N PHE E 352 34.37 -18.02 -14.18
CA PHE E 352 35.31 -19.11 -14.35
C PHE E 352 34.58 -20.43 -14.53
N TYR E 353 35.17 -21.30 -15.35
CA TYR E 353 34.75 -22.69 -15.53
C TYR E 353 36.00 -23.56 -15.49
N CYS E 354 36.24 -24.20 -14.35
CA CYS E 354 37.48 -24.90 -14.09
C CYS E 354 37.32 -26.40 -14.28
N ASN E 355 38.35 -27.02 -14.84
CA ASN E 355 38.33 -28.44 -15.23
C ASN E 355 38.87 -29.24 -14.06
N THR E 356 37.97 -29.68 -13.20
CA THR E 356 38.33 -30.36 -11.95
C THR E 356 38.46 -31.86 -12.15
N SER E 357 39.24 -32.27 -13.13
CA SER E 357 39.52 -33.68 -13.34
C SER E 357 40.80 -34.12 -12.65
N GLY E 358 41.50 -33.22 -11.98
CA GLY E 358 42.66 -33.57 -11.21
C GLY E 358 42.32 -33.78 -9.76
N LEU E 359 41.25 -33.12 -9.32
CA LEU E 359 40.78 -33.31 -7.95
C LEU E 359 40.15 -34.69 -7.78
N PHE E 360 39.25 -35.07 -8.68
CA PHE E 360 38.51 -36.32 -8.57
C PHE E 360 39.16 -37.35 -9.51
N ASN E 361 40.34 -37.82 -9.09
CA ASN E 361 41.06 -38.85 -9.82
C ASN E 361 41.87 -39.63 -8.78
N SER E 362 41.26 -40.69 -8.24
CA SER E 362 41.91 -41.44 -7.17
C SER E 362 41.13 -42.72 -6.92
N THR E 363 41.76 -43.67 -6.24
CA THR E 363 41.13 -44.92 -5.88
C THR E 363 41.65 -45.35 -4.53
N TRP E 364 40.74 -45.63 -3.61
CA TRP E 364 41.05 -46.08 -2.25
C TRP E 364 40.50 -47.49 -2.11
N ILE E 365 41.37 -48.45 -1.80
CA ILE E 365 41.00 -49.85 -1.83
C ILE E 365 40.38 -50.27 -0.50
N SER E 366 41.19 -50.27 0.56
CA SER E 366 40.69 -50.67 1.87
C SER E 366 41.27 -49.84 3.01
N ASN E 367 42.07 -48.82 2.73
CA ASN E 367 42.70 -48.01 3.77
C ASN E 367 43.30 -46.74 3.17
N ASN E 379 56.73 -27.52 -1.62
CA ASN E 379 55.38 -28.09 -1.54
C ASN E 379 54.89 -28.51 -2.91
N ASP E 380 53.65 -29.01 -2.95
CA ASP E 380 53.04 -29.43 -4.19
C ASP E 380 51.61 -28.91 -4.24
N SER E 381 51.09 -28.71 -5.46
CA SER E 381 49.77 -28.17 -5.64
C SER E 381 49.11 -28.81 -6.86
N ILE E 382 47.79 -28.81 -6.85
CA ILE E 382 46.99 -29.27 -7.98
C ILE E 382 46.47 -28.02 -8.69
N THR E 383 46.74 -27.93 -9.98
CA THR E 383 46.34 -26.81 -10.82
C THR E 383 45.15 -27.23 -11.65
N LEU E 384 44.04 -26.51 -11.52
CA LEU E 384 42.87 -26.74 -12.33
C LEU E 384 42.80 -25.66 -13.40
N PRO E 385 42.85 -26.01 -14.68
CA PRO E 385 42.83 -25.03 -15.77
C PRO E 385 41.41 -24.55 -16.02
N CYS E 386 41.21 -23.24 -15.92
CA CYS E 386 39.88 -22.69 -16.07
C CYS E 386 39.75 -21.91 -17.38
N ARG E 387 38.51 -21.78 -17.82
CA ARG E 387 38.16 -20.98 -18.98
C ARG E 387 37.20 -19.89 -18.54
N ILE E 388 37.35 -18.70 -19.10
CA ILE E 388 36.53 -17.55 -18.73
C ILE E 388 35.47 -17.37 -19.80
N LYS E 389 34.23 -17.15 -19.38
CA LYS E 389 33.16 -16.88 -20.32
C LYS E 389 32.56 -15.51 -20.03
N GLN E 390 32.06 -14.85 -21.08
CA GLN E 390 31.48 -13.53 -20.94
C GLN E 390 29.98 -13.48 -21.17
N ILE E 391 29.41 -14.43 -21.91
CA ILE E 391 27.97 -14.54 -22.09
C ILE E 391 27.49 -15.63 -21.16
N ILE E 392 26.69 -15.25 -20.16
CA ILE E 392 26.32 -16.14 -19.07
C ILE E 392 24.83 -16.36 -19.10
N ASN E 393 24.42 -17.62 -19.23
CA ASN E 393 23.02 -18.01 -19.15
C ASN E 393 22.82 -18.63 -17.77
N MET E 394 22.56 -17.79 -16.79
CA MET E 394 22.50 -18.23 -15.40
C MET E 394 21.20 -18.99 -15.14
N TRP E 395 21.27 -19.91 -14.18
CA TRP E 395 20.11 -20.62 -13.66
C TRP E 395 19.40 -21.43 -14.74
N GLN E 396 20.15 -21.90 -15.72
CA GLN E 396 19.67 -22.79 -16.77
C GLN E 396 18.51 -22.20 -17.56
N ARG E 397 18.18 -20.94 -17.34
CA ARG E 397 17.14 -20.30 -18.12
C ARG E 397 17.61 -20.11 -19.56
N ILE E 398 16.68 -20.26 -20.50
CA ILE E 398 16.95 -20.10 -21.92
C ILE E 398 16.23 -18.85 -22.39
N GLY E 399 16.92 -18.01 -23.13
CA GLY E 399 16.35 -16.77 -23.65
C GLY E 399 16.73 -15.53 -22.88
N GLN E 400 17.48 -15.65 -21.79
CA GLN E 400 17.95 -14.49 -21.03
C GLN E 400 19.40 -14.75 -20.62
N CYS E 401 20.33 -14.13 -21.32
CA CYS E 401 21.73 -14.16 -20.95
C CYS E 401 22.17 -12.84 -20.33
N MET E 402 23.45 -12.72 -20.05
CA MET E 402 24.02 -11.52 -19.47
C MET E 402 25.47 -11.41 -19.91
N TYR E 403 25.91 -10.21 -20.27
CA TYR E 403 27.28 -9.99 -20.66
C TYR E 403 28.06 -9.42 -19.48
N ALA E 404 29.06 -10.17 -19.03
CA ALA E 404 29.89 -9.73 -17.91
C ALA E 404 31.03 -8.88 -18.47
N PRO E 405 31.11 -7.59 -18.12
CA PRO E 405 32.16 -6.76 -18.69
C PRO E 405 33.52 -7.20 -18.19
N PRO E 406 34.57 -6.99 -18.98
CA PRO E 406 35.92 -7.34 -18.52
C PRO E 406 36.32 -6.50 -17.32
N ILE E 407 37.10 -7.14 -16.43
CA ILE E 407 37.62 -6.48 -15.24
C ILE E 407 39.08 -6.13 -15.49
N GLN E 408 39.43 -4.87 -15.30
CA GLN E 408 40.77 -4.40 -15.61
C GLN E 408 41.78 -5.00 -14.64
N GLY E 409 42.95 -5.36 -15.18
CA GLY E 409 44.03 -5.85 -14.36
C GLY E 409 43.94 -7.33 -14.06
N VAL E 410 44.90 -7.80 -13.26
CA VAL E 410 44.95 -9.20 -12.89
C VAL E 410 43.90 -9.48 -11.82
N ILE E 411 43.12 -10.54 -12.03
CA ILE E 411 42.10 -10.96 -11.09
C ILE E 411 42.65 -12.09 -10.23
N ARG E 412 42.47 -11.96 -8.92
CA ARG E 412 42.89 -12.97 -7.96
C ARG E 412 41.85 -13.05 -6.85
N CYS E 413 41.49 -14.27 -6.47
CA CYS E 413 40.58 -14.48 -5.35
C CYS E 413 41.02 -15.73 -4.60
N VAL E 414 40.74 -15.75 -3.30
CA VAL E 414 40.98 -16.91 -2.47
C VAL E 414 39.67 -17.27 -1.79
N SER E 415 39.38 -18.57 -1.71
CA SER E 415 38.09 -19.02 -1.20
C SER E 415 38.26 -20.35 -0.51
N ASN E 416 37.21 -20.77 0.18
CA ASN E 416 37.19 -22.01 0.94
C ASN E 416 36.25 -23.01 0.30
N ILE E 417 36.79 -24.16 -0.10
CA ILE E 417 35.97 -25.30 -0.46
C ILE E 417 35.50 -25.91 0.86
N THR E 418 34.18 -25.91 1.06
CA THR E 418 33.53 -26.41 2.25
C THR E 418 32.36 -27.31 1.87
N GLY E 419 32.61 -28.24 0.97
CA GLY E 419 31.58 -29.18 0.57
C GLY E 419 31.73 -29.64 -0.86
N LEU E 420 31.06 -30.73 -1.21
CA LEU E 420 31.03 -31.24 -2.57
C LEU E 420 29.63 -31.70 -2.90
N ILE E 421 29.34 -31.74 -4.21
CA ILE E 421 28.11 -32.31 -4.73
C ILE E 421 28.52 -33.49 -5.59
N LEU E 422 28.13 -34.70 -5.19
CA LEU E 422 28.59 -35.92 -5.82
C LEU E 422 27.42 -36.70 -6.39
N THR E 423 27.73 -37.54 -7.39
CA THR E 423 26.75 -38.39 -8.06
C THR E 423 27.38 -39.77 -8.21
N ARG E 424 26.62 -40.80 -7.87
CA ARG E 424 27.11 -42.17 -7.94
C ARG E 424 26.54 -42.89 -9.16
N ASP E 425 27.36 -43.75 -9.76
CA ASP E 425 26.91 -44.51 -10.92
C ASP E 425 27.06 -46.01 -10.67
N THR E 432 31.75 -54.42 -6.97
CA THR E 432 31.97 -54.12 -5.57
C THR E 432 32.72 -52.80 -5.40
N THR E 433 32.82 -52.03 -6.48
CA THR E 433 33.49 -50.73 -6.47
C THR E 433 32.45 -49.65 -6.75
N GLU E 434 32.40 -48.65 -5.88
CA GLU E 434 31.48 -47.53 -6.03
C GLU E 434 32.25 -46.33 -6.54
N THR E 435 31.81 -45.77 -7.66
CA THR E 435 32.45 -44.63 -8.28
C THR E 435 31.60 -43.38 -8.03
N PHE E 436 32.24 -42.32 -7.56
CA PHE E 436 31.58 -41.06 -7.30
C PHE E 436 32.20 -39.98 -8.19
N ARG E 437 31.35 -39.19 -8.84
CA ARG E 437 31.79 -38.14 -9.72
C ARG E 437 31.24 -36.79 -9.24
N PRO E 438 31.88 -35.68 -9.57
CA PRO E 438 31.35 -34.38 -9.16
C PRO E 438 29.99 -34.12 -9.79
N GLY E 439 29.14 -33.44 -9.04
CA GLY E 439 27.78 -33.19 -9.48
C GLY E 439 27.53 -31.73 -9.79
N GLY E 440 26.60 -31.48 -10.71
CA GLY E 440 26.32 -30.13 -11.16
C GLY E 440 24.84 -29.87 -11.28
N GLY E 441 24.06 -30.44 -10.36
CA GLY E 441 22.62 -30.31 -10.42
C GLY E 441 22.11 -28.89 -10.25
N ASP E 442 20.81 -28.74 -10.02
CA ASP E 442 20.21 -27.43 -9.88
C ASP E 442 20.79 -26.69 -8.67
N MET E 443 20.76 -25.36 -8.76
CA MET E 443 21.42 -24.52 -7.78
C MET E 443 20.80 -24.62 -6.39
N ARG E 444 19.61 -25.20 -6.27
CA ARG E 444 19.02 -25.41 -4.96
C ARG E 444 19.95 -26.20 -4.05
N ASP E 445 20.63 -27.20 -4.60
CA ASP E 445 21.54 -28.00 -3.78
C ASP E 445 22.63 -27.14 -3.15
N ASN E 446 23.00 -26.03 -3.80
CA ASN E 446 23.99 -25.15 -3.19
C ASN E 446 23.45 -24.54 -1.92
N TRP E 447 22.17 -24.16 -1.92
CA TRP E 447 21.55 -23.51 -0.77
C TRP E 447 20.91 -24.50 0.20
N ARG E 448 20.77 -25.76 -0.18
CA ARG E 448 20.30 -26.76 0.78
C ARG E 448 21.30 -26.94 1.90
N SER E 449 22.59 -26.94 1.58
CA SER E 449 23.62 -27.20 2.57
C SER E 449 23.69 -26.13 3.65
N GLU E 450 23.07 -24.98 3.43
CA GLU E 450 23.02 -23.92 4.42
C GLU E 450 21.69 -23.88 5.15
N LEU E 451 20.57 -24.08 4.44
CA LEU E 451 19.25 -24.13 5.05
C LEU E 451 18.87 -25.57 5.37
N TYR E 452 19.80 -26.27 6.01
CA TYR E 452 19.59 -27.66 6.35
C TYR E 452 19.25 -27.88 7.81
N LYS E 453 19.42 -26.88 8.67
CA LYS E 453 19.06 -26.98 10.06
C LYS E 453 17.92 -26.04 10.44
N TYR E 454 17.17 -25.53 9.47
CA TYR E 454 16.08 -24.62 9.74
C TYR E 454 14.78 -25.15 9.15
N LYS E 455 13.67 -24.88 9.85
CA LYS E 455 12.37 -25.13 9.23
C LYS E 455 11.36 -24.16 9.81
N VAL E 456 10.29 -23.93 9.03
CA VAL E 456 9.24 -22.97 9.35
C VAL E 456 8.04 -23.71 9.90
N VAL E 457 7.50 -23.22 11.02
CA VAL E 457 6.33 -23.82 11.62
C VAL E 457 5.27 -22.76 11.84
N LYS E 458 4.02 -23.21 11.87
CA LYS E 458 2.85 -22.38 12.11
C LYS E 458 2.36 -22.65 13.53
N ILE E 459 2.10 -21.58 14.28
CA ILE E 459 1.73 -21.68 15.68
C ILE E 459 0.21 -21.80 15.80
N GLU E 460 -0.26 -22.62 16.73
CA GLU E 460 -1.68 -22.73 17.03
C GLU E 460 -1.94 -22.17 18.42
N PRO E 461 -2.71 -21.12 18.55
CA PRO E 461 -2.97 -20.57 19.88
C PRO E 461 -4.03 -21.37 20.62
N LEU E 462 -5.00 -21.87 19.87
CA LEU E 462 -6.18 -22.48 20.47
C LEU E 462 -5.89 -23.88 20.95
N GLY E 463 -6.36 -24.17 22.16
CA GLY E 463 -6.25 -25.50 22.71
C GLY E 463 -7.40 -25.78 23.66
N VAL E 464 -7.83 -27.02 23.74
CA VAL E 464 -8.92 -27.41 24.62
C VAL E 464 -8.45 -28.53 25.52
N ALA E 465 -8.66 -28.36 26.83
CA ALA E 465 -8.20 -29.35 27.79
C ALA E 465 -9.27 -29.57 28.85
N PRO E 466 -9.40 -30.77 29.39
CA PRO E 466 -10.35 -30.99 30.47
C PRO E 466 -9.87 -30.39 31.78
N THR E 467 -10.80 -29.76 32.49
CA THR E 467 -10.50 -29.16 33.78
C THR E 467 -11.73 -29.25 34.67
N ARG E 468 -11.49 -29.19 35.98
CA ARG E 468 -12.57 -29.23 36.97
C ARG E 468 -13.10 -27.82 37.22
N CYS E 469 -13.93 -27.36 36.30
CA CYS E 469 -14.52 -26.03 36.36
C CYS E 469 -15.74 -26.00 35.44
N LYS E 470 -16.67 -25.11 35.78
CA LYS E 470 -17.90 -24.96 34.99
C LYS E 470 -18.26 -23.48 34.93
N ARG E 471 -18.90 -23.10 33.84
CA ARG E 471 -19.35 -21.71 33.68
C ARG E 471 -20.80 -21.57 34.13
N PHE F 11 9.22 -16.30 24.22
CA PHE F 11 8.43 -16.90 23.14
C PHE F 11 8.72 -18.38 23.00
N LEU F 12 7.67 -19.19 23.12
CA LEU F 12 7.72 -20.63 22.86
C LEU F 12 8.61 -21.37 23.85
N GLY F 13 8.99 -20.72 24.95
CA GLY F 13 9.91 -21.34 25.88
C GLY F 13 9.33 -22.50 26.65
N ALA F 14 8.01 -22.65 26.64
CA ALA F 14 7.34 -23.71 27.38
C ALA F 14 6.85 -24.82 26.47
N ALA F 15 7.41 -24.93 25.27
CA ALA F 15 7.00 -25.99 24.36
C ALA F 15 7.31 -27.36 24.94
N GLY F 16 8.49 -27.53 25.49
CA GLY F 16 8.83 -28.77 26.13
C GLY F 16 8.47 -28.84 27.59
N SER F 17 7.84 -27.80 28.15
CA SER F 17 7.38 -27.86 29.56
C SER F 17 5.96 -28.40 29.78
N THR F 18 5.59 -28.68 31.03
CA THR F 18 4.27 -29.31 31.34
C THR F 18 3.11 -28.50 30.91
N MET F 19 1.98 -29.14 30.70
CA MET F 19 0.86 -28.42 30.15
C MET F 19 0.39 -27.38 31.09
N GLY F 20 0.79 -27.43 32.32
CA GLY F 20 0.19 -26.48 33.20
C GLY F 20 1.14 -25.41 33.44
N ALA F 21 2.38 -25.76 33.44
CA ALA F 21 3.37 -24.75 33.61
C ALA F 21 3.32 -23.94 32.38
N ALA F 22 2.93 -24.54 31.28
CA ALA F 22 2.87 -23.66 30.12
C ALA F 22 1.63 -22.76 30.15
N SER F 23 0.63 -23.13 30.93
CA SER F 23 -0.56 -22.30 31.14
C SER F 23 -0.28 -21.10 32.02
N MET F 24 0.98 -20.81 32.31
CA MET F 24 1.35 -19.57 32.98
C MET F 24 1.97 -18.54 32.04
N THR F 25 2.05 -18.84 30.73
CA THR F 25 2.71 -17.94 29.78
C THR F 25 1.86 -17.64 28.55
N LEU F 26 0.54 -17.88 28.60
CA LEU F 26 -0.28 -17.65 27.41
C LEU F 26 -0.12 -16.24 26.89
N THR F 27 0.31 -15.30 27.74
CA THR F 27 0.43 -13.91 27.33
C THR F 27 1.61 -13.67 26.41
N VAL F 28 2.69 -14.45 26.49
CA VAL F 28 3.83 -14.16 25.63
C VAL F 28 3.64 -14.71 24.22
N GLN F 29 2.88 -15.79 24.07
CA GLN F 29 2.57 -16.34 22.75
C GLN F 29 1.41 -15.63 22.09
N ALA F 30 0.77 -14.67 22.75
CA ALA F 30 -0.32 -13.92 22.16
C ALA F 30 0.13 -12.61 21.55
N ARG F 31 1.17 -11.98 22.10
CA ARG F 31 1.67 -10.73 21.55
C ARG F 31 2.36 -10.93 20.20
N ASN F 32 3.11 -12.01 20.04
CA ASN F 32 3.80 -12.28 18.79
C ASN F 32 2.86 -12.67 17.67
N LEU F 33 1.58 -12.90 17.97
CA LEU F 33 0.62 -13.31 16.95
C LEU F 33 0.28 -12.21 15.96
N LEU F 34 0.52 -10.95 16.31
CA LEU F 34 0.42 -9.87 15.36
C LEU F 34 1.68 -9.02 15.47
N SER F 35 2.08 -8.44 14.35
CA SER F 35 3.35 -7.74 14.22
C SER F 35 3.58 -6.71 15.33
N LEU F 57 10.63 -2.52 -3.85
CA LEU F 57 9.90 -2.84 -5.06
C LEU F 57 8.45 -3.16 -4.75
N THR F 58 7.57 -2.87 -5.71
CA THR F 58 6.15 -3.14 -5.52
C THR F 58 5.87 -4.63 -5.34
N VAL F 59 6.62 -5.48 -6.05
CA VAL F 59 6.41 -6.92 -5.96
C VAL F 59 6.67 -7.40 -4.52
N TRP F 60 7.81 -7.03 -3.95
CA TRP F 60 8.12 -7.47 -2.60
C TRP F 60 7.15 -6.91 -1.57
N GLY F 61 6.76 -5.64 -1.71
CA GLY F 61 5.79 -5.08 -0.78
C GLY F 61 4.47 -5.81 -0.83
N ILE F 62 3.99 -6.11 -2.03
CA ILE F 62 2.76 -6.89 -2.17
C ILE F 62 2.93 -8.26 -1.53
N LYS F 63 4.10 -8.88 -1.72
CA LYS F 63 4.33 -10.19 -1.12
C LYS F 63 4.25 -10.13 0.40
N GLN F 64 4.83 -9.10 1.01
CA GLN F 64 4.83 -8.98 2.47
C GLN F 64 3.75 -8.06 2.98
N LEU F 65 2.84 -7.63 2.12
CA LEU F 65 1.62 -7.02 2.63
C LEU F 65 0.60 -8.11 2.94
N GLN F 66 0.44 -9.07 2.05
CA GLN F 66 -0.52 -10.14 2.29
C GLN F 66 -0.10 -11.02 3.46
N ALA F 67 1.17 -10.98 3.85
CA ALA F 67 1.57 -11.59 5.11
C ALA F 67 0.97 -10.86 6.30
N ARG F 68 1.04 -9.52 6.31
CA ARG F 68 0.45 -8.75 7.39
C ARG F 68 -1.05 -8.86 7.41
N VAL F 69 -1.70 -8.78 6.25
CA VAL F 69 -3.14 -8.94 6.18
C VAL F 69 -3.54 -10.34 6.60
N LEU F 70 -2.75 -11.35 6.21
CA LEU F 70 -3.05 -12.72 6.61
C LEU F 70 -2.93 -12.87 8.13
N ALA F 71 -1.90 -12.30 8.73
CA ALA F 71 -1.76 -12.39 10.18
C ALA F 71 -2.92 -11.71 10.89
N VAL F 72 -3.31 -10.52 10.41
CA VAL F 72 -4.42 -9.81 11.03
C VAL F 72 -5.71 -10.61 10.91
N GLU F 73 -5.98 -11.14 9.72
CA GLU F 73 -7.24 -11.85 9.53
C GLU F 73 -7.25 -13.17 10.30
N ARG F 74 -6.10 -13.81 10.45
CA ARG F 74 -6.06 -15.04 11.23
C ARG F 74 -6.29 -14.76 12.70
N TYR F 75 -5.68 -13.69 13.21
CA TYR F 75 -5.91 -13.31 14.60
C TYR F 75 -7.37 -12.95 14.83
N LEU F 76 -7.97 -12.22 13.89
CA LEU F 76 -9.37 -11.85 14.03
C LEU F 76 -10.28 -13.07 13.97
N ARG F 77 -9.96 -14.05 13.12
CA ARG F 77 -10.76 -15.26 13.07
C ARG F 77 -10.67 -16.03 14.38
N ASP F 78 -9.47 -16.13 14.97
CA ASP F 78 -9.36 -16.79 16.26
C ASP F 78 -10.14 -16.05 17.34
N GLN F 79 -10.06 -14.71 17.33
CA GLN F 79 -10.81 -13.92 18.31
C GLN F 79 -12.31 -14.07 18.13
N GLN F 80 -12.80 -14.06 16.89
CA GLN F 80 -14.22 -14.27 16.65
C GLN F 80 -14.66 -15.64 17.13
N LEU F 81 -13.83 -16.65 16.88
CA LEU F 81 -14.15 -17.99 17.36
C LEU F 81 -14.26 -18.01 18.87
N LEU F 82 -13.36 -17.31 19.55
CA LEU F 82 -13.43 -17.23 21.01
C LEU F 82 -14.69 -16.49 21.45
N GLY F 83 -15.02 -15.40 20.76
CA GLY F 83 -16.17 -14.60 21.16
C GLY F 83 -17.47 -15.34 20.97
N ILE F 84 -17.56 -16.15 19.92
CA ILE F 84 -18.72 -17.01 19.75
C ILE F 84 -18.83 -17.96 20.94
N TRP F 85 -17.71 -18.54 21.34
CA TRP F 85 -17.69 -19.48 22.45
C TRP F 85 -17.86 -18.82 23.81
N GLY F 86 -18.14 -17.53 23.86
CA GLY F 86 -18.29 -16.86 25.13
C GLY F 86 -17.01 -16.59 25.86
N CYS F 87 -15.86 -16.82 25.21
CA CYS F 87 -14.58 -16.46 25.79
C CYS F 87 -14.29 -14.97 25.71
N SER F 88 -14.97 -14.25 24.81
CA SER F 88 -14.85 -12.80 24.70
C SER F 88 -13.40 -12.35 24.62
N GLY F 89 -12.89 -11.78 25.71
CA GLY F 89 -11.50 -11.37 25.78
C GLY F 89 -10.63 -12.17 26.73
N LYS F 90 -11.16 -13.20 27.37
CA LYS F 90 -10.40 -13.96 28.32
C LYS F 90 -9.36 -14.83 27.60
N LEU F 91 -8.41 -15.34 28.39
CA LEU F 91 -7.45 -16.32 27.90
C LEU F 91 -7.76 -17.73 28.38
N ILE F 92 -8.02 -17.89 29.67
CA ILE F 92 -8.36 -19.18 30.27
C ILE F 92 -9.83 -19.13 30.66
N CYS F 93 -10.70 -19.63 29.80
CA CYS F 93 -12.12 -19.63 30.08
C CYS F 93 -12.54 -20.90 30.81
N CYS F 94 -13.84 -21.09 30.93
CA CYS F 94 -14.42 -22.32 31.47
C CYS F 94 -15.75 -22.50 30.77
N THR F 95 -16.03 -23.72 30.31
CA THR F 95 -17.17 -23.96 29.44
C THR F 95 -18.15 -24.93 30.09
N ASN F 96 -19.44 -24.75 29.76
CA ASN F 96 -20.49 -25.65 30.20
C ASN F 96 -20.50 -26.97 29.45
N VAL F 97 -19.69 -27.12 28.42
CA VAL F 97 -19.58 -28.41 27.73
C VAL F 97 -18.89 -29.41 28.64
N PRO F 98 -19.47 -30.56 28.90
CA PRO F 98 -18.79 -31.56 29.74
C PRO F 98 -17.83 -32.40 28.91
N TRP F 99 -16.77 -32.85 29.58
CA TRP F 99 -15.73 -33.61 28.91
C TRP F 99 -16.21 -35.03 28.65
N ASN F 100 -16.45 -35.34 27.38
CA ASN F 100 -16.90 -36.67 27.00
C ASN F 100 -15.83 -37.69 27.34
N SER F 101 -16.24 -38.79 27.98
CA SER F 101 -15.28 -39.78 28.46
C SER F 101 -14.52 -40.45 27.33
N SER F 102 -15.05 -40.40 26.10
CA SER F 102 -14.43 -41.02 24.95
C SER F 102 -13.27 -40.21 24.38
N TRP F 103 -12.74 -39.27 25.15
CA TRP F 103 -11.64 -38.41 24.71
C TRP F 103 -10.42 -38.73 25.58
N SER F 104 -9.64 -39.71 25.13
CA SER F 104 -8.34 -40.10 25.66
C SER F 104 -8.41 -40.84 26.99
N ASN F 105 -9.57 -40.84 27.65
CA ASN F 105 -9.83 -41.67 28.83
C ASN F 105 -8.79 -41.49 29.94
N ARG F 106 -7.99 -40.43 29.91
CA ARG F 106 -6.96 -40.24 30.93
C ARG F 106 -7.49 -39.46 32.12
N ASN F 107 -6.66 -39.40 33.16
CA ASN F 107 -6.96 -38.63 34.35
C ASN F 107 -6.33 -37.24 34.25
N LEU F 108 -6.81 -36.32 35.10
CA LEU F 108 -6.33 -34.95 35.06
C LEU F 108 -4.85 -34.85 35.45
N SER F 109 -4.39 -35.74 36.32
CA SER F 109 -2.98 -35.71 36.73
C SER F 109 -2.06 -35.94 35.55
N GLU F 110 -2.40 -36.91 34.69
CA GLU F 110 -1.57 -37.17 33.52
C GLU F 110 -1.66 -36.03 32.51
N ILE F 111 -2.83 -35.39 32.40
CA ILE F 111 -3.05 -34.36 31.41
C ILE F 111 -2.75 -32.99 32.03
N TRP F 112 -2.02 -32.97 33.13
CA TRP F 112 -1.52 -31.70 33.64
C TRP F 112 -0.09 -31.74 34.18
N ASP F 113 0.54 -32.91 34.30
CA ASP F 113 1.79 -33.01 35.05
C ASP F 113 2.93 -33.70 34.32
N ASN F 114 2.66 -34.60 33.38
CA ASN F 114 3.73 -35.31 32.67
C ASN F 114 3.46 -35.25 31.16
N MET F 115 2.92 -34.13 30.68
CA MET F 115 2.65 -34.04 29.25
C MET F 115 2.61 -32.59 28.82
N THR F 116 3.20 -32.32 27.67
CA THR F 116 3.25 -30.97 27.10
C THR F 116 2.02 -30.75 26.22
N TRP F 117 1.90 -29.51 25.75
CA TRP F 117 0.78 -29.17 24.89
C TRP F 117 0.86 -29.88 23.55
N LEU F 118 2.07 -30.22 23.10
CA LEU F 118 2.21 -30.81 21.76
C LEU F 118 1.63 -32.22 21.69
N GLN F 119 1.95 -33.09 22.65
CA GLN F 119 1.36 -34.42 22.57
C GLN F 119 -0.12 -34.39 22.89
N TRP F 120 -0.58 -33.42 23.67
CA TRP F 120 -2.02 -33.24 23.82
C TRP F 120 -2.65 -32.89 22.48
N ASP F 121 -2.01 -32.00 21.71
CA ASP F 121 -2.54 -31.63 20.41
C ASP F 121 -2.56 -32.82 19.47
N LYS F 122 -1.49 -33.61 19.48
CA LYS F 122 -1.42 -34.76 18.60
C LYS F 122 -2.36 -35.89 19.04
N GLU F 123 -2.71 -35.93 20.32
CA GLU F 123 -3.65 -36.92 20.82
C GLU F 123 -5.11 -36.54 20.57
N ILE F 124 -5.44 -35.26 20.67
CA ILE F 124 -6.80 -34.79 20.44
C ILE F 124 -7.16 -34.74 18.96
N SER F 125 -6.16 -34.75 18.07
CA SER F 125 -6.39 -34.57 16.64
C SER F 125 -7.55 -35.41 16.13
N ASN F 126 -8.29 -34.79 15.23
CA ASN F 126 -9.57 -35.25 14.77
C ASN F 126 -10.61 -34.86 15.78
N TYR F 127 -10.42 -35.26 17.01
CA TYR F 127 -11.45 -34.93 17.98
C TYR F 127 -11.38 -33.46 18.32
N THR F 128 -11.45 -32.59 17.31
CA THR F 128 -11.37 -31.16 17.51
C THR F 128 -12.54 -30.40 16.91
N GLN F 129 -12.98 -30.80 15.71
CA GLN F 129 -14.17 -30.21 15.14
C GLN F 129 -15.40 -30.51 15.97
N ILE F 130 -15.45 -31.70 16.58
CA ILE F 130 -16.53 -32.01 17.51
C ILE F 130 -16.50 -31.06 18.70
N ILE F 131 -15.29 -30.83 19.25
CA ILE F 131 -15.15 -29.87 20.35
C ILE F 131 -15.60 -28.49 19.91
N TYR F 132 -15.19 -28.07 18.70
CA TYR F 132 -15.55 -26.75 18.22
C TYR F 132 -17.06 -26.61 18.08
N GLY F 133 -17.73 -27.63 17.53
CA GLY F 133 -19.17 -27.57 17.41
C GLY F 133 -19.86 -27.54 18.76
N LEU F 134 -19.40 -28.38 19.69
CA LEU F 134 -20.02 -28.42 21.00
C LEU F 134 -19.87 -27.09 21.72
N LEU F 135 -18.70 -26.45 21.62
CA LEU F 135 -18.54 -25.12 22.18
C LEU F 135 -19.44 -24.13 21.47
N GLU F 136 -19.56 -24.23 20.15
CA GLU F 136 -20.29 -23.22 19.39
C GLU F 136 -21.77 -23.23 19.72
N GLU F 137 -22.40 -24.40 19.66
CA GLU F 137 -23.85 -24.48 19.74
C GLU F 137 -24.36 -25.02 21.07
N SER F 138 -23.71 -26.02 21.64
CA SER F 138 -24.26 -26.68 22.82
C SER F 138 -24.21 -25.77 24.04
N GLN F 139 -23.32 -24.77 24.04
CA GLN F 139 -23.21 -23.86 25.16
C GLN F 139 -23.71 -22.46 24.82
N ASN F 140 -23.21 -21.88 23.74
CA ASN F 140 -23.46 -20.46 23.48
C ASN F 140 -24.88 -20.23 23.00
N GLN F 141 -25.27 -20.88 21.91
CA GLN F 141 -26.63 -20.69 21.40
C GLN F 141 -27.67 -21.17 22.41
N GLN F 142 -27.39 -22.31 23.07
CA GLN F 142 -28.34 -22.83 24.04
C GLN F 142 -28.52 -21.87 25.20
N GLU F 143 -27.44 -21.28 25.69
CA GLU F 143 -27.56 -20.32 26.78
C GLU F 143 -28.21 -19.01 26.31
N LYS F 144 -27.93 -18.60 25.08
CA LYS F 144 -28.53 -17.36 24.56
C LYS F 144 -30.04 -17.50 24.46
N ASN F 145 -30.53 -18.60 23.88
CA ASN F 145 -31.97 -18.80 23.85
C ASN F 145 -32.53 -19.15 25.22
N GLU F 146 -31.68 -19.65 26.13
CA GLU F 146 -32.12 -19.87 27.51
C GLU F 146 -32.40 -18.54 28.21
N GLN F 147 -31.58 -17.53 27.94
CA GLN F 147 -31.77 -16.21 28.52
C GLN F 147 -32.73 -15.38 27.68
N GLN G 1 -1.61 28.88 39.82
CA GLN G 1 -2.40 29.84 39.08
C GLN G 1 -3.53 30.46 39.90
N ALA G 2 -3.24 31.40 40.77
CA ALA G 2 -4.22 31.87 41.74
C ALA G 2 -5.04 32.97 41.19
N PRO G 3 -6.21 33.20 41.73
CA PRO G 3 -7.08 34.22 41.16
C PRO G 3 -6.80 35.61 41.72
N LEU G 4 -6.92 36.60 40.85
CA LEU G 4 -6.94 38.00 41.27
C LEU G 4 -8.30 38.32 41.86
N PRO G 5 -8.41 39.41 42.61
CA PRO G 5 -9.70 39.80 43.17
C PRO G 5 -10.78 39.94 42.12
N GLU G 6 -11.98 39.49 42.46
CA GLU G 6 -13.08 39.47 41.51
C GLU G 6 -13.54 40.87 41.18
N SER G 7 -14.30 40.99 40.09
CA SER G 7 -14.91 42.24 39.68
C SER G 7 -16.43 42.12 39.76
N GLY G 8 -17.05 42.99 40.55
CA GLY G 8 -18.48 42.94 40.75
C GLY G 8 -19.09 44.30 40.97
N PRO G 9 -20.40 44.43 40.67
CA PRO G 9 -21.05 45.74 40.70
C PRO G 9 -21.32 46.31 42.08
N GLY G 10 -21.09 45.56 43.15
CA GLY G 10 -21.30 46.09 44.49
C GLY G 10 -22.74 45.96 44.95
N VAL G 11 -23.68 46.49 44.18
CA VAL G 11 -25.11 46.37 44.46
C VAL G 11 -25.83 46.04 43.17
N VAL G 12 -26.86 45.20 43.28
CA VAL G 12 -27.73 44.87 42.16
C VAL G 12 -29.17 45.03 42.62
N ARG G 13 -29.98 45.71 41.81
CA ARG G 13 -31.39 45.86 42.14
C ARG G 13 -32.09 44.50 42.03
N PRO G 14 -33.12 44.29 42.83
CA PRO G 14 -33.90 43.05 42.70
C PRO G 14 -34.45 42.90 41.29
N THR G 15 -34.57 41.65 40.85
CA THR G 15 -34.92 41.25 39.48
C THR G 15 -33.82 41.68 38.51
N GLY G 16 -32.70 42.21 39.00
CA GLY G 16 -31.61 42.60 38.14
C GLY G 16 -30.73 41.43 37.75
N THR G 17 -29.67 41.75 37.02
CA THR G 17 -28.71 40.77 36.55
C THR G 17 -27.36 41.03 37.21
N LEU G 18 -26.82 40.02 37.87
CA LEU G 18 -25.52 40.12 38.51
C LEU G 18 -24.44 39.61 37.58
N SER G 19 -23.41 40.42 37.36
CA SER G 19 -22.29 40.05 36.50
C SER G 19 -21.02 40.06 37.33
N LEU G 20 -20.29 38.95 37.31
CA LEU G 20 -19.06 38.82 38.04
C LEU G 20 -17.95 38.32 37.11
N THR G 21 -16.76 38.89 37.26
CA THR G 21 -15.63 38.52 36.42
C THR G 21 -14.42 38.22 37.30
N CYS G 22 -13.82 37.05 37.07
CA CYS G 22 -12.63 36.62 37.80
C CYS G 22 -11.48 36.45 36.83
N THR G 23 -10.37 37.10 37.13
CA THR G 23 -9.19 37.08 36.26
C THR G 23 -8.10 36.24 36.88
N ALA G 24 -7.69 35.20 36.16
CA ALA G 24 -6.65 34.30 36.64
C ALA G 24 -5.29 34.96 36.51
N ALA G 25 -4.46 34.76 37.52
CA ALA G 25 -3.13 35.34 37.55
C ALA G 25 -2.07 34.26 37.72
N TYR G 26 -0.84 34.61 37.42
CA TYR G 26 0.26 33.69 37.57
C TYR G 26 0.10 32.40 36.78
N GLY G 27 -0.59 32.42 35.65
CA GLY G 27 -0.70 31.23 34.82
C GLY G 27 -1.89 31.32 33.89
N SER G 28 -2.12 30.22 33.20
CA SER G 28 -3.21 30.13 32.24
C SER G 28 -4.50 29.69 32.92
N ILE G 29 -5.62 30.16 32.38
CA ILE G 29 -6.93 29.78 32.90
C ILE G 29 -7.47 28.53 32.23
N SER G 30 -6.74 27.96 31.28
CA SER G 30 -7.12 26.72 30.62
C SER G 30 -6.41 25.52 31.21
N ARG G 31 -5.77 25.66 32.36
CA ARG G 31 -5.05 24.60 33.04
C ARG G 31 -5.94 23.72 33.90
N HIS G 32 -6.97 24.28 34.53
CA HIS G 32 -7.73 23.56 35.54
C HIS G 32 -9.22 23.82 35.38
N PHE G 33 -9.97 23.28 36.31
CA PHE G 33 -11.36 23.66 36.52
C PHE G 33 -11.44 24.88 37.43
N TRP G 34 -12.38 25.77 37.15
CA TRP G 34 -12.57 26.97 37.96
C TRP G 34 -14.05 27.11 38.31
N GLY G 35 -14.33 27.58 39.53
CA GLY G 35 -15.69 27.57 40.03
C GLY G 35 -16.01 28.80 40.87
N TRP G 36 -17.30 28.95 41.15
CA TRP G 36 -17.83 30.06 41.92
C TRP G 36 -18.55 29.51 43.14
N VAL G 37 -18.20 30.00 44.32
CA VAL G 37 -18.86 29.61 45.55
C VAL G 37 -19.33 30.87 46.27
N ARG G 38 -20.62 30.94 46.59
CA ARG G 38 -21.13 32.07 47.34
C ARG G 38 -21.20 31.73 48.82
N GLN G 39 -20.64 32.62 49.63
CA GLN G 39 -20.65 32.51 51.08
C GLN G 39 -21.76 33.42 51.61
N SER G 40 -22.70 32.83 52.34
CA SER G 40 -23.80 33.60 52.90
C SER G 40 -23.29 34.49 54.02
N PRO G 41 -24.01 35.56 54.34
CA PRO G 41 -23.59 36.42 55.46
C PRO G 41 -23.48 35.65 56.76
N GLN G 42 -24.33 34.66 56.97
CA GLN G 42 -24.27 33.78 58.13
C GLN G 42 -22.96 33.00 58.18
N GLY G 43 -22.52 32.44 57.07
CA GLY G 43 -21.30 31.66 57.02
C GLY G 43 -21.38 30.39 56.21
N THR G 44 -22.52 30.07 55.63
CA THR G 44 -22.67 28.87 54.83
C THR G 44 -22.12 29.09 53.42
N LEU G 45 -21.54 28.03 52.87
CA LEU G 45 -20.99 28.03 51.52
C LEU G 45 -21.92 27.26 50.60
N GLU G 46 -22.33 27.90 49.51
CA GLU G 46 -23.18 27.24 48.52
C GLU G 46 -22.44 27.25 47.20
N TRP G 47 -22.20 26.05 46.65
CA TRP G 47 -21.53 25.95 45.37
C TRP G 47 -22.48 26.31 44.25
N ILE G 48 -21.99 27.16 43.33
CA ILE G 48 -22.84 27.72 42.27
C ILE G 48 -22.64 26.97 40.98
N ALA G 49 -21.43 27.06 40.41
CA ALA G 49 -21.12 26.35 39.19
C ALA G 49 -19.61 26.30 39.03
N HIS G 50 -19.16 25.49 38.08
CA HIS G 50 -17.75 25.43 37.75
C HIS G 50 -17.59 24.81 36.37
N MET G 51 -16.40 24.99 35.80
CA MET G 51 -16.19 24.55 34.42
C MET G 51 -14.72 24.54 34.06
N HIS G 52 -14.44 23.82 32.97
CA HIS G 52 -13.16 23.76 32.28
C HIS G 52 -13.36 24.35 30.90
N HIS G 53 -12.33 25.00 30.37
CA HIS G 53 -12.53 25.89 29.23
C HIS G 53 -12.97 25.17 27.97
N LEU G 54 -12.82 23.85 27.92
CA LEU G 54 -13.15 23.13 26.69
C LEU G 54 -14.65 22.95 26.48
N GLY G 55 -15.47 23.30 27.45
CA GLY G 55 -16.90 23.25 27.25
C GLY G 55 -17.68 22.53 28.34
N VAL G 56 -17.01 21.69 29.11
CA VAL G 56 -17.68 20.94 30.18
C VAL G 56 -17.98 21.89 31.32
N LYS G 57 -19.24 21.88 31.79
CA LYS G 57 -19.71 22.81 32.80
C LYS G 57 -20.64 22.08 33.74
N TYR G 58 -20.55 22.38 35.04
CA TYR G 58 -21.46 21.85 36.04
C TYR G 58 -22.12 23.01 36.77
N VAL G 59 -23.45 23.08 36.70
CA VAL G 59 -24.23 24.18 37.23
C VAL G 59 -25.20 23.64 38.27
N ASN G 60 -25.33 24.33 39.38
CA ASN G 60 -26.21 23.87 40.45
C ASN G 60 -27.66 23.82 39.97
N PRO G 61 -28.32 22.66 39.99
CA PRO G 61 -29.67 22.58 39.42
C PRO G 61 -30.65 23.54 40.07
N SER G 62 -30.45 23.87 41.34
CA SER G 62 -31.31 24.84 42.00
C SER G 62 -31.20 26.23 41.39
N LEU G 63 -30.09 26.53 40.72
CA LEU G 63 -29.97 27.78 39.97
C LEU G 63 -29.70 27.56 38.48
N LYS G 64 -30.09 26.41 37.93
CA LYS G 64 -29.83 26.17 36.52
C LYS G 64 -30.58 27.16 35.63
N ASN G 65 -31.81 27.50 36.00
CA ASN G 65 -32.63 28.36 35.15
C ASN G 65 -32.10 29.77 35.01
N ARG G 66 -31.15 30.20 35.85
CA ARG G 66 -30.70 31.58 35.78
C ARG G 66 -29.19 31.76 35.91
N VAL G 67 -28.39 30.71 35.80
CA VAL G 67 -26.93 30.81 35.87
C VAL G 67 -26.35 30.65 34.48
N SER G 68 -25.48 31.59 34.09
CA SER G 68 -24.71 31.47 32.86
C SER G 68 -23.24 31.65 33.19
N ILE G 69 -22.42 30.70 32.77
CA ILE G 69 -21.00 30.73 33.09
C ILE G 69 -20.22 30.62 31.80
N SER G 70 -19.11 31.36 31.72
CA SER G 70 -18.29 31.32 30.51
C SER G 70 -16.86 31.71 30.84
N MET G 71 -15.97 31.45 29.89
CA MET G 71 -14.57 31.81 29.99
C MET G 71 -14.17 32.59 28.76
N ASP G 72 -13.09 33.38 28.90
CA ASP G 72 -12.44 34.02 27.77
C ASP G 72 -10.94 33.82 28.00
N THR G 73 -10.34 32.91 27.22
CA THR G 73 -8.96 32.54 27.40
C THR G 73 -8.00 33.59 26.89
N SER G 74 -8.43 34.44 25.95
CA SER G 74 -7.56 35.52 25.51
C SER G 74 -7.27 36.50 26.64
N LYS G 75 -8.30 36.92 27.37
CA LYS G 75 -8.14 37.79 28.51
C LYS G 75 -7.89 37.04 29.82
N ASN G 76 -7.92 35.71 29.79
CA ASN G 76 -7.62 34.88 30.96
C ASN G 76 -8.64 35.11 32.08
N GLN G 77 -9.92 35.04 31.74
CA GLN G 77 -10.96 35.38 32.70
C GLN G 77 -12.14 34.42 32.61
N MET G 78 -12.98 34.45 33.64
CA MET G 78 -14.29 33.81 33.63
C MET G 78 -15.34 34.81 34.04
N SER G 79 -16.58 34.56 33.59
CA SER G 79 -17.72 35.42 33.86
C SER G 79 -18.91 34.60 34.30
N LEU G 80 -19.61 35.11 35.31
CA LEU G 80 -20.85 34.55 35.82
C LEU G 80 -21.96 35.58 35.67
N THR G 81 -23.08 35.14 35.12
CA THR G 81 -24.28 35.95 34.98
C THR G 81 -25.41 35.29 35.75
N LEU G 82 -25.98 36.03 36.69
CA LEU G 82 -27.08 35.56 37.53
C LEU G 82 -28.30 36.41 37.22
N LYS G 83 -29.27 35.84 36.53
CA LYS G 83 -30.45 36.58 36.14
C LYS G 83 -31.55 36.47 37.20
N THR G 84 -32.37 37.51 37.27
CA THR G 84 -33.48 37.59 38.22
C THR G 84 -32.97 37.43 39.65
N VAL G 85 -32.18 38.40 40.09
CA VAL G 85 -31.60 38.33 41.42
C VAL G 85 -32.69 38.55 42.47
N THR G 86 -32.57 37.82 43.58
CA THR G 86 -33.48 37.91 44.70
C THR G 86 -32.68 38.26 45.95
N ALA G 87 -33.39 38.59 47.03
CA ALA G 87 -32.73 39.01 48.26
C ALA G 87 -31.79 37.94 48.79
N THR G 88 -32.18 36.67 48.67
CA THR G 88 -31.38 35.57 49.19
C THR G 88 -30.05 35.43 48.47
N ASP G 89 -29.88 36.05 47.30
CA ASP G 89 -28.65 35.95 46.53
C ASP G 89 -27.55 36.84 47.08
N ALA G 90 -27.85 37.71 48.04
CA ALA G 90 -26.84 38.61 48.58
C ALA G 90 -25.80 37.81 49.34
N ALA G 91 -24.55 37.86 48.87
CA ALA G 91 -23.52 36.98 49.42
C ALA G 91 -22.16 37.44 48.92
N LYS G 92 -21.12 36.80 49.46
CA LYS G 92 -19.74 37.05 49.03
C LYS G 92 -19.34 35.95 48.06
N TYR G 93 -19.15 36.30 46.79
CA TYR G 93 -18.88 35.34 45.75
C TYR G 93 -17.37 35.16 45.60
N HIS G 94 -16.89 33.95 45.87
CA HIS G 94 -15.49 33.57 45.76
C HIS G 94 -15.26 32.88 44.41
N CYS G 95 -14.19 33.28 43.74
CA CYS G 95 -13.70 32.57 42.55
C CYS G 95 -12.59 31.62 42.98
N VAL G 96 -12.79 30.33 42.72
CA VAL G 96 -11.92 29.29 43.27
C VAL G 96 -11.34 28.47 42.13
N ARG G 97 -10.06 28.18 42.28
CA ARG G 97 -9.42 27.28 41.37
C ARG G 97 -9.59 25.96 41.98
N MET G 98 -9.67 24.94 41.17
CA MET G 98 -9.92 23.61 41.69
C MET G 98 -8.95 22.57 41.15
N GLY G 99 -9.02 21.39 41.74
CA GLY G 99 -8.38 20.21 41.21
C GLY G 99 -9.43 19.17 40.88
N ALA G 100 -8.98 18.14 40.26
CA ALA G 100 -9.88 17.18 39.84
C ALA G 100 -9.07 16.00 39.59
N ARG G 101 -9.45 14.87 40.14
CA ARG G 101 -8.78 13.66 39.84
C ARG G 101 -9.92 12.86 39.38
N MET G 102 -9.67 11.84 38.61
CA MET G 102 -10.71 10.96 38.21
C MET G 102 -10.17 9.63 37.91
N SER G 103 -10.57 8.64 38.69
CA SER G 103 -10.13 7.29 38.50
C SER G 103 -11.36 6.47 38.29
N ASP G 104 -11.82 5.75 39.29
CA ASP G 104 -13.09 5.05 39.19
C ASP G 104 -14.05 5.95 39.86
N ILE G 105 -13.58 6.69 40.84
CA ILE G 105 -14.33 7.67 41.60
C ILE G 105 -13.97 9.07 41.10
N ALA G 106 -15.00 9.84 40.74
CA ALA G 106 -14.85 11.23 40.33
C ALA G 106 -14.57 12.10 41.54
N PHE G 107 -13.78 13.16 41.35
CA PHE G 107 -13.31 13.94 42.48
C PHE G 107 -13.08 15.39 42.07
N PHE G 108 -13.41 16.31 42.98
CA PHE G 108 -13.12 17.73 42.84
C PHE G 108 -12.67 18.27 44.18
N SER G 109 -11.84 19.31 44.14
CA SER G 109 -11.37 19.96 45.34
C SER G 109 -11.12 21.42 45.05
N PHE G 110 -11.67 22.30 45.88
CA PHE G 110 -11.56 23.74 45.67
C PHE G 110 -10.22 24.19 46.22
N GLY G 111 -9.25 24.35 45.31
CA GLY G 111 -7.88 24.55 45.75
C GLY G 111 -7.62 25.95 46.31
N ASP G 112 -7.56 26.96 45.41
CA ASP G 112 -7.22 28.37 45.79
C ASP G 112 -8.39 29.33 45.67
N TRP G 113 -8.92 29.80 46.78
CA TRP G 113 -10.09 30.68 46.82
C TRP G 113 -9.63 32.12 46.62
N GLY G 114 -10.45 32.92 45.95
CA GLY G 114 -10.21 34.33 45.81
C GLY G 114 -10.74 35.10 47.00
N PRO G 115 -10.37 36.39 47.10
CA PRO G 115 -10.88 37.21 48.21
C PRO G 115 -12.39 37.37 48.20
N GLY G 116 -13.03 37.35 47.05
CA GLY G 116 -14.47 37.40 46.98
C GLY G 116 -14.99 38.79 46.73
N SER G 117 -16.14 38.87 46.06
CA SER G 117 -16.83 40.12 45.79
C SER G 117 -18.16 40.10 46.53
N LEU G 118 -18.42 41.16 47.30
CA LEU G 118 -19.65 41.24 48.08
C LEU G 118 -20.79 41.78 47.22
N VAL G 119 -21.92 41.08 47.21
CA VAL G 119 -23.07 41.46 46.43
C VAL G 119 -24.25 41.65 47.37
N THR G 120 -24.79 42.86 47.40
CA THR G 120 -25.94 43.21 48.24
C THR G 120 -27.13 43.53 47.34
N VAL G 121 -28.27 42.92 47.67
CA VAL G 121 -29.48 43.04 46.85
C VAL G 121 -30.30 44.19 47.41
N SER G 122 -30.34 45.30 46.67
CA SER G 122 -31.07 46.48 47.12
C SER G 122 -31.37 47.37 45.93
N SER G 123 -32.45 48.14 46.05
CA SER G 123 -32.79 49.15 45.06
C SER G 123 -32.13 50.48 45.33
N TYR H 2 -29.53 20.48 49.01
CA TYR H 2 -29.09 19.54 50.03
C TYR H 2 -27.83 20.02 50.72
N VAL H 3 -27.77 19.84 52.04
CA VAL H 3 -26.61 20.18 52.84
C VAL H 3 -26.24 18.97 53.67
N LEU H 4 -24.96 18.62 53.67
CA LEU H 4 -24.49 17.52 54.51
C LEU H 4 -24.60 17.89 55.98
N GLY H 5 -24.94 16.90 56.79
CA GLY H 5 -24.94 17.10 58.22
C GLY H 5 -23.53 17.31 58.75
N GLN H 6 -23.43 17.96 59.89
CA GLN H 6 -22.13 18.24 60.47
C GLN H 6 -22.28 18.38 61.98
N SER H 7 -21.17 18.23 62.69
CA SER H 7 -21.20 18.32 64.14
C SER H 7 -21.58 19.73 64.57
N SER H 8 -22.24 19.83 65.73
CA SER H 8 -22.63 21.12 66.26
C SER H 8 -21.40 21.93 66.66
N SER H 9 -21.52 23.26 66.56
CA SER H 9 -20.42 24.14 66.90
C SER H 9 -19.96 23.88 68.32
N MET H 10 -18.64 23.78 68.50
CA MET H 10 -18.13 23.21 69.73
C MET H 10 -16.78 23.80 70.08
N SER H 11 -16.38 23.59 71.32
CA SER H 11 -15.21 24.23 71.90
C SER H 11 -14.32 23.19 72.56
N VAL H 12 -13.02 23.46 72.57
CA VAL H 12 -12.02 22.55 73.12
C VAL H 12 -11.12 23.32 74.08
N ALA H 13 -10.52 22.60 75.02
CA ALA H 13 -9.44 23.16 75.80
C ALA H 13 -8.11 22.92 75.07
N PRO H 14 -7.15 23.84 75.21
CA PRO H 14 -5.89 23.68 74.48
C PRO H 14 -5.17 22.40 74.86
N GLY H 15 -4.56 21.76 73.86
CA GLY H 15 -3.91 20.49 74.03
C GLY H 15 -4.81 19.28 73.83
N GLN H 16 -6.12 19.46 73.77
CA GLN H 16 -7.03 18.35 73.56
C GLN H 16 -7.20 18.07 72.07
N THR H 17 -8.09 17.14 71.74
CA THR H 17 -8.34 16.72 70.38
C THR H 17 -9.78 17.06 70.01
N ALA H 18 -9.95 17.71 68.85
CA ALA H 18 -11.26 18.06 68.35
C ALA H 18 -11.60 17.19 67.15
N LYS H 19 -12.76 16.55 67.21
CA LYS H 19 -13.25 15.71 66.12
C LYS H 19 -14.44 16.40 65.49
N ILE H 20 -14.38 16.61 64.18
CA ILE H 20 -15.50 17.17 63.44
C ILE H 20 -16.03 16.08 62.52
N SER H 21 -17.33 15.85 62.57
CA SER H 21 -17.94 14.75 61.84
C SER H 21 -18.83 15.29 60.73
N CYS H 22 -18.85 14.54 59.62
CA CYS H 22 -19.67 14.85 58.47
C CYS H 22 -20.41 13.58 58.06
N TRP H 23 -21.71 13.69 57.84
CA TRP H 23 -22.53 12.52 57.55
C TRP H 23 -23.70 12.92 56.67
N GLY H 24 -24.43 11.92 56.21
CA GLY H 24 -25.60 12.15 55.37
C GLY H 24 -25.95 10.94 54.53
N TYR H 25 -27.22 10.84 54.12
CA TYR H 25 -27.63 9.69 53.32
C TYR H 25 -26.95 9.69 51.96
N TYR H 26 -26.92 10.85 51.31
CA TYR H 26 -26.32 10.96 49.98
C TYR H 26 -24.81 11.10 50.03
N MET H 27 -24.19 10.79 51.17
CA MET H 27 -22.74 10.85 51.28
C MET H 27 -22.08 9.59 50.76
N GLY H 28 -22.36 8.45 51.38
CA GLY H 28 -21.76 7.20 50.94
C GLY H 28 -20.25 7.24 51.06
N THR H 29 -19.59 6.63 50.08
CA THR H 29 -18.14 6.47 50.10
C THR H 29 -17.40 7.58 49.38
N LYS H 30 -18.09 8.64 48.96
CA LYS H 30 -17.44 9.71 48.23
C LYS H 30 -16.38 10.37 49.10
N PRO H 31 -15.19 10.66 48.58
CA PRO H 31 -14.14 11.26 49.40
C PRO H 31 -14.54 12.65 49.88
N VAL H 32 -14.05 13.00 51.07
CA VAL H 32 -14.41 14.24 51.73
C VAL H 32 -13.22 15.18 51.73
N ASN H 33 -13.45 16.43 51.35
CA ASN H 33 -12.46 17.50 51.46
C ASN H 33 -12.83 18.41 52.64
N TRP H 34 -11.84 18.68 53.48
CA TRP H 34 -12.02 19.53 54.66
C TRP H 34 -11.40 20.88 54.42
N TYR H 35 -12.20 21.93 54.68
CA TYR H 35 -11.86 23.33 54.44
C TYR H 35 -11.92 24.12 55.73
N GLN H 36 -11.04 25.11 55.84
CA GLN H 36 -10.94 26.00 56.99
C GLN H 36 -11.34 27.41 56.58
N LEU H 37 -11.95 28.13 57.52
CA LEU H 37 -12.37 29.51 57.29
C LEU H 37 -12.06 30.33 58.54
N LYS H 38 -11.16 31.29 58.42
CA LYS H 38 -10.78 32.19 59.47
C LYS H 38 -11.21 33.61 59.14
N PRO H 39 -11.40 34.46 60.13
CA PRO H 39 -11.73 35.87 59.84
C PRO H 39 -10.61 36.53 59.05
N GLY H 40 -11.00 37.34 58.07
CA GLY H 40 -10.06 38.11 57.28
C GLY H 40 -9.38 37.36 56.15
N ARG H 41 -9.76 36.11 55.90
CA ARG H 41 -9.12 35.30 54.87
C ARG H 41 -10.16 34.58 54.02
N ALA H 42 -9.71 34.09 52.87
CA ALA H 42 -10.52 33.21 52.06
C ALA H 42 -10.41 31.77 52.56
N PRO H 43 -11.44 30.95 52.33
CA PRO H 43 -11.38 29.55 52.78
C PRO H 43 -10.23 28.81 52.12
N SER H 44 -9.65 27.86 52.85
CA SER H 44 -8.51 27.09 52.36
C SER H 44 -8.74 25.59 52.54
N LEU H 45 -8.31 24.81 51.55
CA LEU H 45 -8.23 23.35 51.70
C LEU H 45 -7.20 23.01 52.76
N ILE H 46 -7.58 22.17 53.72
CA ILE H 46 -6.65 21.57 54.65
C ILE H 46 -6.56 20.06 54.47
N ILE H 47 -7.63 19.42 54.01
CA ILE H 47 -7.65 17.97 53.83
C ILE H 47 -8.31 17.63 52.50
N SER H 48 -7.73 16.70 51.76
CA SER H 48 -8.32 16.24 50.50
C SER H 48 -8.29 14.72 50.40
N TYR H 49 -9.24 14.17 49.64
CA TYR H 49 -9.40 12.74 49.38
C TYR H 49 -9.40 11.93 50.67
N ASP H 50 -10.07 12.49 51.68
CA ASP H 50 -10.36 11.87 52.96
C ASP H 50 -9.14 11.74 53.86
N ASP H 51 -7.93 11.87 53.31
CA ASP H 51 -6.77 11.79 54.20
C ASP H 51 -5.55 12.60 53.77
N GLU H 52 -5.59 13.33 52.66
CA GLU H 52 -4.38 13.96 52.12
C GLU H 52 -4.23 15.36 52.71
N ARG H 53 -3.13 15.59 53.40
CA ARG H 53 -2.89 16.89 54.00
C ARG H 53 -2.41 17.88 52.96
N ALA H 54 -3.12 19.00 52.85
CA ALA H 54 -2.75 20.02 51.88
C ALA H 54 -1.43 20.67 52.28
N SER H 55 -0.87 21.43 51.35
CA SER H 55 0.34 22.18 51.66
C SER H 55 0.07 23.18 52.77
N GLY H 56 0.95 23.17 53.78
CA GLY H 56 0.77 24.01 54.94
C GLY H 56 -0.08 23.41 56.03
N THR H 57 -0.71 22.26 55.78
CA THR H 57 -1.53 21.62 56.79
C THR H 57 -0.61 20.87 57.76
N PRO H 58 -0.63 21.22 59.06
CA PRO H 58 0.27 20.56 60.00
C PRO H 58 -0.10 19.10 60.21
N ALA H 59 0.86 18.36 60.74
CA ALA H 59 0.63 16.93 60.99
C ALA H 59 -0.47 16.70 62.01
N ARG H 60 -0.84 17.74 62.76
CA ARG H 60 -1.91 17.60 63.75
C ARG H 60 -3.24 17.24 63.10
N PHE H 61 -3.54 17.82 61.95
CA PHE H 61 -4.79 17.56 61.25
C PHE H 61 -4.73 16.20 60.58
N SER H 62 -5.85 15.47 60.58
CA SER H 62 -5.92 14.19 59.90
C SER H 62 -7.36 13.89 59.54
N GLY H 63 -7.56 12.93 58.65
CA GLY H 63 -8.87 12.58 58.17
C GLY H 63 -9.11 11.08 58.20
N SER H 64 -10.39 10.71 58.23
CA SER H 64 -10.78 9.31 58.12
C SER H 64 -12.18 9.24 57.51
N HIS H 65 -12.46 8.12 56.85
CA HIS H 65 -13.79 7.90 56.26
C HIS H 65 -14.19 6.47 56.55
N SER H 66 -15.34 6.28 57.18
CA SER H 66 -15.88 4.96 57.45
C SER H 66 -17.39 5.02 57.28
N GLY H 67 -17.94 4.09 56.50
CA GLY H 67 -19.37 4.11 56.23
C GLY H 67 -19.78 5.42 55.59
N SER H 68 -20.90 5.96 56.06
CA SER H 68 -21.35 7.28 55.65
C SER H 68 -20.91 8.37 56.63
N THR H 69 -19.77 8.19 57.27
CA THR H 69 -19.26 9.15 58.24
C THR H 69 -17.82 9.48 57.94
N ALA H 70 -17.48 10.77 58.01
CA ALA H 70 -16.11 11.22 57.82
C ALA H 70 -15.70 12.07 59.00
N THR H 71 -14.47 11.89 59.45
CA THR H 71 -13.99 12.50 60.67
C THR H 71 -12.72 13.28 60.40
N LEU H 72 -12.74 14.56 60.74
CA LEU H 72 -11.56 15.42 60.71
C LEU H 72 -11.07 15.56 62.14
N THR H 73 -9.87 15.06 62.40
CA THR H 73 -9.32 14.97 63.75
C THR H 73 -8.17 15.95 63.88
N ILE H 74 -8.26 16.84 64.86
CA ILE H 74 -7.24 17.85 65.14
C ILE H 74 -6.67 17.53 66.51
N SER H 75 -5.38 17.25 66.56
CA SER H 75 -4.71 16.89 67.80
C SER H 75 -3.81 18.04 68.29
N ASN H 76 -3.70 18.15 69.60
CA ASN H 76 -2.89 19.19 70.24
C ASN H 76 -3.35 20.57 69.75
N VAL H 77 -4.57 20.93 70.14
CA VAL H 77 -5.19 22.12 69.58
C VAL H 77 -4.60 23.38 70.19
N VAL H 78 -4.19 24.29 69.33
CA VAL H 78 -3.71 25.61 69.75
C VAL H 78 -4.79 26.62 69.38
N PRO H 79 -4.78 27.81 69.99
CA PRO H 79 -5.82 28.80 69.67
C PRO H 79 -5.85 29.20 68.22
N ALA H 80 -4.76 28.97 67.47
CA ALA H 80 -4.76 29.27 66.04
C ALA H 80 -5.75 28.42 65.25
N ASP H 81 -6.19 27.29 65.80
CA ASP H 81 -7.12 26.43 65.08
C ASP H 81 -8.56 26.92 65.14
N GLU H 82 -8.87 27.92 65.97
CA GLU H 82 -10.25 28.37 66.09
C GLU H 82 -10.73 28.95 64.78
N ALA H 83 -11.76 28.31 64.20
CA ALA H 83 -12.23 28.71 62.87
C ALA H 83 -13.51 27.94 62.56
N ASP H 84 -14.08 28.24 61.41
CA ASP H 84 -15.23 27.49 60.91
C ASP H 84 -14.74 26.44 59.94
N TYR H 85 -15.18 25.20 60.13
CA TYR H 85 -14.69 24.07 59.34
C TYR H 85 -15.83 23.41 58.59
N PHE H 86 -15.54 23.03 57.35
CA PHE H 86 -16.56 22.54 56.43
C PHE H 86 -16.08 21.30 55.69
N CYS H 87 -17.01 20.42 55.33
CA CYS H 87 -16.77 19.20 54.57
C CYS H 87 -17.46 19.28 53.22
N GLN H 88 -16.81 18.73 52.19
CA GLN H 88 -17.36 18.81 50.84
C GLN H 88 -17.14 17.51 50.10
N VAL H 89 -18.14 17.13 49.29
CA VAL H 89 -18.07 15.96 48.42
C VAL H 89 -18.67 16.30 47.05
N TRP H 90 -18.38 15.43 46.09
CA TRP H 90 -18.93 15.50 44.74
C TRP H 90 -19.80 14.28 44.49
N ASP H 91 -21.08 14.51 44.20
CA ASP H 91 -22.00 13.44 43.84
C ASP H 91 -22.10 13.38 42.33
N SER H 92 -21.56 12.30 41.76
CA SER H 92 -21.61 12.11 40.32
C SER H 92 -23.02 11.76 39.86
N TYR H 93 -23.73 10.94 40.64
CA TYR H 93 -25.07 10.53 40.25
C TYR H 93 -25.99 11.73 40.14
N TYR H 94 -25.87 12.67 41.07
CA TYR H 94 -26.63 13.91 41.00
C TYR H 94 -25.81 15.08 40.49
N GLU H 95 -24.50 14.88 40.28
CA GLU H 95 -23.65 15.89 39.67
C GLU H 95 -23.68 17.20 40.45
N GLU H 96 -23.55 17.09 41.76
CA GLU H 96 -23.64 18.26 42.63
C GLU H 96 -22.55 18.23 43.68
N ILE H 97 -22.04 19.41 44.00
CA ILE H 97 -21.19 19.58 45.17
C ILE H 97 -22.09 19.66 46.38
N TYR H 98 -21.75 18.91 47.41
CA TYR H 98 -22.40 19.02 48.70
C TYR H 98 -21.40 19.51 49.73
N PHE H 99 -21.67 20.70 50.25
CA PHE H 99 -20.87 21.30 51.32
C PHE H 99 -21.49 20.96 52.66
N GLY H 100 -20.65 20.95 53.70
CA GLY H 100 -21.15 20.80 55.03
C GLY H 100 -21.78 22.07 55.56
N GLY H 101 -22.54 21.92 56.64
CA GLY H 101 -23.14 23.06 57.29
C GLY H 101 -22.19 23.88 58.13
N GLY H 102 -20.99 23.39 58.34
CA GLY H 102 -19.99 24.18 59.06
C GLY H 102 -20.08 24.00 60.56
N THR H 103 -18.93 23.78 61.18
CA THR H 103 -18.81 23.64 62.61
C THR H 103 -17.82 24.67 63.11
N ALA H 104 -18.22 25.45 64.10
CA ALA H 104 -17.38 26.50 64.65
C ALA H 104 -16.54 25.92 65.78
N LEU H 105 -15.24 25.75 65.53
CA LEU H 105 -14.32 25.21 66.52
C LEU H 105 -13.70 26.37 67.28
N THR H 106 -14.04 26.47 68.56
CA THR H 106 -13.53 27.52 69.44
C THR H 106 -12.65 26.91 70.50
N VAL H 107 -11.77 27.72 71.09
CA VAL H 107 -10.75 27.25 72.01
C VAL H 107 -10.98 27.90 73.37
N LEU H 108 -11.02 27.07 74.41
CA LEU H 108 -11.15 27.57 75.78
C LEU H 108 -9.79 28.05 76.29
N GLY H 109 -9.82 28.63 77.50
CA GLY H 109 -8.61 29.04 78.16
C GLY H 109 -7.98 30.31 77.65
C1 NAG I . 0.84 28.84 29.21
C2 NAG I . 2.23 29.11 28.72
C3 NAG I . 2.89 30.05 29.71
C4 NAG I . 2.07 31.32 29.77
C5 NAG I . 0.67 30.97 30.21
C6 NAG I . -0.22 32.19 30.29
C7 NAG I . 2.97 27.17 27.50
C8 NAG I . 3.82 25.95 27.51
N2 NAG I . 2.97 27.88 28.63
O3 NAG I . 4.22 30.33 29.28
O4 NAG I . 2.56 32.18 30.78
O5 NAG I . 0.14 30.07 29.27
O6 NAG I . 0.25 33.15 29.35
O7 NAG I . 2.32 27.52 26.53
C1 NAG I . 3.45 33.13 30.21
C2 NAG I . 3.21 34.46 30.89
C3 NAG I . 4.13 35.50 30.30
C4 NAG I . 5.54 35.01 30.50
C5 NAG I . 5.71 33.67 29.83
C6 NAG I . 7.12 33.15 30.03
C7 NAG I . 1.02 34.92 31.78
C8 NAG I . 0.11 36.10 31.85
N2 NAG I . 1.84 34.87 30.73
O3 NAG I . 3.91 36.73 30.97
O4 NAG I . 6.46 35.95 29.93
O5 NAG I . 4.80 32.75 30.40
O6 NAG I . 7.39 33.12 31.44
O7 NAG I . 1.04 34.05 32.64
C1 NAG J . 15.17 31.84 14.77
C2 NAG J . 14.80 30.75 15.79
C3 NAG J . 15.39 31.07 17.16
C4 NAG J . 16.88 31.31 17.07
C5 NAG J . 17.14 32.43 16.06
C6 NAG J . 18.61 32.69 15.84
C7 NAG J . 12.50 31.44 16.38
C8 NAG J . 11.06 31.02 16.39
N2 NAG J . 13.36 30.54 15.88
O3 NAG J . 15.12 30.00 18.06
O4 NAG J . 17.38 31.72 18.33
O5 NAG J . 16.58 32.08 14.79
O6 NAG J . 19.21 33.31 16.96
O7 NAG J . 12.85 32.54 16.78
C1 NAG J . 18.17 30.66 18.90
C2 NAG J . 18.76 31.17 20.20
C3 NAG J . 19.58 30.08 20.87
C4 NAG J . 18.74 28.82 21.04
C5 NAG J . 18.14 28.41 19.69
C6 NAG J . 17.19 27.23 19.80
C7 NAG J . 19.14 33.60 20.13
C8 NAG J . 20.12 34.69 19.85
N2 NAG J . 19.59 32.35 19.97
O3 NAG J . 20.02 30.53 22.15
O4 NAG J . 19.54 27.75 21.53
O5 NAG J . 17.39 29.50 19.14
O6 NAG J . 16.26 27.42 20.86
O7 NAG J . 17.99 33.84 20.48
C1 NAG K . 1.05 42.90 -15.61
C2 NAG K . 1.37 44.35 -15.25
C3 NAG K . 0.16 45.04 -14.68
C4 NAG K . -1.03 44.90 -15.62
C5 NAG K . -1.26 43.44 -15.97
C6 NAG K . -2.33 43.23 -17.01
C7 NAG K . 3.75 44.64 -14.70
C8 NAG K . 4.77 44.68 -13.61
N2 NAG K . 2.49 44.41 -14.31
O3 NAG K . 0.44 46.41 -14.46
O4 NAG K . -2.20 45.47 -15.05
O5 NAG K . -0.06 42.86 -16.50
O6 NAG K . -1.78 43.34 -18.32
O7 NAG K . 4.04 44.81 -15.87
C1 NAG K . -2.58 46.58 -15.88
C2 NAG K . -4.08 46.84 -15.70
C3 NAG K . -4.52 48.02 -16.54
C4 NAG K . -3.65 49.23 -16.24
C5 NAG K . -2.17 48.88 -16.38
C6 NAG K . -1.25 50.01 -15.98
C7 NAG K . -5.11 44.67 -15.18
C8 NAG K . -5.92 43.52 -15.71
N2 NAG K . -4.85 45.65 -16.05
O3 NAG K . -5.88 48.32 -16.28
O4 NAG K . -3.97 50.30 -17.14
O5 NAG K . -1.86 47.77 -15.54
O6 NAG K . -1.69 50.63 -14.77
O7 NAG K . -4.71 44.70 -14.02
C1 NAG L . -0.44 34.31 -34.38
C2 NAG L . -1.53 35.37 -34.24
C3 NAG L . -2.88 34.77 -34.60
C4 NAG L . -2.84 34.10 -35.96
C5 NAG L . -1.69 33.10 -36.02
C6 NAG L . -1.50 32.48 -37.38
C7 NAG L . -0.98 37.10 -32.60
C8 NAG L . -1.09 37.53 -31.18
N2 NAG L . -1.55 35.93 -32.91
O3 NAG L . -3.87 35.80 -34.60
O4 NAG L . -4.06 33.41 -36.20
O5 NAG L . -0.46 33.76 -35.69
O6 NAG L . -1.49 33.47 -38.41
O7 NAG L . -0.41 37.78 -33.45
C1 NAG L . -4.66 33.96 -37.39
C2 NAG L . -5.58 32.90 -38.00
C3 NAG L . -6.26 33.45 -39.25
C4 NAG L . -6.96 34.77 -38.94
C5 NAG L . -6.00 35.74 -38.29
C6 NAG L . -6.66 37.03 -37.83
C7 NAG L . -4.68 30.70 -37.41
C8 NAG L . -3.90 29.51 -37.90
N2 NAG L . -4.85 31.69 -38.30
O3 NAG L . -7.20 32.50 -39.73
O4 NAG L . -7.46 35.34 -40.14
O5 NAG L . -5.42 35.15 -37.11
O6 NAG L . -7.86 36.77 -37.12
O7 NAG L . -5.15 30.75 -36.27
C1 NAG M . 7.71 45.28 -20.48
C2 NAG M . 6.57 45.19 -21.48
C3 NAG M . 7.02 45.77 -22.82
C4 NAG M . 7.62 47.16 -22.66
C5 NAG M . 8.67 47.16 -21.54
C6 NAG M . 9.18 48.53 -21.21
C7 NAG M . 4.95 43.37 -21.20
C8 NAG M . 4.08 44.37 -20.51
N2 NAG M . 6.14 43.82 -21.65
O3 NAG M . 5.90 45.83 -23.70
O4 NAG M . 8.26 47.55 -23.86
O5 NAG M . 8.12 46.62 -20.34
O6 NAG M . 8.23 49.26 -20.44
O7 NAG M . 4.61 42.20 -21.34
C1 NAG M . 7.44 48.47 -24.60
C2 NAG M . 8.35 49.27 -25.53
C3 NAG M . 7.52 50.23 -26.37
C4 NAG M . 6.41 49.47 -27.11
C5 NAG M . 5.59 48.64 -26.12
C6 NAG M . 4.58 47.75 -26.80
C7 NAG M . 10.64 49.61 -24.72
C8 NAG M . 11.55 50.47 -23.90
N2 NAG M . 9.36 49.99 -24.78
O3 NAG M . 8.35 50.89 -27.31
O4 NAG M . 5.56 50.38 -27.77
O5 NAG M . 6.45 47.77 -25.37
O6 NAG M . 5.12 46.47 -27.10
O7 NAG M . 11.04 48.60 -25.31
C1 NAG N . -1.15 37.62 -6.21
C2 NAG N . -2.20 36.55 -6.41
C3 NAG N . -3.59 37.17 -6.39
C4 NAG N . -3.80 37.96 -5.12
C5 NAG N . -2.69 38.98 -4.93
C6 NAG N . -2.75 39.67 -3.60
C7 NAG N . -1.63 34.52 -7.65
C8 NAG N . -1.44 33.91 -9.00
N2 NAG N . -1.97 35.81 -7.64
O3 NAG N . -4.57 36.13 -6.50
O4 NAG N . -5.05 38.65 -5.18
O5 NAG N . -1.41 38.33 -5.00
O6 NAG N . -2.55 38.75 -2.53
O7 NAG N . -1.50 33.87 -6.62
C1 NAG N . -5.97 38.08 -4.23
C2 NAG N . -7.18 39.00 -4.19
C3 NAG N . -8.23 38.43 -3.23
C4 NAG N . -8.58 37.01 -3.62
C5 NAG N . -7.30 36.17 -3.71
C6 NAG N . -7.55 34.76 -4.22
C7 NAG N . -6.59 41.33 -4.64
C8 NAG N . -6.19 42.66 -4.05
N2 NAG N . -6.80 40.34 -3.77
O3 NAG N . -9.41 39.24 -3.29
O4 NAG N . -9.46 36.44 -2.67
O5 NAG N . -6.38 36.77 -4.61
O6 NAG N . -8.07 34.78 -5.53
O7 NAG N . -6.72 41.18 -5.86
C1 NAG O . 14.00 27.38 -42.11
C2 NAG O . 13.43 28.66 -42.69
C3 NAG O . 12.45 28.37 -43.80
C4 NAG O . 13.04 27.42 -44.84
C5 NAG O . 13.64 26.19 -44.14
C6 NAG O . 14.43 25.28 -45.04
C7 NAG O . 13.35 30.56 -41.12
C8 NAG O . 14.67 30.98 -41.69
N2 NAG O . 12.80 29.45 -41.64
O3 NAG O . 12.06 29.59 -44.42
O4 NAG O . 11.99 27.07 -45.73
O5 NAG O . 14.57 26.62 -43.13
O6 NAG O . 15.40 26.01 -45.77
O7 NAG O . 12.79 31.21 -40.24
C1 NAG O . 12.37 26.64 -47.06
C2 NAG O . 11.16 25.96 -47.69
C3 NAG O . 10.13 26.99 -48.12
C4 NAG O . 10.72 27.99 -49.10
C5 NAG O . 11.98 28.65 -48.54
C6 NAG O . 11.71 29.71 -47.50
C7 NAG O . 11.50 23.78 -48.75
C8 NAG O . 11.01 23.19 -47.46
N2 NAG O . 11.55 25.12 -48.81
O3 NAG O . 9.59 27.65 -46.98
O4 NAG O . 11.06 27.33 -50.31
O5 NAG O . 12.89 27.71 -47.96
O6 NAG O . 12.90 30.10 -46.83
O7 NAG O . 11.82 23.08 -49.70
C1 NAG P . 20.05 13.05 -45.49
C2 NAG P . 21.41 13.64 -45.12
C3 NAG P . 22.15 14.12 -46.37
C4 NAG P . 22.25 13.00 -47.38
C5 NAG P . 20.85 12.48 -47.70
C6 NAG P . 20.85 11.30 -48.63
C7 NAG P . 20.68 15.88 -44.36
C8 NAG P . 20.68 16.84 -43.21
N2 NAG P . 21.30 14.71 -44.14
O3 NAG P . 23.46 14.56 -45.99
O4 NAG P . 22.86 13.47 -48.58
O5 NAG P . 20.21 12.04 -46.48
O6 NAG P . 21.34 10.12 -48.00
O7 NAG P . 20.15 16.15 -45.43
C1 NAG P . 24.14 12.82 -48.74
C2 NAG P . 24.45 12.69 -50.23
C3 NAG P . 25.82 12.06 -50.43
C4 NAG P . 26.88 12.83 -49.66
C5 NAG P . 26.48 12.95 -48.20
C6 NAG P . 27.44 13.81 -47.39
C7 NAG P . 22.49 12.49 -51.69
C8 NAG P . 21.51 11.56 -52.33
N2 NAG P . 23.42 11.93 -50.92
O3 NAG P . 26.14 12.05 -51.82
O4 NAG P . 28.13 12.15 -49.75
O5 NAG P . 25.19 13.56 -48.09
O6 NAG P . 27.59 15.10 -47.98
O7 NAG P . 22.44 13.71 -51.87
C1 NAG Q . 1.18 31.53 -11.03
C2 NAG Q . 1.68 30.76 -12.24
C3 NAG Q . 1.06 31.33 -13.52
C4 NAG Q . -0.45 31.36 -13.41
C5 NAG Q . -0.87 32.11 -12.15
C6 NAG Q . -2.35 32.06 -11.90
C7 NAG Q . 3.90 29.72 -12.23
C8 NAG Q . 5.37 29.94 -12.34
N2 NAG Q . 3.13 30.81 -12.33
O3 NAG Q . 1.45 30.53 -14.62
O4 NAG Q . -1.01 31.99 -14.55
O5 NAG Q . -0.25 31.51 -11.01
O6 NAG Q . -2.71 30.96 -11.08
O7 NAG Q . 3.42 28.60 -12.06
C1 NAG Q . -1.84 31.01 -15.21
C2 NAG Q . -2.98 31.74 -15.90
C3 NAG Q . -3.88 30.75 -16.63
C4 NAG Q . -3.04 29.86 -17.56
C5 NAG Q . -1.86 29.25 -16.82
C6 NAG Q . -0.91 28.51 -17.72
C7 NAG Q . -3.89 33.83 -14.99
C8 NAG Q . -4.73 34.45 -13.92
N2 NAG Q . -3.76 32.50 -14.94
O3 NAG Q . -4.84 31.46 -17.39
O4 NAG Q . -3.86 28.81 -18.06
O5 NAG Q . -1.10 30.28 -16.17
O6 NAG Q . -0.27 29.41 -18.64
O7 NAG Q . -3.36 34.49 -15.87
C1 BMA Q . -4.01 28.94 -19.48
C2 BMA Q . -4.83 27.72 -19.94
C3 BMA Q . -5.16 27.84 -21.41
C4 BMA Q . -5.81 29.20 -21.70
C5 BMA Q . -4.89 30.32 -21.22
C6 BMA Q . -5.47 31.70 -21.44
O2 BMA Q . -6.08 27.66 -19.25
O3 BMA Q . -6.03 26.80 -21.82
O4 BMA Q . -6.03 29.34 -23.10
O5 BMA Q . -4.67 30.15 -19.82
O6 BMA Q . -6.46 31.91 -20.45
C1 MAN Q . -5.29 25.92 -22.69
C2 MAN Q . -6.33 25.12 -23.52
C3 MAN Q . -7.05 24.14 -22.60
C4 MAN Q . -6.04 23.27 -21.86
C5 MAN Q . -5.11 24.15 -21.05
C6 MAN Q . -4.05 23.38 -20.31
O2 MAN Q . -5.66 24.33 -24.52
O3 MAN Q . -7.98 23.32 -23.32
O4 MAN Q . -6.73 22.39 -20.98
O5 MAN Q . -4.43 25.07 -21.95
O6 MAN Q . -3.33 22.60 -21.25
C1 MAN Q . -6.29 24.52 -25.80
C2 MAN Q . -5.52 23.63 -26.82
C3 MAN Q . -4.17 24.25 -27.14
C4 MAN Q . -4.34 25.71 -27.60
C5 MAN Q . -5.02 26.50 -26.49
C6 MAN Q . -5.28 27.94 -26.87
O2 MAN Q . -6.21 23.54 -28.06
O3 MAN Q . -3.45 23.51 -28.12
O4 MAN Q . -3.08 26.28 -27.88
O5 MAN Q . -6.31 25.89 -26.19
O6 MAN Q . -4.08 28.48 -27.40
C1 NAG R . 27.02 28.39 12.15
C2 NAG R . 27.57 27.33 13.09
C3 NAG R . 28.79 27.87 13.83
C4 NAG R . 29.81 28.44 12.87
C5 NAG R . 29.15 29.44 11.92
C6 NAG R . 30.07 29.93 10.84
C7 NAG R . 25.81 25.79 13.80
C8 NAG R . 24.81 25.46 14.87
N2 NAG R . 26.56 26.87 14.02
O3 NAG R . 29.38 26.82 14.60
O4 NAG R . 30.83 29.10 13.59
O5 NAG R . 28.03 28.82 11.27
O6 NAG R . 30.77 28.86 10.23
O7 NAG R . 25.94 25.11 12.80
C1 NAG R . 32.08 28.44 13.35
C2 NAG R . 33.21 29.34 13.85
C3 NAG R . 34.56 28.65 13.69
C4 NAG R . 34.53 27.27 14.34
C5 NAG R . 33.35 26.46 13.80
C6 NAG R . 33.19 25.12 14.49
C7 NAG R . 32.46 31.67 13.56
C8 NAG R . 32.58 32.90 12.72
N2 NAG R . 33.20 30.62 13.16
O3 NAG R . 35.58 29.45 14.29
O4 NAG R . 35.74 26.58 14.05
O5 NAG R . 32.13 27.18 14.03
O6 NAG R . 32.30 25.22 15.58
O7 NAG R . 31.74 31.61 14.54
C1 NAG S . 22.67 39.46 -17.55
C2 NAG S . 23.78 38.74 -18.26
C3 NAG S . 25.10 39.46 -18.05
C4 NAG S . 24.98 40.93 -18.40
C5 NAG S . 23.76 41.55 -17.73
C6 NAG S . 23.46 42.96 -18.19
C7 NAG S . 24.42 36.39 -18.59
C8 NAG S . 24.44 35.02 -17.99
N2 NAG S . 23.88 37.35 -17.83
O3 NAG S . 26.10 38.85 -18.84
O4 NAG S . 26.11 41.64 -17.92
O5 NAG S . 22.58 40.78 -18.01
O6 NAG S . 22.08 43.14 -18.44
O7 NAG S . 24.85 36.61 -19.70
C1 NAG S . 27.16 41.71 -18.90
C2 NAG S . 27.77 43.10 -18.82
C3 NAG S . 28.93 43.21 -19.81
C4 NAG S . 29.94 42.11 -19.57
C5 NAG S . 29.25 40.75 -19.60
C6 NAG S . 30.17 39.60 -19.23
C7 NAG S . 26.43 45.04 -18.17
C8 NAG S . 25.39 46.03 -18.60
N2 NAG S . 26.78 44.13 -19.08
O3 NAG S . 29.56 44.49 -19.65
O4 NAG S . 30.95 42.15 -20.56
O5 NAG S . 28.16 40.72 -18.67
O6 NAG S . 30.80 39.83 -17.98
O7 NAG S . 26.91 45.05 -17.05
C1 NAG T . 28.34 15.49 -23.35
C2 NAG T . 29.66 15.23 -22.68
C3 NAG T . 30.12 16.43 -21.90
C4 NAG T . 30.12 17.66 -22.77
C5 NAG T . 28.78 17.85 -23.44
C6 NAG T . 28.87 18.97 -24.46
C7 NAG T . 29.55 12.86 -22.18
C8 NAG T . 29.12 11.86 -21.17
N2 NAG T . 29.52 14.13 -21.77
O3 NAG T . 31.46 16.20 -21.44
O4 NAG T . 30.36 18.80 -21.95
O5 NAG T . 28.40 16.68 -24.13
O6 NAG T . 29.87 18.62 -25.41
O7 NAG T . 29.90 12.55 -23.31
C1 NAG T . 31.57 19.41 -22.38
C2 NAG T . 31.65 20.82 -21.80
C3 NAG T . 32.92 21.49 -22.31
C4 NAG T . 34.11 20.61 -21.95
C5 NAG T . 33.93 19.21 -22.52
C6 NAG T . 35.09 18.31 -22.11
C7 NAG T . 30.31 22.84 -22.14
C8 NAG T . 29.91 23.39 -20.82
N2 NAG T . 30.45 21.52 -22.20
O3 NAG T . 33.11 22.77 -21.70
O4 NAG T . 35.30 21.19 -22.48
O5 NAG T . 32.72 18.65 -22.04
O6 NAG T . 34.91 17.03 -22.71
O7 NAG T . 30.51 23.56 -23.12
C1 NAG U . -4.01 6.22 -41.65
C2 NAG U . -5.06 7.20 -41.10
C3 NAG U . -6.46 6.71 -41.42
C4 NAG U . -6.61 6.46 -42.91
C5 NAG U . -5.54 5.47 -43.36
C6 NAG U . -5.55 5.22 -44.85
C7 NAG U . -4.47 8.51 -39.10
C8 NAG U . -4.17 9.64 -40.05
N2 NAG U . -4.89 7.38 -39.67
O3 NAG U . -7.41 7.69 -40.99
O4 NAG U . -7.91 5.95 -43.20
O5 NAG U . -4.26 6.00 -43.04
O6 NAG U . -5.61 6.44 -45.58
O7 NAG U . -4.35 8.62 -37.89
C1 NAG U . -8.57 6.85 -44.12
C2 NAG U . -9.82 6.15 -44.66
C3 NAG U . -10.56 7.08 -45.62
C4 NAG U . -10.85 8.42 -44.94
C5 NAG U . -9.57 9.01 -44.36
C6 NAG U . -9.80 10.29 -43.58
C7 NAG U . -9.56 3.72 -44.74
C8 NAG U . -9.16 2.54 -45.58
N2 NAG U . -9.47 4.91 -45.33
O3 NAG U . -11.77 6.48 -46.03
O4 NAG U . -11.41 9.33 -45.88
O5 NAG U . -8.94 8.07 -43.48
O6 NAG U . -11.19 10.49 -43.32
O7 NAG U . -9.94 3.59 -43.58
C1 NAG V . 4.48 -15.34 -54.55
C2 NAG V . 4.23 -16.55 -55.44
C3 NAG V . 5.37 -17.56 -55.28
C4 NAG V . 6.70 -16.87 -55.56
C5 NAG V . 6.84 -15.62 -54.69
C6 NAG V . 8.08 -14.81 -55.02
C7 NAG V . 2.56 -17.66 -54.00
C8 NAG V . 1.18 -18.24 -53.95
N2 NAG V . 2.94 -17.16 -55.18
O3 NAG V . 5.17 -18.63 -56.19
O4 NAG V . 7.78 -17.76 -55.28
O5 NAG V . 5.73 -14.75 -54.90
O6 NAG V . 7.81 -13.86 -56.05
O7 NAG V . 3.30 -17.66 -53.02
C1 NAG V . 8.43 -18.09 -56.52
C2 NAG V . 9.79 -18.68 -56.17
C3 NAG V . 10.51 -19.14 -57.45
C4 NAG V . 9.62 -20.07 -58.26
C5 NAG V . 8.28 -19.38 -58.53
C6 NAG V . 7.31 -20.28 -59.25
C7 NAG V . 10.60 -17.63 -54.11
C8 NAG V . 11.50 -16.59 -53.52
N2 NAG V . 10.61 -17.73 -55.45
O3 NAG V . 11.71 -19.81 -57.10
O4 NAG V . 10.24 -20.38 -59.50
O5 NAG V . 7.67 -19.02 -57.28
O6 NAG V . 6.70 -21.22 -58.36
O7 NAG V . 9.88 -18.35 -53.41
C1 NAG W . 14.82 -5.00 -50.68
C2 NAG W . 13.88 -3.99 -51.34
C3 NAG W . 14.56 -2.66 -51.54
C4 NAG W . 15.78 -2.82 -52.43
C5 NAG W . 16.77 -3.82 -51.84
C6 NAG W . 17.58 -3.29 -50.68
C7 NAG W . 12.16 -5.02 -52.74
C8 NAG W . 11.81 -5.53 -54.10
N2 NAG W . 13.39 -4.51 -52.60
O3 NAG W . 14.88 -2.06 -50.29
O4 NAG W . 15.36 -3.36 -53.67
O5 NAG W . 16.13 -5.03 -51.38
O6 NAG W . 18.67 -2.51 -51.14
O7 NAG W . 11.38 -5.08 -51.79
C1 NAG W . 15.93 -2.68 -54.81
C2 NAG W . 15.47 -1.23 -54.78
C3 NAG W . 16.07 -0.46 -55.94
C4 NAG W . 17.58 -0.62 -55.97
C5 NAG W . 17.96 -2.09 -55.95
C6 NAG W . 19.45 -2.33 -55.84
C7 NAG W . 13.31 -0.35 -54.01
C8 NAG W . 11.82 -0.39 -54.19
N2 NAG W . 14.02 -1.15 -54.81
O3 NAG W . 15.73 0.92 -55.82
O4 NAG W . 18.13 0.00 -57.12
O5 NAG W . 17.37 -2.73 -54.81
O6 NAG W . 20.08 -1.30 -55.07
O7 NAG W . 13.84 0.37 -53.17
C1 NAG X . -38.98 3.88 -22.88
C2 NAG X . -38.89 4.99 -21.83
C3 NAG X . -39.94 6.06 -22.09
C4 NAG X . -39.86 6.55 -23.53
C5 NAG X . -39.94 5.37 -24.48
C6 NAG X . -39.77 5.76 -25.94
C7 NAG X . -38.17 4.73 -19.49
C8 NAG X . -38.46 4.08 -18.18
N2 NAG X . -39.02 4.45 -20.49
O3 NAG X . -39.77 7.14 -21.18
O4 NAG X . -40.94 7.45 -23.78
O5 NAG X . -38.90 4.44 -24.18
O6 NAG X . -38.52 6.41 -26.14
O7 NAG X . -37.21 5.47 -19.66
C1 NAG X . -40.41 8.74 -24.15
C2 NAG X . -41.49 9.48 -24.93
C3 NAG X . -41.00 10.88 -25.31
C4 NAG X . -40.54 11.62 -24.07
C5 NAG X . -39.51 10.79 -23.30
C6 NAG X . -39.09 11.43 -22.00
C7 NAG X . -42.86 7.83 -26.13
C8 NAG X . -43.12 7.16 -27.45
N2 NAG X . -41.88 8.73 -26.13
O3 NAG X . -42.06 11.59 -25.94
O4 NAG X . -39.95 12.86 -24.45
O5 NAG X . -40.04 9.51 -22.99
O6 NAG X . -40.22 11.80 -21.22
O7 NAG X . -43.52 7.58 -25.13
C1 NAG Y . -23.73 -9.95 -48.49
C2 NAG Y . -22.93 -8.80 -49.06
C3 NAG Y . -23.86 -7.87 -49.83
C4 NAG Y . -24.63 -8.64 -50.89
C5 NAG Y . -25.30 -9.86 -50.28
C6 NAG Y . -25.90 -10.78 -51.32
C7 NAG Y . -21.11 -7.40 -48.24
C8 NAG Y . -20.51 -6.70 -47.05
N2 NAG Y . -22.23 -8.07 -48.02
O3 NAG Y . -23.06 -6.85 -50.43
O4 NAG Y . -25.66 -7.82 -51.43
O5 NAG Y . -24.37 -10.65 -49.54
O6 NAG Y . -25.01 -11.84 -51.64
O7 NAG Y . -20.59 -7.34 -49.35
C1 NAG Y . -25.23 -7.07 -52.58
C2 NAG Y . -26.40 -6.94 -53.53
C3 NAG Y . -26.04 -6.06 -54.72
C4 NAG Y . -25.50 -4.72 -54.24
C5 NAG Y . -24.34 -4.95 -53.28
C6 NAG Y . -23.80 -3.67 -52.69
C7 NAG Y . -27.88 -8.89 -53.44
C8 NAG Y . -28.21 -10.23 -54.03
N2 NAG Y . -26.85 -8.24 -53.99
O3 NAG Y . -27.18 -5.85 -55.53
O4 NAG Y . -25.05 -3.95 -55.35
O5 NAG Y . -24.76 -5.77 -52.19
O6 NAG Y . -24.68 -3.13 -51.71
O7 NAG Y . -28.52 -8.42 -52.50
C1 NAG Z . -25.04 -27.52 -28.75
C2 NAG Z . -24.01 -27.92 -27.69
C3 NAG Z . -24.17 -29.39 -27.31
C4 NAG Z . -25.61 -29.66 -26.88
C5 NAG Z . -26.57 -29.23 -27.98
C6 NAG Z . -28.02 -29.36 -27.59
C7 NAG Z . -21.92 -26.64 -27.74
C8 NAG Z . -20.56 -26.52 -28.35
N2 NAG Z . -22.66 -27.66 -28.17
O3 NAG Z . -23.28 -29.70 -26.26
O4 NAG Z . -25.78 -31.05 -26.66
O5 NAG Z . -26.35 -27.84 -28.28
O6 NAG Z . -28.44 -28.27 -26.79
O7 NAG Z . -22.34 -25.84 -26.92
C1 NAG Z . -25.87 -31.29 -25.23
C2 NAG Z . -26.50 -32.66 -25.03
C3 NAG Z . -26.58 -32.99 -23.54
C4 NAG Z . -25.20 -32.87 -22.91
C5 NAG Z . -24.59 -31.51 -23.21
C6 NAG Z . -23.16 -31.37 -22.72
C7 NAG Z . -28.04 -33.10 -26.89
C8 NAG Z . -29.46 -33.09 -27.36
N2 NAG Z . -27.82 -32.72 -25.63
O3 NAG Z . -27.08 -34.32 -23.37
O4 NAG Z . -25.29 -33.05 -21.50
O5 NAG Z . -24.57 -31.27 -24.62
O6 NAG Z . -22.24 -31.87 -23.67
O7 NAG Z . -27.10 -33.43 -27.63
C1 NAG AA . -18.16 -22.85 -29.39
C2 NAG AA . -16.94 -22.45 -30.23
C3 NAG AA . -16.46 -23.62 -31.06
C4 NAG AA . -16.17 -24.81 -30.17
C5 NAG AA . -17.41 -25.17 -29.37
C6 NAG AA . -17.15 -26.27 -28.38
C7 NAG AA . -16.46 -20.21 -31.10
C8 NAG AA . -16.89 -19.12 -32.01
N2 NAG AA . -17.23 -21.30 -31.07
O3 NAG AA . -15.30 -23.24 -31.79
O4 NAG AA . -15.74 -25.92 -30.93
O5 NAG AA . -17.85 -24.03 -28.63
O6 NAG AA . -16.10 -25.95 -27.49
O7 NAG AA . -15.45 -20.11 -30.39
C1 NAG AA . -14.35 -26.13 -30.57
C2 NAG AA . -14.00 -27.58 -30.86
C3 NAG AA . -12.55 -27.84 -30.48
C4 NAG AA . -11.62 -26.82 -31.14
C5 NAG AA . -12.12 -25.40 -30.95
C6 NAG AA . -11.36 -24.38 -31.77
C7 NAG AA . -15.51 -29.51 -30.73
C8 NAG AA . -15.26 -29.68 -32.20
N2 NAG AA . -14.88 -28.49 -30.14
O3 NAG AA . -12.18 -29.16 -30.87
O4 NAG AA . -10.34 -26.92 -30.54
O5 NAG AA . -13.50 -25.28 -31.33
O6 NAG AA . -12.00 -24.11 -33.00
O7 NAG AA . -16.25 -30.25 -30.11
C1 BMA AA . -9.31 -27.30 -31.46
C2 BMA AA . -7.99 -27.20 -30.68
C3 BMA AA . -6.82 -27.71 -31.53
C4 BMA AA . -7.15 -29.05 -32.21
C5 BMA AA . -8.50 -28.98 -32.92
C6 BMA AA . -8.90 -30.31 -33.53
O2 BMA AA . -8.04 -28.02 -29.54
O3 BMA AA . -5.67 -27.86 -30.70
O4 BMA AA . -6.14 -29.36 -33.16
O5 BMA AA . -9.50 -28.60 -31.97
O6 BMA AA . -8.18 -31.33 -32.86
C1 MAN AA . -4.54 -27.23 -31.34
C2 MAN AA . -3.45 -28.32 -31.48
C3 MAN AA . -2.97 -28.72 -30.09
C4 MAN AA . -2.52 -27.48 -29.29
C5 MAN AA . -3.66 -26.46 -29.23
C6 MAN AA . -3.25 -25.17 -28.57
O2 MAN AA . -2.31 -27.82 -32.16
O3 MAN AA . -1.92 -29.67 -30.16
O4 MAN AA . -2.16 -27.87 -27.97
O5 MAN AA . -4.09 -26.14 -30.58
O6 MAN AA . -4.41 -24.36 -28.41
C1 MAN AA . -9.11 -32.09 -32.06
C2 MAN AA . -8.45 -32.32 -30.70
C3 MAN AA . -9.37 -33.12 -29.79
C4 MAN AA . -10.00 -34.39 -30.48
C5 MAN AA . -10.35 -34.18 -32.00
C6 MAN AA . -11.77 -33.72 -32.27
O2 MAN AA . -8.22 -31.09 -30.01
O3 MAN AA . -10.41 -32.31 -29.23
O4 MAN AA . -9.11 -35.49 -30.33
O5 MAN AA . -9.41 -33.32 -32.69
O6 MAN AA . -12.17 -32.81 -31.26
C1 NAG BA . -2.83 -29.99 -46.50
C2 NAG BA . -3.48 -31.36 -46.58
C3 NAG BA . -2.66 -32.38 -45.82
C4 NAG BA . -1.22 -32.36 -46.33
C5 NAG BA . -0.66 -30.94 -46.26
C6 NAG BA . 0.73 -30.84 -46.86
C7 NAG BA . -5.91 -31.33 -46.88
C8 NAG BA . -7.25 -31.31 -46.21
N2 NAG BA . -4.85 -31.34 -46.08
O3 NAG BA . -3.22 -33.68 -45.99
O4 NAG BA . -0.40 -33.22 -45.54
O5 NAG BA . -1.51 -30.06 -47.00
O6 NAG BA . 0.87 -31.69 -47.99
O7 NAG BA . -5.80 -31.35 -48.10
C1 NAG BA . -0.06 -34.35 -46.36
C2 NAG BA . 1.30 -34.89 -45.93
C3 NAG BA . 1.65 -36.14 -46.73
C4 NAG BA . 0.53 -37.17 -46.64
C5 NAG BA . -0.80 -36.54 -47.04
C6 NAG BA . -1.97 -37.47 -46.87
C7 NAG BA . 2.74 -33.10 -45.08
C8 NAG BA . 3.81 -32.10 -45.42
N2 NAG BA . 2.33 -33.87 -46.08
O3 NAG BA . 2.86 -36.69 -46.23
O4 NAG BA . 0.82 -38.27 -47.50
O5 NAG BA . -1.05 -35.39 -46.23
O6 NAG BA . -2.18 -37.79 -45.50
O7 NAG BA . 2.28 -33.18 -43.95
C1 NAG CA . -21.80 -25.70 -46.91
C2 NAG CA . -20.69 -26.74 -47.03
C3 NAG CA . -20.20 -26.82 -48.48
C4 NAG CA . -21.36 -26.97 -49.44
C5 NAG CA . -22.45 -25.94 -49.16
C6 NAG CA . -23.71 -26.16 -49.98
C7 NAG CA . -19.59 -26.77 -44.84
C8 NAG CA . -18.37 -26.35 -44.07
N2 NAG CA . -19.60 -26.43 -46.13
O3 NAG CA . -19.30 -27.92 -48.61
O4 NAG CA . -20.88 -26.74 -50.77
O5 NAG CA . -22.84 -26.02 -47.79
O6 NAG CA . -24.67 -26.91 -49.25
O7 NAG CA . -20.50 -27.39 -44.33
C1 NAG CA . -21.09 -27.93 -51.55
C2 NAG CA . -20.89 -27.56 -53.02
C3 NAG CA . -21.07 -28.80 -53.89
C4 NAG CA . -20.15 -29.91 -53.41
C5 NAG CA . -20.35 -30.17 -51.93
C6 NAG CA . -19.37 -31.18 -51.36
C7 NAG CA . -21.52 -25.21 -53.35
C8 NAG CA . -22.59 -24.27 -53.81
N2 NAG CA . -21.82 -26.51 -53.42
O3 NAG CA . -20.78 -28.47 -55.24
O4 NAG CA . -20.43 -31.12 -54.13
O5 NAG CA . -20.16 -28.96 -51.18
O6 NAG CA . -18.05 -30.91 -51.81
O7 NAG CA . -20.44 -24.81 -52.95
C1 NAG DA . 43.58 -6.65 -33.04
C2 NAG DA . 44.90 -6.33 -32.36
C3 NAG DA . 45.20 -4.84 -32.45
C4 NAG DA . 45.10 -4.34 -33.89
C5 NAG DA . 43.79 -4.81 -34.54
C6 NAG DA . 43.73 -4.54 -36.02
C7 NAG DA . 45.56 -7.85 -30.55
C8 NAG DA . 46.31 -8.63 -31.59
N2 NAG DA . 44.91 -6.77 -30.98
O3 NAG DA . 46.50 -4.57 -31.94
O4 NAG DA . 45.12 -2.92 -33.88
O5 NAG DA . 43.62 -6.23 -34.38
O6 NAG DA . 43.43 -3.17 -36.29
O7 NAG DA . 45.53 -8.20 -29.37
C1 NAG DA . 46.23 -2.44 -34.67
C2 NAG DA . 45.98 -0.95 -34.93
C3 NAG DA . 47.13 -0.37 -35.74
C4 NAG DA . 48.46 -0.65 -35.04
C5 NAG DA . 48.60 -2.14 -34.75
C6 NAG DA . 49.83 -2.46 -33.93
C7 NAG DA . 43.62 -0.28 -34.99
C8 NAG DA . 42.40 -0.12 -35.85
N2 NAG DA . 44.71 -0.74 -35.60
O3 NAG DA . 46.93 1.03 -35.88
O4 NAG DA . 49.53 -0.24 -35.89
O5 NAG DA . 47.47 -2.60 -33.99
O6 NAG DA . 49.95 -1.58 -32.82
O7 NAG DA . 43.63 0.02 -33.80
C1 NAG EA . 38.35 -20.36 5.49
C2 NAG EA . 38.06 -18.89 5.72
C3 NAG EA . 38.84 -18.37 6.92
C4 NAG EA . 38.56 -19.23 8.14
C5 NAG EA . 38.86 -20.69 7.82
C6 NAG EA . 38.48 -21.63 8.94
C7 NAG EA . 37.40 -17.67 3.71
C8 NAG EA . 37.88 -16.87 2.53
N2 NAG EA . 38.35 -18.10 4.53
O3 NAG EA . 38.46 -17.02 7.18
O4 NAG EA . 39.35 -18.80 9.24
O5 NAG EA . 38.10 -21.09 6.68
O6 NAG EA . 37.08 -21.79 9.05
O7 NAG EA . 36.22 -17.90 3.89
C1 NAG EA . 38.45 -18.37 10.29
C2 NAG EA . 39.10 -18.67 11.63
C3 NAG EA . 38.19 -18.20 12.76
C4 NAG EA . 37.82 -16.73 12.58
C5 NAG EA . 37.24 -16.51 11.18
C6 NAG EA . 36.97 -15.05 10.88
C7 NAG EA . 40.60 -20.61 11.57
C8 NAG EA . 40.72 -22.10 11.76
N2 NAG EA . 39.38 -20.09 11.77
O3 NAG EA . 38.85 -18.38 14.02
O4 NAG EA . 36.85 -16.35 13.55
O5 NAG EA . 38.17 -16.97 10.19
O6 NAG EA . 38.08 -14.24 11.21
O7 NAG EA . 41.56 -19.93 11.24
C1 NAG FA . 34.62 -16.21 -0.68
C2 NAG FA . 34.43 -15.59 -2.05
C3 NAG FA . 35.65 -14.78 -2.45
C4 NAG FA . 36.00 -13.77 -1.37
C5 NAG FA . 36.11 -14.46 -0.01
C6 NAG FA . 36.27 -13.49 1.14
C7 NAG FA . 33.37 -16.36 -4.12
C8 NAG FA . 33.16 -17.52 -5.05
N2 NAG FA . 34.14 -16.59 -3.05
O3 NAG FA . 35.40 -14.11 -3.67
O4 NAG FA . 37.26 -13.17 -1.68
O5 NAG FA . 34.92 -15.20 0.27
O6 NAG FA . 35.99 -14.11 2.38
O7 NAG FA . 32.85 -15.27 -4.32
C1 NAG FA . 37.09 -11.74 -1.69
C2 NAG FA . 38.44 -11.09 -1.36
C3 NAG FA . 38.30 -9.58 -1.40
C4 NAG FA . 37.69 -9.12 -2.71
C5 NAG FA . 36.40 -9.89 -3.01
C6 NAG FA . 35.84 -9.59 -4.38
C7 NAG FA . 40.06 -12.23 0.08
C8 NAG FA . 40.44 -12.59 1.48
N2 NAG FA . 38.94 -11.53 -0.07
O3 NAG FA . 39.59 -8.99 -1.23
O4 NAG FA . 37.39 -7.73 -2.63
O5 NAG FA . 36.65 -11.30 -2.96
O6 NAG FA . 36.75 -9.94 -5.41
O7 NAG FA . 40.76 -12.56 -0.89
C1 BMA FA . 38.19 -7.03 -3.60
C2 BMA FA . 37.39 -5.81 -4.03
C3 BMA FA . 38.23 -4.94 -4.95
C4 BMA FA . 39.62 -4.67 -4.37
C5 BMA FA . 40.29 -5.99 -3.97
C6 BMA FA . 41.64 -5.79 -3.30
O2 BMA FA . 37.06 -5.00 -2.91
O3 BMA FA . 37.56 -3.72 -5.24
O4 BMA FA . 40.43 -4.00 -5.33
O5 BMA FA . 39.44 -6.66 -3.04
O6 BMA FA . 41.42 -5.26 -2.00
C1 MAN FA . 37.31 -3.66 -6.67
C2 MAN FA . 36.73 -2.25 -6.98
C3 MAN FA . 35.29 -2.16 -6.51
C4 MAN FA . 34.45 -3.32 -7.05
C5 MAN FA . 35.07 -4.63 -6.59
C6 MAN FA . 34.33 -5.84 -7.12
O2 MAN FA . 36.70 -2.01 -8.39
O3 MAN FA . 34.69 -0.92 -6.89
O4 MAN FA . 33.13 -3.22 -6.56
O5 MAN FA . 36.43 -4.71 -7.07
O6 MAN FA . 32.95 -5.67 -6.87
C1 NAG GA . 15.91 -45.73 -2.70
C2 NAG GA . 14.48 -46.24 -2.51
C3 NAG GA . 14.38 -47.71 -2.91
C4 NAG GA . 14.96 -47.93 -4.31
C5 NAG GA . 16.37 -47.36 -4.37
C6 NAG GA . 16.99 -47.46 -5.75
C7 NAG GA . 13.47 -44.92 -0.70
C8 NAG GA . 13.07 -44.90 0.73
N2 NAG GA . 14.03 -46.06 -1.14
O3 NAG GA . 13.02 -48.12 -2.87
O4 NAG GA . 14.97 -49.32 -4.59
O5 NAG GA . 16.34 -45.97 -4.03
O6 NAG GA . 16.14 -46.92 -6.74
O7 NAG GA . 13.29 -43.96 -1.44
C1 NAG GA . 14.28 -49.59 -5.83
C2 NAG GA . 14.45 -51.08 -6.17
C3 NAG GA . 13.74 -51.41 -7.47
C4 NAG GA . 12.27 -50.97 -7.40
C5 NAG GA . 12.17 -49.51 -6.99
C6 NAG GA . 10.75 -49.05 -6.78
C7 NAG GA . 16.57 -51.87 -5.21
C8 NAG GA . 18.01 -52.19 -5.49
N2 NAG GA . 15.86 -51.43 -6.26
O3 NAG GA . 13.82 -52.80 -7.71
O4 NAG GA . 11.66 -51.15 -8.67
O5 NAG GA . 12.87 -49.28 -5.76
O6 NAG GA . 9.95 -50.08 -6.24
O7 NAG GA . 16.07 -52.01 -4.10
C1 NAG HA . 49.84 -22.75 -9.00
C2 NAG HA . 50.80 -21.58 -8.92
C3 NAG HA . 51.81 -21.65 -10.07
C4 NAG HA . 52.47 -23.02 -10.15
C5 NAG HA . 51.42 -24.13 -10.10
C6 NAG HA . 52.02 -25.51 -10.00
C7 NAG HA . 49.49 -19.78 -7.90
C8 NAG HA . 48.80 -18.47 -8.12
N2 NAG HA . 50.09 -20.32 -8.96
O3 NAG HA . 52.80 -20.65 -9.88
O4 NAG HA . 53.16 -23.15 -11.39
O5 NAG HA . 50.56 -23.96 -8.96
O6 NAG HA . 52.39 -25.82 -8.66
O7 NAG HA . 49.50 -20.33 -6.80
C1 NAG HA . 54.55 -22.81 -11.26
C2 NAG HA . 55.37 -23.70 -12.21
C3 NAG HA . 56.85 -23.31 -12.19
C4 NAG HA . 57.01 -21.82 -12.44
C5 NAG HA . 56.14 -21.03 -11.46
C6 NAG HA . 56.18 -19.53 -11.71
C7 NAG HA . 55.46 -25.88 -10.90
C8 NAG HA . 56.05 -25.18 -9.71
N2 NAG HA . 55.17 -25.14 -12.00
O3 NAG HA . 57.55 -24.04 -13.20
O4 NAG HA . 58.37 -21.43 -12.27
O5 NAG HA . 54.77 -21.44 -11.58
O6 NAG HA . 55.60 -18.81 -10.63
O7 NAG HA . 55.23 -27.08 -10.89
C1 NAG IA . 40.34 -31.69 -18.35
C2 NAG IA . 39.92 -31.76 -19.79
C3 NAG IA . 40.14 -33.18 -20.33
C4 NAG IA . 41.57 -33.62 -20.09
C5 NAG IA . 41.96 -33.41 -18.63
C6 NAG IA . 43.43 -33.67 -18.36
C7 NAG IA . 38.04 -30.81 -21.05
C8 NAG IA . 36.58 -30.48 -21.04
N2 NAG IA . 38.52 -31.38 -19.95
O3 NAG IA . 39.84 -33.18 -21.72
O4 NAG IA . 41.70 -35.01 -20.37
O5 NAG IA . 41.70 -32.06 -18.23
O6 NAG IA . 44.20 -32.49 -18.54
O7 NAG IA . 38.75 -30.57 -22.02
C1 NAG IA . 42.06 -35.26 -21.75
C2 NAG IA . 43.15 -36.35 -21.78
C3 NAG IA . 43.49 -36.68 -23.23
C4 NAG IA . 42.24 -37.06 -24.01
C5 NAG IA . 41.18 -35.95 -23.87
C6 NAG IA . 39.86 -36.31 -24.52
C7 NAG IA . 44.70 -36.46 -19.89
C8 NAG IA . 43.81 -37.53 -19.34
N2 NAG IA . 44.33 -35.92 -21.06
O3 NAG IA . 44.42 -37.77 -23.25
O4 NAG IA . 42.55 -37.24 -25.38
O5 NAG IA . 40.92 -35.70 -22.49
O6 NAG IA . 38.83 -35.42 -24.12
O7 NAG IA . 45.70 -36.09 -19.29
C1 NAG JA . 31.80 -2.15 -41.83
C2 NAG JA . 32.31 -3.47 -42.37
C3 NAG JA . 33.08 -3.25 -43.67
C4 NAG JA . 32.23 -2.49 -44.67
C5 NAG JA . 31.73 -1.19 -44.04
C6 NAG JA . 30.78 -0.43 -44.92
C7 NAG JA . 32.81 -5.28 -40.80
C8 NAG JA . 33.79 -5.82 -39.80
N2 NAG JA . 33.16 -4.13 -41.39
O3 NAG JA . 33.45 -4.51 -44.21
O4 NAG JA . 33.00 -2.17 -45.81
O5 NAG JA . 31.02 -1.48 -42.83
O6 NAG JA . 29.46 -0.95 -44.83
O7 NAG JA . 31.75 -5.85 -41.06
C1 NAG JA . 32.47 -2.88 -46.96
C2 NAG JA . 32.90 -2.12 -48.20
C3 NAG JA . 32.41 -2.84 -49.45
C4 NAG JA . 32.89 -4.29 -49.44
C5 NAG JA . 32.47 -4.97 -48.14
C6 NAG JA . 33.00 -6.37 -48.01
C7 NAG JA . 33.14 0.29 -47.78
C8 NAG JA . 32.47 1.62 -47.81
N2 NAG JA . 32.40 -0.76 -48.18
O3 NAG JA . 32.90 -2.18 -50.61
O4 NAG JA . 32.31 -4.99 -50.54
O5 NAG JA . 32.96 -4.22 -47.02
O6 NAG JA . 34.30 -6.37 -47.40
O7 NAG JA . 34.30 0.15 -47.40
C1 NAG KA . 14.77 52.52 -5.18
C2 NAG KA . 14.45 53.29 -3.91
C3 NAG KA . 14.00 54.72 -4.26
C4 NAG KA . 15.03 55.39 -5.16
C5 NAG KA . 15.31 54.53 -6.38
C6 NAG KA . 16.41 55.08 -7.26
C7 NAG KA . 13.27 52.81 -1.81
C8 NAG KA . 12.17 52.03 -1.17
N2 NAG KA . 13.43 52.62 -3.13
O3 NAG KA . 13.83 55.47 -3.07
O4 NAG KA . 14.53 56.66 -5.59
O5 NAG KA . 15.74 53.23 -5.96
O6 NAG KA . 17.56 55.42 -6.51
O7 NAG KA . 13.99 53.58 -1.17
C1 NAG LA . 26.66 39.38 -13.14
C2 NAG LA . 26.74 38.43 -14.33
C3 NAG LA . 28.07 38.60 -15.04
C4 NAG LA . 28.32 40.05 -15.41
C5 NAG LA . 28.18 40.93 -14.18
C6 NAG LA . 28.29 42.40 -14.50
C7 NAG LA . 25.47 36.34 -14.25
C8 NAG LA . 25.43 34.93 -13.73
N2 NAG LA . 26.55 37.06 -13.90
O3 NAG LA . 28.07 37.79 -16.22
O4 NAG LA . 29.62 40.21 -15.96
O5 NAG LA . 26.90 40.72 -13.57
O6 NAG LA . 28.71 43.15 -13.36
O7 NAG LA . 24.57 36.80 -14.93
C1 NAG MA . 23.26 48.52 -11.43
C2 NAG MA . 23.60 48.42 -12.91
C3 NAG MA . 24.45 49.61 -13.33
C4 NAG MA . 23.76 50.92 -12.96
C5 NAG MA . 23.39 50.91 -11.47
C6 NAG MA . 22.60 52.11 -11.05
C7 NAG MA . 23.79 46.25 -14.03
C8 NAG MA . 24.63 45.02 -14.22
N2 NAG MA . 24.28 47.17 -13.20
O3 NAG MA . 24.66 49.57 -14.74
O4 NAG MA . 24.63 52.02 -13.21
O5 NAG MA . 22.59 49.75 -11.18
O6 NAG MA . 21.77 52.58 -12.11
O7 NAG MA . 22.72 46.39 -14.60
C1 NAG NA . 25.30 32.51 -37.19
C2 NAG NA . 26.29 33.32 -38.00
C3 NAG NA . 27.71 33.04 -37.53
C4 NAG NA . 27.82 33.32 -36.03
C5 NAG NA . 26.77 32.53 -35.27
C6 NAG NA . 26.73 32.87 -33.80
C7 NAG NA . 25.42 33.78 -40.25
C8 NAG NA . 25.41 33.34 -41.68
N2 NAG NA . 26.17 33.04 -39.42
O3 NAG NA . 28.62 33.86 -38.24
O4 NAG NA . 29.12 32.96 -35.56
O5 NAG NA . 25.46 32.82 -35.80
O6 NAG NA . 25.98 34.05 -33.56
O7 NAG NA . 24.79 34.75 -39.85
C1 NAG OA . 10.33 39.46 -41.83
C2 NAG OA . 10.71 40.79 -42.48
C3 NAG OA . 9.84 41.04 -43.71
C4 NAG OA . 9.91 39.85 -44.66
C5 NAG OA . 9.57 38.56 -43.93
C6 NAG OA . 9.75 37.34 -44.79
C7 NAG OA . 11.62 42.67 -41.19
C8 NAG OA . 11.32 43.76 -40.21
N2 NAG OA . 10.59 41.90 -41.55
O3 NAG OA . 10.27 42.23 -44.36
O4 NAG OA . 8.99 40.04 -45.73
O5 NAG OA . 10.43 38.40 -42.79
O6 NAG OA . 9.79 36.15 -44.00
O7 NAG OA . 12.75 42.47 -41.63
C1 NAG PA . 10.10 -0.74 42.30
C2 NAG PA . 10.66 -1.48 43.50
C3 NAG PA . 11.97 -0.82 43.95
C4 NAG PA . 12.94 -0.72 42.78
C5 NAG PA . 12.29 -0.03 41.60
C6 NAG PA . 13.16 -0.02 40.36
C7 NAG PA . 8.89 -2.56 44.79
C8 NAG PA . 7.97 -2.44 45.97
N2 NAG PA . 9.71 -1.52 44.58
O3 NAG PA . 12.54 -1.59 45.00
O4 NAG PA . 14.08 0.03 43.18
O5 NAG PA . 11.07 -0.70 41.24
O6 NAG PA . 12.96 1.15 39.59
O7 NAG PA . 8.91 -3.55 44.08
C1 NAG QA . 15.01 7.37 31.19
C2 NAG QA . 16.51 7.64 31.00
C3 NAG QA . 17.07 8.52 32.12
C4 NAG QA . 16.20 9.77 32.29
C5 NAG QA . 14.73 9.38 32.47
C6 NAG QA . 13.81 10.57 32.55
C7 NAG QA . 17.49 5.39 31.67
C8 NAG QA . 16.81 5.46 33.01
N2 NAG QA . 17.31 6.43 30.81
O3 NAG QA . 18.40 8.90 31.81
O4 NAG QA . 16.63 10.50 33.44
O5 NAG QA . 14.31 8.60 31.33
O6 NAG QA . 13.89 11.20 33.82
O7 NAG QA . 18.20 4.43 31.37
C1 NAG RA . 2.73 24.70 39.93
C2 NAG RA . 1.87 25.44 40.96
C3 NAG RA . 2.10 26.94 40.85
C4 NAG RA . 3.58 27.26 40.97
C5 NAG RA . 4.40 26.43 39.98
C6 NAG RA . 5.89 26.58 40.17
C7 NAG RA . -0.13 24.12 41.47
C8 NAG RA . -1.58 23.90 41.17
N2 NAG RA . 0.47 25.12 40.80
O3 NAG RA . 1.37 27.60 41.87
O4 NAG RA . 3.81 28.64 40.72
O5 NAG RA . 4.10 25.03 40.15
O6 NAG RA . 6.30 26.07 41.44
O7 NAG RA . 0.48 23.44 42.28
C1 NAG SA . 3.96 17.52 47.66
C2 NAG SA . 4.40 18.95 47.32
C3 NAG SA . 4.63 19.74 48.59
C4 NAG SA . 3.32 19.75 49.34
C5 NAG SA . 2.91 18.31 49.63
C6 NAG SA . 1.59 18.28 50.41
C7 NAG SA . 6.68 18.29 46.68
C8 NAG SA . 6.95 17.21 45.67
N2 NAG SA . 5.59 19.00 46.47
O3 NAG SA . 5.05 21.07 48.28
O4 NAG SA . 3.44 20.48 50.56
O5 NAG SA . 2.75 17.62 48.40
O6 NAG SA . 0.72 19.29 49.92
O7 NAG SA . 7.45 18.49 47.61
C1 NAG TA . -41.48 -20.47 3.50
C2 NAG TA . -40.90 -20.88 4.86
C3 NAG TA . -41.92 -21.71 5.63
C4 NAG TA . -43.13 -20.85 5.95
C5 NAG TA . -43.68 -20.22 4.68
C6 NAG TA . -43.68 -18.71 4.72
C7 NAG TA . -38.58 -21.40 5.45
C8 NAG TA . -37.38 -22.24 5.16
N2 NAG TA . -39.66 -21.61 4.70
O3 NAG TA . -41.32 -22.18 6.83
O4 NAG TA . -44.14 -21.65 6.55
O5 NAG TA . -42.95 -20.63 3.51
O6 NAG TA . -43.92 -18.22 6.02
O7 NAG TA . -38.57 -20.53 6.33
C1 NAG UA . -27.51 -5.53 -47.19
C2 NAG UA . -26.06 -5.19 -47.51
C3 NAG UA . -26.00 -4.21 -48.66
C4 NAG UA . -26.78 -4.75 -49.85
C5 NAG UA . -28.19 -5.14 -49.43
C6 NAG UA . -28.96 -5.83 -50.54
C7 NAG UA . -24.35 -5.25 -45.76
C8 NAG UA . -23.76 -4.55 -44.57
N2 NAG UA . -25.38 -4.65 -46.34
O3 NAG UA . -24.64 -4.00 -49.03
O4 NAG UA . -26.86 -3.76 -50.87
O5 NAG UA . -28.14 -6.06 -48.33
O6 NAG UA . -30.24 -6.24 -50.09
O7 NAG UA . -23.90 -6.32 -46.16
C1 NAG VA . -4.87 -7.32 -59.82
C2 NAG VA . -5.75 -7.36 -61.05
C3 NAG VA . -6.21 -5.95 -61.41
C4 NAG VA . -6.86 -5.28 -60.21
C5 NAG VA . -5.95 -5.36 -58.99
C6 NAG VA . -6.61 -4.85 -57.74
C7 NAG VA . -3.91 -7.63 -62.67
C8 NAG VA . -3.40 -8.45 -63.83
N2 NAG VA . -5.09 -8.00 -62.18
O3 NAG VA . -7.13 -6.01 -62.50
O4 NAG VA . -7.14 -3.92 -60.51
O5 NAG VA . -5.58 -6.72 -58.73
O6 NAG VA . -7.95 -4.46 -57.97
O7 NAG VA . -3.28 -6.68 -62.23
C1 NAG WA . -40.43 -7.48 -17.56
C2 NAG WA . -40.91 -6.20 -18.25
C3 NAG WA . -41.35 -5.17 -17.23
C4 NAG WA . -42.37 -5.79 -16.26
C5 NAG WA . -41.82 -7.08 -15.67
C6 NAG WA . -42.82 -7.80 -14.79
C7 NAG WA . -40.05 -5.40 -20.41
C8 NAG WA . -41.41 -5.71 -20.96
N2 NAG WA . -39.87 -5.66 -19.11
O3 NAG WA . -41.91 -4.04 -17.88
O4 NAG WA . -42.64 -4.87 -15.21
O5 NAG WA . -41.46 -7.98 -16.73
O6 NAG WA . -43.40 -8.90 -15.47
O7 NAG WA . -39.16 -4.94 -21.11
C1 NAG XA . -22.43 -29.61 -39.54
C2 NAG XA . -23.58 -30.14 -40.39
C3 NAG XA . -24.14 -31.41 -39.78
C4 NAG XA . -23.03 -32.43 -39.54
C5 NAG XA . -21.92 -31.80 -38.72
C6 NAG XA . -20.73 -32.71 -38.53
C7 NAG XA . -24.62 -28.23 -41.52
C8 NAG XA . -25.78 -27.28 -41.53
N2 NAG XA . -24.61 -29.14 -40.55
O3 NAG XA . -25.13 -31.97 -40.65
O4 NAG XA . -23.56 -33.55 -38.84
O5 NAG XA . -21.44 -30.63 -39.39
O6 NAG XA . -19.52 -32.01 -38.78
O7 NAG XA . -23.74 -28.19 -42.37
C1 NAG YA . -33.90 -12.17 -49.79
C2 NAG YA . -32.89 -12.37 -50.91
C3 NAG YA . -33.56 -12.17 -52.26
C4 NAG YA . -34.79 -13.07 -52.38
C5 NAG YA . -35.72 -12.86 -51.17
C6 NAG YA . -36.88 -13.83 -51.16
C7 NAG YA . -30.60 -11.82 -50.25
C8 NAG YA . -29.55 -10.75 -50.17
N2 NAG YA . -31.77 -11.45 -50.75
O3 NAG YA . -32.64 -12.48 -53.30
O4 NAG YA . -35.52 -12.73 -53.56
O5 NAG YA . -34.99 -13.08 -49.95
O6 NAG YA . -36.44 -15.17 -51.01
O7 NAG YA . -30.37 -12.97 -49.88
C1 NAG ZA . -40.71 -20.77 -42.85
C2 NAG ZA . -40.70 -20.78 -44.38
C3 NAG ZA . -41.91 -20.02 -44.92
C4 NAG ZA . -43.19 -20.57 -44.30
C5 NAG ZA . -43.09 -20.56 -42.78
C6 NAG ZA . -44.29 -21.19 -42.10
C7 NAG ZA . -38.44 -20.94 -45.33
C8 NAG ZA . -37.25 -20.18 -45.84
N2 NAG ZA . -39.47 -20.20 -44.90
O3 NAG ZA . -41.95 -20.15 -46.33
O4 NAG ZA . -44.30 -19.78 -44.71
O5 NAG ZA . -41.94 -21.30 -42.37
O6 NAG ZA . -44.06 -22.57 -41.84
O7 NAG ZA . -38.47 -22.16 -45.31
C1 NAG AB . -39.73 9.21 21.41
C2 NAG AB . -40.18 9.92 20.14
C3 NAG AB . -40.47 11.38 20.45
C4 NAG AB . -41.47 11.50 21.59
C5 NAG AB . -40.99 10.70 22.80
C6 NAG AB . -42.01 10.65 23.92
C7 NAG AB . -39.45 10.03 17.80
C8 NAG AB . -38.31 9.87 16.85
N2 NAG AB . -39.18 9.81 19.08
O3 NAG AB . -40.99 12.02 19.29
O4 NAG AB . -41.61 12.86 21.97
O5 NAG AB . -40.73 9.34 22.42
O6 NAG AB . -41.39 10.48 25.18
O7 NAG AB . -40.57 10.37 17.42
C1 NAG BB . -38.43 6.30 6.69
C2 NAG BB . -39.00 7.03 5.48
C3 NAG BB . -40.52 7.04 5.53
C4 NAG BB . -41.06 5.63 5.68
C5 NAG BB . -40.41 4.94 6.88
C6 NAG BB . -40.80 3.49 7.02
C7 NAG BB . -38.38 9.06 4.24
C8 NAG BB . -37.81 10.45 4.34
N2 NAG BB . -38.48 8.39 5.40
O3 NAG BB . -41.02 7.62 4.33
O4 NAG BB . -42.47 5.66 5.87
O5 NAG BB . -38.98 4.98 6.75
O6 NAG BB . -41.34 2.99 5.81
O7 NAG BB . -38.72 8.57 3.18
C1 NAG CB . 12.73 -30.76 31.25
C2 NAG CB . 12.05 -29.65 32.05
C3 NAG CB . 12.64 -29.57 33.45
C4 NAG CB . 12.55 -30.91 34.14
C5 NAG CB . 13.23 -31.98 33.28
C6 NAG CB . 13.09 -33.38 33.84
C7 NAG CB . 11.46 -28.03 30.30
C8 NAG CB . 11.70 -26.67 29.73
N2 NAG CB . 12.18 -28.37 31.38
O3 NAG CB . 11.91 -28.59 34.20
O4 NAG CB . 13.18 -30.86 35.41
O5 NAG CB . 12.63 -32.00 31.97
O6 NAG CB . 12.98 -33.37 35.27
O7 NAG CB . 10.64 -28.80 29.80
C1 NAG DB . 21.21 -21.38 -32.85
C2 NAG DB . 20.35 -22.49 -32.26
C3 NAG DB . 21.19 -23.39 -31.38
C4 NAG DB . 22.39 -23.93 -32.15
C5 NAG DB . 23.19 -22.78 -32.74
C6 NAG DB . 24.32 -23.24 -33.61
C7 NAG DB . 17.96 -22.07 -31.91
C8 NAG DB . 17.74 -22.81 -33.19
N2 NAG DB . 19.23 -21.94 -31.52
O3 NAG DB . 20.39 -24.47 -30.90
O4 NAG DB . 23.22 -24.69 -31.29
O5 NAG DB . 22.33 -21.96 -33.55
O6 NAG DB . 24.79 -22.19 -34.46
O7 NAG DB . 17.03 -21.59 -31.25
C1 NAG EB . 20.24 -40.27 8.02
C2 NAG EB . 19.73 -41.44 7.18
C3 NAG EB . 18.34 -41.87 7.65
C4 NAG EB . 18.34 -42.13 9.15
C5 NAG EB . 18.91 -40.93 9.89
C6 NAG EB . 19.04 -41.15 11.38
C7 NAG EB . 20.75 -41.25 4.95
C8 NAG EB . 20.54 -40.83 3.52
N2 NAG EB . 19.70 -41.09 5.76
O3 NAG EB . 17.94 -43.05 6.95
O4 NAG EB . 17.01 -42.39 9.59
O5 NAG EB . 20.22 -40.64 9.40
O6 NAG EB . 18.93 -39.93 12.09
O7 NAG EB . 21.82 -41.69 5.35
C1 NAG FB . 48.71 -4.13 -15.75
C2 NAG FB . 49.90 -4.06 -14.81
C3 NAG FB . 50.06 -2.65 -14.26
C4 NAG FB . 50.13 -1.65 -15.40
C5 NAG FB . 48.92 -1.81 -16.31
C6 NAG FB . 48.97 -0.92 -17.53
C7 NAG FB . 50.54 -6.12 -13.61
C8 NAG FB . 51.56 -6.32 -14.69
N2 NAG FB . 49.77 -5.03 -13.72
O3 NAG FB . 51.25 -2.58 -13.47
O4 NAG FB . 50.14 -0.32 -14.88
O5 NAG FB . 48.86 -3.17 -16.80
O6 NAG FB . 48.80 0.44 -17.18
O7 NAG FB . 50.40 -6.92 -12.69
C1 NAG GB . 33.59 -51.70 9.58
C2 NAG GB . 32.99 -52.14 10.91
C3 NAG GB . 32.87 -50.94 11.84
C4 NAG GB . 34.21 -50.24 11.98
C5 NAG GB . 34.78 -49.89 10.62
C6 NAG GB . 36.17 -49.31 10.68
C7 NAG GB . 31.49 -54.09 10.86
C8 NAG GB . 32.70 -54.90 11.26
N2 NAG GB . 31.70 -52.77 10.71
O3 NAG GB . 32.42 -51.39 13.12
O4 NAG GB . 34.06 -49.04 12.75
O5 NAG GB . 34.87 -51.08 9.81
O6 NAG GB . 36.16 -48.02 11.28
O7 NAG GB . 30.39 -54.60 10.69
C1 NAG HB . 37.43 -36.77 -17.77
C2 NAG HB . 37.24 -35.69 -18.82
C3 NAG HB . 37.37 -36.30 -20.20
C4 NAG HB . 38.71 -37.02 -20.34
C5 NAG HB . 38.87 -38.04 -19.21
C6 NAG HB . 40.22 -38.68 -19.19
C7 NAG HB . 35.84 -33.75 -18.32
C8 NAG HB . 34.46 -33.21 -18.21
N2 NAG HB . 35.95 -35.03 -18.67
O3 NAG HB . 37.27 -35.27 -21.18
O4 NAG HB . 38.77 -37.70 -21.59
O5 NAG HB . 38.71 -37.39 -17.94
O6 NAG HB . 40.71 -38.90 -20.51
O7 NAG HB . 36.83 -33.04 -18.11
C1 NAG IB . 44.73 -39.70 -12.98
C2 NAG IB . 45.01 -39.09 -14.35
C3 NAG IB . 45.94 -40.00 -15.15
C4 NAG IB . 47.20 -40.29 -14.36
C5 NAG IB . 46.84 -40.84 -12.98
C6 NAG IB . 48.04 -41.04 -12.09
C7 NAG IB . 43.29 -37.63 -15.31
C8 NAG IB . 42.00 -37.56 -16.09
N2 NAG IB . 43.78 -38.85 -15.08
O3 NAG IB . 46.28 -39.36 -16.38
O4 NAG IB . 48.00 -41.25 -15.05
O5 NAG IB . 45.97 -39.93 -12.30
O6 NAG IB . 49.22 -40.51 -12.68
O7 NAG IB . 43.87 -36.62 -14.92
C1 NAG JB . 43.34 -19.45 -36.17
C2 NAG JB . 42.75 -20.70 -35.54
C3 NAG JB . 42.39 -21.72 -36.62
C4 NAG JB . 41.48 -21.08 -37.66
C5 NAG JB . 42.12 -19.80 -38.21
C6 NAG JB . 41.21 -19.05 -39.16
C7 NAG JB . 43.25 -22.03 -33.53
C8 NAG JB . 44.32 -22.55 -32.64
N2 NAG JB . 43.65 -21.28 -34.57
O3 NAG JB . 41.74 -22.83 -36.04
O4 NAG JB . 41.27 -21.99 -38.74
O5 NAG JB . 42.41 -18.91 -37.13
O6 NAG JB . 40.33 -18.18 -38.46
O7 NAG JB . 42.06 -22.27 -33.35
C1 NAG KB . 46.79 -18.94 -1.48
C2 NAG KB . 47.95 -19.84 -1.12
C3 NAG KB . 48.45 -19.54 0.30
C4 NAG KB . 48.77 -18.06 0.42
C5 NAG KB . 47.58 -17.21 0.00
C6 NAG KB . 47.87 -15.74 -0.03
C7 NAG KB . 47.83 -21.98 -2.32
C8 NAG KB . 47.39 -23.41 -2.27
N2 NAG KB . 47.58 -21.25 -1.23
O3 NAG KB . 49.60 -20.32 0.56
O4 NAG KB . 49.11 -17.75 1.77
O5 NAG KB . 47.17 -17.57 -1.33
O6 NAG KB . 47.97 -15.20 1.29
O7 NAG KB . 48.39 -21.51 -3.30
C1 NAG LB . -18.51 -39.18 22.99
C2 NAG LB . -20.03 -39.38 23.11
C3 NAG LB . -20.47 -40.57 22.26
C4 NAG LB . -19.98 -40.41 20.82
C5 NAG LB . -18.48 -40.17 20.80
C6 NAG LB . -17.96 -39.88 19.41
C7 NAG LB . -21.34 -38.83 25.11
C8 NAG LB . -21.61 -39.18 26.55
N2 NAG LB . -20.41 -39.58 24.50
O3 NAG LB . -21.89 -40.66 22.29
O4 NAG LB . -20.29 -41.58 20.08
O5 NAG LB . -18.16 -39.03 21.61
O6 NAG LB . -16.63 -40.36 19.26
O7 NAG LB . -21.94 -37.94 24.53
C1 NAG MB . -6.79 -39.10 13.77
C2 NAG MB . -6.44 -40.34 14.58
C3 NAG MB . -5.19 -40.99 14.02
C4 NAG MB . -5.43 -41.30 12.55
C5 NAG MB . -5.80 -40.02 11.81
C6 NAG MB . -6.09 -40.32 10.36
C7 NAG MB . -7.26 -39.85 16.80
C8 NAG MB . -6.93 -39.30 18.15
N2 NAG MB . -6.23 -39.98 15.97
O3 NAG MB . -4.92 -42.20 14.73
O4 NAG MB . -4.23 -41.84 11.98
O5 NAG MB . -6.96 -39.44 12.40
O6 NAG MB . -7.22 -41.20 10.27
O7 NAG MB . -8.39 -40.17 16.48
#